data_2JQ6
#
_entry.id   2JQ6
#
loop_
_entity.id
_entity.type
_entity.pdbx_description
1 polymer 'EH domain-containing protein 1'
2 non-polymer 'CALCIUM ION'
#
_entity_poly.entity_id   1
_entity_poly.type   'polypeptide(L)'
_entity_poly.pdbx_seq_one_letter_code
;GPLGSESLMPSQVVKGGAFDGTMNGPFGHGYGEGAGEGIDDVEWVVGKDKPTYDEIFYTLSPVNGKITGANAKKEMVKSK
LPNTVLGKIWKLADVDKDGLLDDEEFALANHLIKVKLEGHELPADLPPHLVPPSKRRHE
;
_entity_poly.pdbx_strand_id   A
#
# COMPACT_ATOMS: atom_id res chain seq x y z
N GLY A 1 4.56 -60.46 -29.16
CA GLY A 1 3.58 -59.42 -29.56
C GLY A 1 2.18 -59.72 -29.07
N PRO A 2 1.16 -59.36 -29.85
CA PRO A 2 -0.24 -59.51 -29.46
C PRO A 2 -0.82 -60.88 -29.82
N LEU A 3 0.04 -61.77 -30.29
CA LEU A 3 -0.37 -63.12 -30.60
C LEU A 3 0.19 -64.06 -29.54
N GLY A 4 -0.68 -64.82 -28.90
CA GLY A 4 -0.26 -65.72 -27.84
C GLY A 4 -0.26 -65.01 -26.49
N SER A 5 -0.66 -63.75 -26.53
CA SER A 5 -0.80 -62.93 -25.33
C SER A 5 -1.61 -61.69 -25.68
N GLU A 6 -2.60 -61.40 -24.86
CA GLU A 6 -3.47 -60.27 -25.13
C GLU A 6 -2.78 -58.96 -24.78
N SER A 7 -2.60 -58.14 -25.80
CA SER A 7 -2.00 -56.83 -25.62
C SER A 7 -3.08 -55.84 -25.22
N LEU A 8 -3.17 -55.57 -23.93
CA LEU A 8 -4.18 -54.67 -23.41
C LEU A 8 -3.66 -53.24 -23.41
N MET A 9 -4.53 -52.30 -23.76
CA MET A 9 -4.19 -50.89 -23.73
C MET A 9 -4.11 -50.42 -22.28
N PRO A 10 -3.17 -49.51 -21.96
CA PRO A 10 -2.98 -48.98 -20.60
C PRO A 10 -4.30 -48.54 -19.97
N SER A 11 -5.10 -47.80 -20.73
CA SER A 11 -6.43 -47.42 -20.29
C SER A 11 -7.45 -48.17 -21.13
N GLN A 12 -8.17 -49.07 -20.50
CA GLN A 12 -9.15 -49.88 -21.21
C GLN A 12 -10.45 -49.10 -21.40
N VAL A 13 -10.60 -48.51 -22.58
CA VAL A 13 -11.81 -47.76 -22.91
C VAL A 13 -12.60 -48.48 -23.99
N VAL A 14 -13.92 -48.46 -23.85
CA VAL A 14 -14.78 -49.15 -24.79
C VAL A 14 -15.50 -48.14 -25.70
N LYS A 15 -15.20 -48.20 -26.99
CA LYS A 15 -15.86 -47.36 -27.96
C LYS A 15 -16.92 -48.16 -28.73
N GLY A 16 -18.11 -48.22 -28.16
CA GLY A 16 -19.18 -49.03 -28.73
C GLY A 16 -19.74 -48.42 -29.99
N GLY A 17 -19.52 -49.10 -31.12
CA GLY A 17 -20.05 -48.66 -32.39
C GLY A 17 -19.18 -47.59 -33.03
N ALA A 18 -18.10 -47.23 -32.37
CA ALA A 18 -17.23 -46.18 -32.84
C ALA A 18 -15.95 -46.76 -33.43
N PHE A 19 -15.91 -46.86 -34.75
CA PHE A 19 -14.69 -47.25 -35.43
C PHE A 19 -13.75 -46.06 -35.52
N ASP A 20 -12.72 -46.08 -34.67
CA ASP A 20 -11.86 -44.92 -34.47
C ASP A 20 -10.69 -44.92 -35.44
N GLY A 21 -10.54 -43.83 -36.17
CA GLY A 21 -9.42 -43.68 -37.07
C GLY A 21 -8.63 -42.42 -36.78
N THR A 22 -7.98 -42.40 -35.63
CA THR A 22 -7.15 -41.27 -35.24
C THR A 22 -5.89 -41.21 -36.11
N MET A 23 -5.81 -40.17 -36.94
CA MET A 23 -4.64 -39.95 -37.75
C MET A 23 -3.52 -39.38 -36.89
N ASN A 24 -2.58 -40.22 -36.52
CA ASN A 24 -1.49 -39.82 -35.62
C ASN A 24 -0.39 -39.10 -36.39
N GLY A 25 0.39 -38.30 -35.67
CA GLY A 25 1.50 -37.58 -36.26
C GLY A 25 1.43 -36.06 -36.11
N PRO A 26 0.23 -35.42 -36.12
CA PRO A 26 0.13 -34.00 -35.81
C PRO A 26 0.01 -33.76 -34.31
N PHE A 27 0.79 -32.82 -33.80
CA PHE A 27 0.77 -32.50 -32.37
C PHE A 27 0.56 -31.01 -32.14
N GLY A 28 -0.38 -30.69 -31.27
CA GLY A 28 -0.68 -29.30 -30.96
C GLY A 28 -1.83 -29.16 -30.00
N HIS A 29 -1.90 -28.04 -29.30
CA HIS A 29 -2.99 -27.79 -28.35
C HIS A 29 -3.03 -26.32 -27.97
N GLY A 30 -4.18 -25.69 -28.19
CA GLY A 30 -4.33 -24.29 -27.84
C GLY A 30 -5.77 -23.93 -27.54
N TYR A 31 -6.01 -23.50 -26.31
CA TYR A 31 -7.35 -23.12 -25.89
C TYR A 31 -7.52 -21.60 -26.01
N GLY A 32 -8.75 -21.13 -25.84
CA GLY A 32 -9.03 -19.71 -25.93
C GLY A 32 -8.59 -18.97 -24.69
N GLU A 33 -7.35 -18.48 -24.72
CA GLU A 33 -6.77 -17.78 -23.58
C GLU A 33 -7.31 -16.36 -23.49
N GLY A 34 -7.72 -15.97 -22.28
CA GLY A 34 -8.23 -14.62 -22.08
C GLY A 34 -7.11 -13.61 -21.97
N ALA A 35 -6.83 -12.93 -23.07
CA ALA A 35 -5.76 -11.96 -23.11
C ALA A 35 -6.18 -10.65 -22.46
N GLY A 36 -5.47 -10.28 -21.40
CA GLY A 36 -5.73 -9.03 -20.73
C GLY A 36 -4.68 -8.00 -21.02
N GLU A 37 -5.00 -7.07 -21.93
CA GLU A 37 -4.05 -6.04 -22.31
C GLU A 37 -4.14 -4.84 -21.37
N GLY A 38 -3.37 -3.79 -21.66
CA GLY A 38 -3.39 -2.62 -20.82
C GLY A 38 -4.55 -1.72 -21.14
N ILE A 39 -5.73 -2.18 -20.76
CA ILE A 39 -6.93 -1.35 -20.80
C ILE A 39 -6.77 -0.24 -19.77
N ASP A 40 -7.44 0.87 -19.97
CA ASP A 40 -7.26 2.00 -19.06
C ASP A 40 -7.99 1.76 -17.75
N ASP A 41 -7.44 0.86 -16.96
CA ASP A 41 -7.96 0.57 -15.64
C ASP A 41 -6.87 0.67 -14.59
N VAL A 42 -6.76 1.81 -13.95
CA VAL A 42 -5.79 2.01 -12.89
C VAL A 42 -6.50 2.19 -11.54
N GLU A 43 -6.66 1.08 -10.84
CA GLU A 43 -7.32 1.10 -9.55
C GLU A 43 -6.65 0.12 -8.58
N TRP A 44 -5.83 0.66 -7.70
CA TRP A 44 -5.22 -0.12 -6.65
C TRP A 44 -6.28 -0.42 -5.59
N VAL A 45 -6.20 -1.65 -5.09
CA VAL A 45 -7.14 -2.20 -4.13
C VAL A 45 -7.34 -1.31 -2.88
N VAL A 46 -6.49 -0.32 -2.68
CA VAL A 46 -6.63 0.56 -1.53
C VAL A 46 -7.69 1.63 -1.76
N GLY A 47 -7.97 1.96 -3.01
CA GLY A 47 -8.99 2.96 -3.30
C GLY A 47 -10.36 2.58 -2.75
N LYS A 48 -10.50 1.32 -2.37
CA LYS A 48 -11.76 0.80 -1.85
C LYS A 48 -11.69 0.45 -0.37
N ASP A 49 -10.53 0.63 0.24
CA ASP A 49 -10.38 0.34 1.68
C ASP A 49 -9.64 1.47 2.39
N LYS A 50 -9.31 2.51 1.63
CA LYS A 50 -8.66 3.70 2.15
C LYS A 50 -9.45 4.29 3.32
N PRO A 51 -10.80 4.45 3.19
CA PRO A 51 -11.66 4.92 4.29
C PRO A 51 -11.33 4.30 5.64
N THR A 52 -10.88 3.05 5.64
CA THR A 52 -10.57 2.34 6.87
C THR A 52 -9.26 2.88 7.46
N TYR A 53 -8.26 2.97 6.61
CA TYR A 53 -6.93 3.38 7.05
C TYR A 53 -6.90 4.87 7.29
N ASP A 54 -7.79 5.55 6.61
CA ASP A 54 -7.85 7.01 6.65
C ASP A 54 -8.63 7.45 7.87
N GLU A 55 -9.61 6.66 8.27
CA GLU A 55 -10.35 6.94 9.48
C GLU A 55 -9.45 6.71 10.68
N ILE A 56 -8.62 5.67 10.64
CA ILE A 56 -7.66 5.43 11.70
C ILE A 56 -6.59 6.52 11.65
N PHE A 57 -6.31 6.99 10.45
CA PHE A 57 -5.37 8.08 10.21
C PHE A 57 -5.77 9.32 11.01
N TYR A 58 -7.03 9.75 10.87
CA TYR A 58 -7.53 10.89 11.63
C TYR A 58 -7.80 10.50 13.08
N THR A 59 -8.00 9.20 13.31
CA THR A 59 -8.22 8.68 14.65
C THR A 59 -6.94 8.75 15.48
N LEU A 60 -5.79 8.60 14.84
CA LEU A 60 -4.51 8.72 15.51
C LEU A 60 -4.10 10.18 15.60
N SER A 61 -4.86 11.04 14.92
CA SER A 61 -4.65 12.49 14.91
C SER A 61 -3.42 12.86 14.09
N PRO A 62 -3.64 13.25 12.83
CA PRO A 62 -2.57 13.66 11.93
C PRO A 62 -2.22 15.13 12.12
N VAL A 63 -1.14 15.55 11.47
CA VAL A 63 -0.68 16.92 11.53
C VAL A 63 -0.31 17.39 10.12
N ASN A 64 -1.06 18.37 9.62
CA ASN A 64 -0.76 19.00 8.32
C ASN A 64 -1.03 18.05 7.16
N GLY A 65 -1.89 17.07 7.39
CA GLY A 65 -2.33 16.19 6.32
C GLY A 65 -1.50 14.94 6.21
N LYS A 66 -0.90 14.54 7.32
CA LYS A 66 -0.13 13.31 7.39
C LYS A 66 0.18 13.02 8.85
N ILE A 67 0.39 11.76 9.19
CA ILE A 67 0.75 11.42 10.55
C ILE A 67 2.24 11.51 10.74
N THR A 68 2.63 12.08 11.86
CA THR A 68 4.00 12.04 12.26
C THR A 68 4.38 10.57 12.42
N GLY A 69 5.49 10.17 11.84
CA GLY A 69 5.84 8.77 11.80
C GLY A 69 5.79 8.09 13.16
N ALA A 70 5.97 8.87 14.23
CA ALA A 70 5.81 8.36 15.59
C ALA A 70 4.53 7.55 15.75
N ASN A 71 3.38 8.16 15.41
CA ASN A 71 2.09 7.50 15.62
C ASN A 71 1.90 6.37 14.61
N ALA A 72 2.53 6.50 13.46
CA ALA A 72 2.48 5.47 12.44
C ALA A 72 3.25 4.25 12.92
N LYS A 73 4.34 4.51 13.61
CA LYS A 73 5.15 3.45 14.18
C LYS A 73 4.38 2.76 15.30
N LYS A 74 3.63 3.53 16.08
CA LYS A 74 2.78 2.98 17.11
C LYS A 74 1.82 1.98 16.50
N GLU A 75 1.17 2.43 15.45
CA GLU A 75 0.18 1.64 14.72
C GLU A 75 0.76 0.31 14.23
N MET A 76 1.88 0.38 13.54
CA MET A 76 2.52 -0.83 13.01
C MET A 76 3.20 -1.64 14.12
N VAL A 77 3.52 -1.00 15.24
CA VAL A 77 4.06 -1.70 16.41
C VAL A 77 2.97 -2.54 17.08
N LYS A 78 1.79 -1.95 17.26
CA LYS A 78 0.68 -2.65 17.90
C LYS A 78 0.14 -3.73 16.97
N SER A 79 0.53 -3.64 15.70
CA SER A 79 0.25 -4.69 14.71
C SER A 79 0.95 -6.00 15.08
N LYS A 80 1.72 -5.99 16.18
CA LYS A 80 2.32 -7.19 16.77
C LYS A 80 3.45 -7.73 15.91
N LEU A 81 4.56 -7.02 15.90
CA LEU A 81 5.69 -7.41 15.08
C LEU A 81 7.02 -7.14 15.78
N PRO A 82 8.08 -7.78 15.30
CA PRO A 82 9.44 -7.44 15.66
C PRO A 82 9.93 -6.29 14.79
N ASN A 83 11.06 -5.70 15.14
CA ASN A 83 11.62 -4.57 14.39
C ASN A 83 12.00 -4.98 12.97
N THR A 84 12.13 -6.27 12.75
CA THR A 84 12.42 -6.82 11.43
C THR A 84 11.27 -6.53 10.46
N VAL A 85 10.13 -7.18 10.70
CA VAL A 85 8.93 -7.01 9.88
C VAL A 85 8.48 -5.56 9.90
N LEU A 86 8.47 -4.99 11.09
CA LEU A 86 8.08 -3.60 11.28
C LEU A 86 8.90 -2.65 10.42
N GLY A 87 10.21 -2.79 10.50
CA GLY A 87 11.10 -1.94 9.75
C GLY A 87 10.86 -2.04 8.27
N LYS A 88 10.68 -3.26 7.77
CA LYS A 88 10.48 -3.42 6.35
C LYS A 88 9.04 -3.11 5.93
N ILE A 89 8.12 -3.07 6.89
CA ILE A 89 6.76 -2.62 6.59
C ILE A 89 6.79 -1.12 6.37
N TRP A 90 7.48 -0.42 7.27
CA TRP A 90 7.65 1.02 7.14
C TRP A 90 8.29 1.38 5.79
N LYS A 91 9.43 0.76 5.49
CA LYS A 91 10.19 1.10 4.30
C LYS A 91 9.52 0.58 3.03
N LEU A 92 8.55 -0.31 3.17
CA LEU A 92 7.81 -0.78 2.01
C LEU A 92 6.54 0.05 1.81
N ALA A 93 6.05 0.67 2.89
CA ALA A 93 4.84 1.48 2.82
C ALA A 93 5.16 2.93 2.47
N ASP A 94 6.21 3.47 3.08
CA ASP A 94 6.61 4.85 2.81
C ASP A 94 7.65 4.88 1.70
N VAL A 95 7.21 5.31 0.53
CA VAL A 95 8.07 5.31 -0.64
C VAL A 95 9.10 6.42 -0.55
N ASP A 96 8.76 7.47 0.16
CA ASP A 96 9.68 8.59 0.31
C ASP A 96 10.59 8.35 1.50
N LYS A 97 10.09 7.57 2.45
CA LYS A 97 10.79 7.25 3.67
C LYS A 97 11.07 8.54 4.45
N ASP A 98 9.98 9.23 4.77
CA ASP A 98 10.02 10.58 5.30
C ASP A 98 10.24 10.58 6.80
N GLY A 99 9.66 9.57 7.45
CA GLY A 99 9.53 9.63 8.89
C GLY A 99 8.13 10.09 9.25
N LEU A 100 7.25 10.02 8.25
CA LEU A 100 5.84 10.32 8.41
C LEU A 100 5.06 9.55 7.36
N LEU A 101 3.72 9.64 7.37
CA LEU A 101 2.89 8.87 6.48
C LEU A 101 1.63 9.66 6.25
N ASP A 102 1.34 10.01 5.03
CA ASP A 102 0.14 10.77 4.78
C ASP A 102 -1.07 9.84 4.73
N ASP A 103 -2.24 10.37 4.42
CA ASP A 103 -3.48 9.58 4.46
C ASP A 103 -3.40 8.35 3.55
N GLU A 104 -2.67 8.48 2.44
CA GLU A 104 -2.53 7.37 1.51
C GLU A 104 -1.36 6.49 1.92
N GLU A 105 -0.39 7.09 2.58
CA GLU A 105 0.76 6.36 3.05
C GLU A 105 0.40 5.51 4.27
N PHE A 106 -0.60 5.96 5.03
CA PHE A 106 -1.20 5.14 6.07
C PHE A 106 -2.04 4.09 5.39
N ALA A 107 -2.68 4.47 4.28
CA ALA A 107 -3.49 3.53 3.53
C ALA A 107 -2.66 2.33 3.11
N LEU A 108 -1.46 2.59 2.62
CA LEU A 108 -0.54 1.53 2.22
C LEU A 108 0.01 0.84 3.48
N ALA A 109 0.47 1.63 4.44
CA ALA A 109 1.03 1.09 5.69
C ALA A 109 0.12 0.02 6.27
N ASN A 110 -1.14 0.38 6.51
CA ASN A 110 -2.10 -0.51 7.11
C ASN A 110 -2.51 -1.60 6.13
N HIS A 111 -2.38 -1.32 4.83
CA HIS A 111 -2.78 -2.29 3.83
C HIS A 111 -1.81 -3.46 3.85
N LEU A 112 -0.52 -3.16 3.98
CA LEU A 112 0.50 -4.19 4.06
C LEU A 112 0.46 -4.85 5.44
N ILE A 113 -0.01 -4.12 6.45
CA ILE A 113 -0.25 -4.70 7.76
C ILE A 113 -1.29 -5.81 7.68
N LYS A 114 -2.39 -5.57 6.97
CA LYS A 114 -3.38 -6.62 6.79
C LYS A 114 -2.91 -7.67 5.77
N VAL A 115 -1.96 -7.29 4.90
CA VAL A 115 -1.34 -8.23 3.97
C VAL A 115 -0.48 -9.25 4.73
N LYS A 116 0.30 -8.78 5.70
CA LYS A 116 1.06 -9.70 6.53
C LYS A 116 0.10 -10.49 7.42
N LEU A 117 -1.03 -9.88 7.73
CA LEU A 117 -2.04 -10.49 8.57
C LEU A 117 -2.72 -11.64 7.84
N GLU A 118 -2.67 -11.59 6.52
CA GLU A 118 -3.18 -12.66 5.67
C GLU A 118 -2.47 -13.98 5.96
N GLY A 119 -1.36 -13.92 6.68
CA GLY A 119 -0.63 -15.10 7.04
C GLY A 119 0.66 -15.22 6.28
N HIS A 120 1.02 -14.15 5.57
CA HIS A 120 2.25 -14.13 4.82
C HIS A 120 2.94 -12.77 4.97
N GLU A 121 4.24 -12.81 5.20
CA GLU A 121 5.02 -11.58 5.37
C GLU A 121 5.18 -10.83 4.05
N LEU A 122 5.58 -9.57 4.15
CA LEU A 122 5.81 -8.75 2.98
C LEU A 122 7.10 -9.16 2.28
N PRO A 123 7.08 -9.24 0.94
CA PRO A 123 8.19 -9.77 0.15
C PRO A 123 9.20 -8.70 -0.26
N ALA A 124 9.11 -7.54 0.36
CA ALA A 124 10.03 -6.43 0.08
C ALA A 124 9.91 -5.96 -1.37
N ASP A 125 8.76 -6.24 -1.99
CA ASP A 125 8.49 -5.78 -3.34
C ASP A 125 7.37 -4.75 -3.31
N LEU A 126 7.51 -3.73 -4.13
CA LEU A 126 6.49 -2.69 -4.21
C LEU A 126 5.98 -2.61 -5.64
N PRO A 127 4.75 -3.09 -5.88
CA PRO A 127 4.17 -3.16 -7.22
C PRO A 127 3.55 -1.83 -7.64
N PRO A 128 3.58 -1.52 -8.95
CA PRO A 128 3.00 -0.28 -9.49
C PRO A 128 1.49 -0.20 -9.29
N HIS A 129 0.88 -1.33 -8.94
CA HIS A 129 -0.55 -1.35 -8.65
C HIS A 129 -0.78 -1.29 -7.14
N LEU A 130 0.19 -0.74 -6.42
CA LEU A 130 0.05 -0.57 -4.97
C LEU A 130 0.85 0.66 -4.51
N VAL A 131 1.26 1.47 -5.45
CA VAL A 131 1.97 2.70 -5.11
C VAL A 131 0.97 3.84 -4.99
N PRO A 132 1.01 4.58 -3.87
CA PRO A 132 0.12 5.72 -3.64
C PRO A 132 0.21 6.72 -4.80
N PRO A 133 -0.89 7.42 -5.11
CA PRO A 133 -0.98 8.38 -6.24
C PRO A 133 0.28 9.24 -6.42
N SER A 134 0.78 9.80 -5.33
CA SER A 134 1.94 10.71 -5.37
C SER A 134 3.19 10.02 -5.96
N LYS A 135 3.24 8.70 -5.88
CA LYS A 135 4.44 7.96 -6.28
C LYS A 135 4.14 6.97 -7.39
N ARG A 136 3.22 7.35 -8.28
CA ARG A 136 2.88 6.57 -9.46
C ARG A 136 4.04 6.59 -10.47
N ARG A 137 5.07 5.78 -10.20
CA ARG A 137 6.29 5.81 -11.01
C ARG A 137 7.13 4.56 -10.81
N HIS A 138 7.60 4.01 -11.92
CA HIS A 138 8.52 2.86 -11.87
C HIS A 138 9.93 3.33 -12.22
N GLU A 139 10.78 3.40 -11.22
CA GLU A 139 12.15 3.85 -11.41
C GLU A 139 13.11 2.77 -10.99
N GLY A 1 2.93 -46.34 -8.01
CA GLY A 1 2.87 -45.29 -9.05
C GLY A 1 1.92 -44.15 -8.68
N PRO A 2 0.59 -44.39 -8.73
CA PRO A 2 -0.41 -43.35 -8.45
C PRO A 2 -0.31 -42.75 -7.05
N LEU A 3 -0.26 -43.62 -6.05
CA LEU A 3 -0.20 -43.17 -4.66
C LEU A 3 1.11 -42.43 -4.41
N GLY A 4 1.05 -41.39 -3.58
CA GLY A 4 2.18 -40.53 -3.37
C GLY A 4 1.92 -39.18 -3.99
N SER A 5 1.09 -39.18 -5.03
CA SER A 5 0.68 -37.95 -5.69
C SER A 5 -0.59 -37.40 -5.03
N GLU A 6 -0.48 -36.23 -4.42
CA GLU A 6 -1.61 -35.65 -3.72
C GLU A 6 -2.45 -34.76 -4.64
N SER A 7 -3.75 -34.97 -4.64
CA SER A 7 -4.66 -34.14 -5.40
C SER A 7 -5.09 -32.97 -4.55
N LEU A 8 -4.63 -31.78 -4.92
CA LEU A 8 -4.90 -30.57 -4.15
C LEU A 8 -6.06 -29.78 -4.75
N MET A 9 -7.20 -29.82 -4.08
CA MET A 9 -8.37 -29.04 -4.50
C MET A 9 -8.42 -27.72 -3.74
N PRO A 10 -8.30 -26.60 -4.46
CA PRO A 10 -8.27 -25.27 -3.86
C PRO A 10 -9.57 -24.92 -3.13
N SER A 11 -10.68 -25.44 -3.63
CA SER A 11 -11.98 -25.14 -3.05
C SER A 11 -12.64 -26.40 -2.52
N GLN A 12 -12.48 -26.65 -1.23
CA GLN A 12 -13.10 -27.78 -0.57
C GLN A 12 -13.60 -27.34 0.82
N VAL A 13 -14.86 -26.94 0.88
CA VAL A 13 -15.42 -26.39 2.10
C VAL A 13 -16.03 -27.50 2.95
N VAL A 14 -15.33 -27.87 4.02
CA VAL A 14 -15.77 -28.96 4.87
C VAL A 14 -16.16 -28.46 6.26
N LYS A 15 -17.46 -28.49 6.54
CA LYS A 15 -17.98 -28.22 7.87
C LYS A 15 -18.88 -29.38 8.29
N GLY A 16 -18.44 -30.12 9.29
CA GLY A 16 -19.17 -31.30 9.71
C GLY A 16 -20.17 -31.01 10.80
N GLY A 17 -21.43 -30.98 10.44
CA GLY A 17 -22.50 -30.75 11.40
C GLY A 17 -22.62 -29.30 11.80
N ALA A 18 -21.87 -28.43 11.13
CA ALA A 18 -21.86 -27.02 11.46
C ALA A 18 -22.95 -26.27 10.71
N PHE A 19 -24.01 -25.91 11.42
CA PHE A 19 -25.12 -25.18 10.83
C PHE A 19 -24.79 -23.70 10.75
N ASP A 20 -25.22 -23.05 9.67
CA ASP A 20 -24.92 -21.65 9.45
C ASP A 20 -26.22 -20.85 9.30
N GLY A 21 -26.19 -19.60 9.72
CA GLY A 21 -27.40 -18.79 9.72
C GLY A 21 -27.52 -17.94 8.48
N THR A 22 -28.55 -18.21 7.67
CA THR A 22 -28.79 -17.47 6.46
C THR A 22 -29.67 -16.24 6.73
N MET A 23 -29.08 -15.06 6.60
CA MET A 23 -29.79 -13.81 6.87
C MET A 23 -30.92 -13.57 5.90
N ASN A 24 -32.09 -13.24 6.44
CA ASN A 24 -33.23 -12.87 5.61
C ASN A 24 -33.65 -11.44 5.95
N GLY A 25 -34.00 -10.68 4.92
CA GLY A 25 -34.38 -9.30 5.12
C GLY A 25 -33.50 -8.29 4.36
N PRO A 26 -32.18 -8.55 4.15
CA PRO A 26 -31.38 -7.74 3.25
C PRO A 26 -31.77 -7.98 1.79
N PHE A 27 -32.11 -6.91 1.09
CA PHE A 27 -32.45 -7.00 -0.32
C PHE A 27 -31.26 -6.59 -1.18
N GLY A 28 -30.69 -7.56 -1.87
CA GLY A 28 -29.56 -7.27 -2.72
C GLY A 28 -29.97 -6.62 -4.02
N HIS A 29 -29.07 -5.85 -4.61
CA HIS A 29 -29.33 -5.22 -5.89
C HIS A 29 -29.05 -6.20 -7.02
N GLY A 30 -30.03 -6.40 -7.88
CA GLY A 30 -29.88 -7.37 -8.93
C GLY A 30 -30.68 -7.01 -10.17
N TYR A 31 -29.99 -6.87 -11.28
CA TYR A 31 -30.62 -6.63 -12.56
C TYR A 31 -30.04 -7.59 -13.59
N GLY A 32 -30.67 -7.67 -14.76
CA GLY A 32 -30.16 -8.51 -15.83
C GLY A 32 -28.82 -8.02 -16.32
N GLU A 33 -27.75 -8.58 -15.77
CA GLU A 33 -26.41 -8.16 -16.11
C GLU A 33 -25.81 -9.04 -17.19
N GLY A 34 -24.74 -8.55 -17.79
CA GLY A 34 -23.98 -9.35 -18.73
C GLY A 34 -22.60 -9.61 -18.20
N ALA A 35 -22.37 -10.84 -17.72
CA ALA A 35 -21.10 -11.24 -17.12
C ALA A 35 -19.89 -10.66 -17.84
N GLY A 36 -19.14 -9.84 -17.12
CA GLY A 36 -17.98 -9.20 -17.69
C GLY A 36 -16.72 -9.95 -17.39
N GLU A 37 -15.84 -10.04 -18.36
CA GLU A 37 -14.59 -10.75 -18.20
C GLU A 37 -13.47 -9.78 -17.80
N GLY A 38 -12.23 -10.27 -17.73
CA GLY A 38 -11.15 -9.47 -17.19
C GLY A 38 -10.67 -8.41 -18.14
N ILE A 39 -11.48 -7.39 -18.32
CA ILE A 39 -11.08 -6.20 -19.02
C ILE A 39 -9.86 -5.60 -18.33
N ASP A 40 -8.95 -5.01 -19.09
CA ASP A 40 -7.68 -4.56 -18.54
C ASP A 40 -7.87 -3.28 -17.75
N ASP A 41 -8.34 -3.43 -16.52
CA ASP A 41 -8.42 -2.30 -15.60
C ASP A 41 -7.63 -2.62 -14.34
N VAL A 42 -6.49 -1.97 -14.19
CA VAL A 42 -5.65 -2.16 -13.02
C VAL A 42 -6.23 -1.40 -11.83
N GLU A 43 -6.29 -2.08 -10.70
CA GLU A 43 -6.92 -1.55 -9.51
C GLU A 43 -6.19 -2.03 -8.28
N TRP A 44 -5.76 -1.09 -7.46
CA TRP A 44 -5.15 -1.42 -6.20
C TRP A 44 -6.21 -1.52 -5.13
N VAL A 45 -6.07 -2.55 -4.31
CA VAL A 45 -7.05 -2.91 -3.30
C VAL A 45 -7.22 -1.80 -2.24
N VAL A 46 -6.36 -0.80 -2.25
CA VAL A 46 -6.44 0.26 -1.26
C VAL A 46 -7.35 1.39 -1.74
N GLY A 47 -7.69 1.39 -3.01
CA GLY A 47 -8.60 2.40 -3.49
C GLY A 47 -10.01 2.19 -2.98
N LYS A 48 -10.24 1.00 -2.42
CA LYS A 48 -11.55 0.63 -1.91
C LYS A 48 -11.58 0.53 -0.39
N ASP A 49 -10.45 0.20 0.21
CA ASP A 49 -10.40 0.01 1.66
C ASP A 49 -9.64 1.16 2.31
N LYS A 50 -9.35 2.17 1.51
CA LYS A 50 -8.63 3.36 1.96
C LYS A 50 -9.34 4.05 3.12
N PRO A 51 -10.68 4.27 3.05
CA PRO A 51 -11.44 4.94 4.12
C PRO A 51 -11.16 4.32 5.49
N THR A 52 -10.82 3.04 5.52
CA THR A 52 -10.51 2.35 6.76
C THR A 52 -9.17 2.83 7.30
N TYR A 53 -8.22 2.96 6.40
CA TYR A 53 -6.87 3.34 6.77
C TYR A 53 -6.81 4.85 6.99
N ASP A 54 -7.73 5.56 6.35
CA ASP A 54 -7.83 7.01 6.48
C ASP A 54 -8.59 7.39 7.76
N GLU A 55 -9.57 6.59 8.13
CA GLU A 55 -10.30 6.83 9.37
C GLU A 55 -9.38 6.64 10.55
N ILE A 56 -8.53 5.62 10.51
CA ILE A 56 -7.54 5.45 11.55
C ILE A 56 -6.49 6.56 11.46
N PHE A 57 -6.28 7.04 10.24
CA PHE A 57 -5.33 8.13 9.96
C PHE A 57 -5.70 9.40 10.75
N TYR A 58 -6.91 9.90 10.54
CA TYR A 58 -7.37 11.10 11.25
C TYR A 58 -7.52 10.83 12.74
N THR A 59 -7.70 9.57 13.08
CA THR A 59 -7.83 9.16 14.46
C THR A 59 -6.49 9.26 15.20
N LEU A 60 -5.39 9.18 14.46
CA LEU A 60 -4.05 9.28 15.06
C LEU A 60 -3.59 10.73 15.14
N SER A 61 -4.45 11.65 14.75
CA SER A 61 -4.16 13.08 14.79
C SER A 61 -3.04 13.44 13.81
N PRO A 62 -3.39 13.61 12.52
CA PRO A 62 -2.43 13.97 11.49
C PRO A 62 -2.13 15.46 11.44
N VAL A 63 -0.95 15.80 10.96
CA VAL A 63 -0.55 17.19 10.78
C VAL A 63 -0.21 17.44 9.31
N ASN A 64 -0.84 18.46 8.75
CA ASN A 64 -0.61 18.86 7.35
C ASN A 64 -0.94 17.75 6.37
N GLY A 65 -1.80 16.83 6.80
CA GLY A 65 -2.23 15.76 5.93
C GLY A 65 -1.34 14.53 6.00
N LYS A 66 -0.67 14.35 7.13
CA LYS A 66 0.12 13.14 7.39
C LYS A 66 0.34 12.98 8.88
N ILE A 67 0.44 11.74 9.30
CA ILE A 67 0.68 11.46 10.70
C ILE A 67 2.18 11.47 10.97
N THR A 68 2.58 12.18 12.02
CA THR A 68 3.96 12.18 12.45
C THR A 68 4.37 10.76 12.80
N GLY A 69 5.26 10.21 11.97
CA GLY A 69 5.47 8.77 11.87
C GLY A 69 5.49 7.99 13.17
N ALA A 70 5.85 8.62 14.27
CA ALA A 70 5.82 7.97 15.59
C ALA A 70 4.45 7.30 15.86
N ASN A 71 3.38 7.86 15.30
CA ASN A 71 2.03 7.32 15.49
C ASN A 71 1.75 6.13 14.57
N ALA A 72 2.25 6.22 13.34
CA ALA A 72 2.10 5.12 12.39
C ALA A 72 2.97 3.96 12.85
N LYS A 73 4.10 4.31 13.43
CA LYS A 73 4.99 3.31 14.02
C LYS A 73 4.26 2.64 15.18
N LYS A 74 3.52 3.44 15.93
CA LYS A 74 2.72 2.97 17.04
C LYS A 74 1.79 1.87 16.56
N GLU A 75 1.10 2.16 15.47
CA GLU A 75 0.14 1.23 14.88
C GLU A 75 0.80 -0.08 14.45
N MET A 76 1.87 0.01 13.66
CA MET A 76 2.55 -1.17 13.17
C MET A 76 3.26 -1.93 14.31
N VAL A 77 3.61 -1.22 15.38
CA VAL A 77 4.19 -1.86 16.56
C VAL A 77 3.12 -2.65 17.33
N LYS A 78 1.99 -1.99 17.59
CA LYS A 78 0.91 -2.61 18.36
C LYS A 78 0.28 -3.76 17.58
N SER A 79 0.63 -3.84 16.29
CA SER A 79 0.21 -4.95 15.45
C SER A 79 0.91 -6.24 15.91
N LYS A 80 1.89 -6.09 16.82
CA LYS A 80 2.61 -7.21 17.42
C LYS A 80 3.58 -7.84 16.43
N LEU A 81 4.67 -7.13 16.16
CA LEU A 81 5.66 -7.57 15.18
C LEU A 81 7.07 -7.36 15.71
N PRO A 82 8.05 -8.03 15.08
CA PRO A 82 9.47 -7.72 15.30
C PRO A 82 9.91 -6.50 14.50
N ASN A 83 11.09 -5.99 14.79
CA ASN A 83 11.60 -4.79 14.12
C ASN A 83 11.81 -5.01 12.64
N THR A 84 12.07 -6.25 12.26
CA THR A 84 12.30 -6.59 10.87
C THR A 84 11.06 -6.30 10.02
N VAL A 85 9.92 -6.80 10.48
CA VAL A 85 8.66 -6.56 9.80
C VAL A 85 8.29 -5.08 9.89
N LEU A 86 8.46 -4.51 11.08
CA LEU A 86 8.29 -3.07 11.28
C LEU A 86 9.05 -2.28 10.22
N GLY A 87 10.34 -2.61 10.10
CA GLY A 87 11.21 -1.90 9.20
C GLY A 87 10.76 -1.97 7.76
N LYS A 88 10.39 -3.16 7.30
CA LYS A 88 10.04 -3.32 5.90
C LYS A 88 8.60 -2.91 5.62
N ILE A 89 7.74 -2.92 6.63
CA ILE A 89 6.41 -2.37 6.46
C ILE A 89 6.51 -0.87 6.25
N TRP A 90 7.34 -0.23 7.07
CA TRP A 90 7.57 1.20 6.94
C TRP A 90 8.20 1.55 5.60
N LYS A 91 9.32 0.92 5.29
CA LYS A 91 10.09 1.27 4.10
C LYS A 91 9.38 0.82 2.83
N LEU A 92 8.33 0.01 2.96
CA LEU A 92 7.51 -0.34 1.82
C LEU A 92 6.35 0.65 1.70
N ALA A 93 5.84 1.12 2.84
CA ALA A 93 4.73 2.07 2.83
C ALA A 93 5.19 3.50 2.61
N ASP A 94 6.26 3.89 3.30
CA ASP A 94 6.81 5.22 3.15
C ASP A 94 7.89 5.19 2.08
N VAL A 95 7.44 5.15 0.84
CA VAL A 95 8.34 5.13 -0.31
C VAL A 95 9.12 6.43 -0.38
N ASP A 96 8.52 7.46 0.19
CA ASP A 96 9.10 8.79 0.22
C ASP A 96 10.15 8.88 1.32
N LYS A 97 10.00 8.03 2.34
CA LYS A 97 10.96 7.89 3.43
C LYS A 97 11.24 9.22 4.11
N ASP A 98 10.27 9.65 4.88
CA ASP A 98 10.25 10.98 5.44
C ASP A 98 10.16 10.99 6.97
N GLY A 99 9.63 9.92 7.55
CA GLY A 99 9.47 9.87 8.99
C GLY A 99 8.04 10.20 9.40
N LEU A 100 7.13 10.13 8.44
CA LEU A 100 5.71 10.31 8.67
C LEU A 100 4.95 9.52 7.62
N LEU A 101 3.63 9.65 7.59
CA LEU A 101 2.82 8.91 6.61
C LEU A 101 1.58 9.71 6.29
N ASP A 102 1.40 10.07 5.03
CA ASP A 102 0.21 10.80 4.63
C ASP A 102 -0.99 9.85 4.61
N ASP A 103 -2.14 10.34 4.17
CA ASP A 103 -3.37 9.55 4.15
C ASP A 103 -3.21 8.30 3.26
N GLU A 104 -2.45 8.43 2.20
CA GLU A 104 -2.17 7.29 1.31
C GLU A 104 -1.02 6.45 1.85
N GLU A 105 -0.02 7.10 2.43
CA GLU A 105 1.10 6.38 3.03
C GLU A 105 0.63 5.49 4.18
N PHE A 106 -0.32 5.99 4.96
CA PHE A 106 -0.96 5.19 6.00
C PHE A 106 -1.81 4.12 5.33
N ALA A 107 -2.48 4.51 4.27
CA ALA A 107 -3.35 3.61 3.53
C ALA A 107 -2.64 2.29 3.21
N LEU A 108 -1.44 2.34 2.66
CA LEU A 108 -0.75 1.10 2.35
C LEU A 108 -0.01 0.55 3.55
N ALA A 109 0.51 1.43 4.40
CA ALA A 109 1.07 1.00 5.70
C ALA A 109 0.13 0.01 6.41
N ASN A 110 -1.13 0.43 6.58
CA ASN A 110 -2.11 -0.37 7.31
C ASN A 110 -2.61 -1.53 6.46
N HIS A 111 -2.68 -1.29 5.15
CA HIS A 111 -3.12 -2.33 4.22
C HIS A 111 -2.08 -3.45 4.19
N LEU A 112 -0.83 -3.08 4.32
CA LEU A 112 0.26 -4.05 4.38
C LEU A 112 0.23 -4.78 5.71
N ILE A 113 -0.22 -4.08 6.76
CA ILE A 113 -0.48 -4.70 8.06
C ILE A 113 -1.55 -5.78 7.94
N LYS A 114 -2.60 -5.50 7.18
CA LYS A 114 -3.64 -6.50 6.93
C LYS A 114 -3.08 -7.63 6.04
N VAL A 115 -2.20 -7.27 5.11
CA VAL A 115 -1.55 -8.24 4.23
C VAL A 115 -0.75 -9.28 5.02
N LYS A 116 0.07 -8.83 5.95
CA LYS A 116 0.84 -9.76 6.78
C LYS A 116 -0.10 -10.53 7.72
N LEU A 117 -1.22 -9.90 8.07
CA LEU A 117 -2.19 -10.49 8.99
C LEU A 117 -2.92 -11.65 8.33
N GLU A 118 -2.90 -11.67 7.00
CA GLU A 118 -3.53 -12.75 6.23
C GLU A 118 -2.73 -14.05 6.36
N GLY A 119 -1.53 -13.96 6.95
CA GLY A 119 -0.75 -15.15 7.19
C GLY A 119 0.52 -15.20 6.37
N HIS A 120 0.76 -14.18 5.57
CA HIS A 120 1.97 -14.12 4.78
C HIS A 120 2.66 -12.78 4.98
N GLU A 121 3.97 -12.81 5.19
CA GLU A 121 4.74 -11.60 5.42
C GLU A 121 4.88 -10.79 4.13
N LEU A 122 5.27 -9.53 4.27
CA LEU A 122 5.46 -8.66 3.14
C LEU A 122 6.67 -9.11 2.31
N PRO A 123 6.56 -9.02 0.99
CA PRO A 123 7.57 -9.51 0.06
C PRO A 123 8.60 -8.45 -0.30
N ALA A 124 8.34 -7.23 0.14
CA ALA A 124 9.20 -6.08 -0.15
C ALA A 124 9.27 -5.81 -1.64
N ASP A 125 8.15 -5.99 -2.31
CA ASP A 125 8.03 -5.57 -3.69
C ASP A 125 7.07 -4.41 -3.78
N LEU A 126 7.47 -3.42 -4.55
CA LEU A 126 6.64 -2.24 -4.78
C LEU A 126 6.24 -2.16 -6.25
N PRO A 127 5.10 -2.74 -6.59
CA PRO A 127 4.63 -2.84 -7.95
C PRO A 127 3.61 -1.75 -8.32
N PRO A 128 3.25 -1.66 -9.61
CA PRO A 128 2.25 -0.70 -10.10
C PRO A 128 0.91 -0.81 -9.37
N HIS A 129 0.59 -2.02 -8.90
CA HIS A 129 -0.68 -2.24 -8.22
C HIS A 129 -0.61 -1.90 -6.73
N LEU A 130 0.35 -1.05 -6.34
CA LEU A 130 0.41 -0.47 -4.99
C LEU A 130 1.05 0.91 -5.01
N VAL A 131 1.12 1.54 -6.18
CA VAL A 131 1.78 2.83 -6.28
C VAL A 131 0.97 3.93 -5.59
N PRO A 132 1.49 4.48 -4.48
CA PRO A 132 0.82 5.54 -3.74
C PRO A 132 0.73 6.83 -4.54
N PRO A 133 -0.49 7.34 -4.74
CA PRO A 133 -0.73 8.59 -5.48
C PRO A 133 -0.21 9.82 -4.75
N SER A 134 0.42 9.60 -3.59
CA SER A 134 1.01 10.69 -2.83
C SER A 134 2.50 10.81 -3.10
N LYS A 135 3.16 9.69 -3.41
CA LYS A 135 4.61 9.72 -3.60
C LYS A 135 4.99 9.97 -5.05
N ARG A 136 3.98 10.17 -5.90
CA ARG A 136 4.24 10.59 -7.28
C ARG A 136 4.73 12.03 -7.28
N ARG A 137 6.01 12.20 -7.05
CA ARG A 137 6.61 13.53 -6.95
C ARG A 137 8.04 13.49 -7.46
N HIS A 138 8.37 14.46 -8.31
CA HIS A 138 9.71 14.56 -8.85
C HIS A 138 10.17 16.02 -8.77
N GLU A 139 10.98 16.33 -7.77
CA GLU A 139 11.42 17.70 -7.55
C GLU A 139 12.63 18.01 -8.42
N GLY A 1 19.77 -13.81 13.38
CA GLY A 1 20.32 -15.09 13.87
C GLY A 1 19.76 -16.27 13.11
N PRO A 2 19.64 -17.44 13.75
CA PRO A 2 19.12 -18.66 13.12
C PRO A 2 17.60 -18.61 12.89
N LEU A 3 16.92 -17.73 13.60
CA LEU A 3 15.48 -17.56 13.43
C LEU A 3 15.20 -16.24 12.73
N GLY A 4 14.30 -16.27 11.75
CA GLY A 4 14.06 -15.10 10.94
C GLY A 4 14.91 -15.14 9.68
N SER A 5 15.17 -16.35 9.23
CA SER A 5 16.03 -16.58 8.08
C SER A 5 15.25 -16.41 6.78
N GLU A 6 15.82 -15.63 5.87
CA GLU A 6 15.23 -15.39 4.58
C GLU A 6 15.79 -16.35 3.54
N SER A 7 14.90 -16.97 2.78
CA SER A 7 15.29 -17.92 1.76
C SER A 7 15.73 -17.19 0.50
N LEU A 8 17.03 -17.05 0.33
CA LEU A 8 17.58 -16.37 -0.84
C LEU A 8 17.68 -17.35 -2.01
N MET A 9 16.68 -17.34 -2.86
CA MET A 9 16.65 -18.22 -4.02
C MET A 9 17.45 -17.64 -5.16
N PRO A 10 18.30 -18.47 -5.80
CA PRO A 10 19.10 -18.06 -6.96
C PRO A 10 18.21 -17.68 -8.14
N SER A 11 17.03 -18.27 -8.20
CA SER A 11 16.08 -18.01 -9.25
C SER A 11 15.26 -16.76 -8.93
N GLN A 12 15.75 -15.61 -9.37
CA GLN A 12 15.05 -14.35 -9.21
C GLN A 12 14.87 -13.67 -10.56
N VAL A 13 13.82 -14.07 -11.26
CA VAL A 13 13.58 -13.58 -12.62
C VAL A 13 12.82 -12.26 -12.59
N VAL A 14 13.33 -11.28 -13.32
CA VAL A 14 12.69 -9.97 -13.40
C VAL A 14 12.35 -9.64 -14.86
N LYS A 15 11.14 -9.15 -15.07
CA LYS A 15 10.71 -8.76 -16.41
C LYS A 15 10.45 -7.27 -16.49
N GLY A 16 11.51 -6.51 -16.75
CA GLY A 16 11.37 -5.07 -16.84
C GLY A 16 10.79 -4.64 -18.17
N GLY A 17 9.53 -4.23 -18.15
CA GLY A 17 8.87 -3.83 -19.37
C GLY A 17 8.51 -5.00 -20.26
N ALA A 18 8.35 -6.16 -19.64
CA ALA A 18 7.98 -7.37 -20.35
C ALA A 18 6.75 -8.01 -19.72
N PHE A 19 5.62 -7.91 -20.39
CA PHE A 19 4.37 -8.44 -19.88
C PHE A 19 3.82 -9.51 -20.81
N ASP A 20 3.94 -10.76 -20.41
CA ASP A 20 3.36 -11.86 -21.17
C ASP A 20 1.86 -11.90 -20.96
N GLY A 21 1.14 -11.20 -21.82
CA GLY A 21 -0.30 -11.17 -21.73
C GLY A 21 -0.94 -12.29 -22.52
N THR A 22 -0.78 -13.50 -22.03
CA THR A 22 -1.38 -14.65 -22.67
C THR A 22 -2.87 -14.74 -22.33
N MET A 23 -3.70 -14.28 -23.24
CA MET A 23 -5.14 -14.27 -23.02
C MET A 23 -5.87 -14.60 -24.31
N ASN A 24 -6.88 -15.44 -24.20
CA ASN A 24 -7.69 -15.83 -25.35
C ASN A 24 -9.07 -15.21 -25.23
N GLY A 25 -9.79 -15.15 -26.35
CA GLY A 25 -11.09 -14.52 -26.37
C GLY A 25 -11.19 -13.35 -27.35
N PRO A 26 -10.12 -12.56 -27.58
CA PRO A 26 -10.09 -11.60 -28.68
C PRO A 26 -9.73 -12.26 -30.01
N PHE A 27 -9.89 -13.57 -30.06
CA PHE A 27 -9.59 -14.34 -31.25
C PHE A 27 -10.83 -14.46 -32.12
N GLY A 28 -10.78 -13.84 -33.28
CA GLY A 28 -11.90 -13.87 -34.19
C GLY A 28 -11.63 -13.02 -35.41
N HIS A 29 -12.60 -12.95 -36.31
CA HIS A 29 -12.45 -12.15 -37.51
C HIS A 29 -13.17 -10.82 -37.33
N GLY A 30 -12.42 -9.74 -37.50
CA GLY A 30 -12.96 -8.42 -37.24
C GLY A 30 -11.87 -7.37 -37.29
N TYR A 31 -12.21 -6.13 -36.92
CA TYR A 31 -11.23 -5.05 -36.93
C TYR A 31 -10.23 -5.23 -35.79
N GLY A 32 -8.95 -5.20 -36.13
CA GLY A 32 -7.90 -5.33 -35.14
C GLY A 32 -7.74 -4.06 -34.32
N GLU A 33 -7.18 -4.20 -33.13
CA GLU A 33 -7.01 -3.08 -32.22
C GLU A 33 -5.94 -2.12 -32.74
N GLY A 34 -6.25 -0.83 -32.69
CA GLY A 34 -5.28 0.19 -33.05
C GLY A 34 -4.24 0.35 -31.97
N ALA A 35 -2.99 0.57 -32.35
CA ALA A 35 -1.87 0.66 -31.40
C ALA A 35 -2.18 1.61 -30.25
N GLY A 36 -2.00 1.10 -29.03
CA GLY A 36 -2.27 1.89 -27.85
C GLY A 36 -1.01 2.14 -27.06
N GLU A 37 -0.88 3.34 -26.54
CA GLU A 37 0.29 3.72 -25.78
C GLU A 37 0.13 3.33 -24.32
N GLY A 38 1.25 3.12 -23.64
CA GLY A 38 1.21 2.73 -22.25
C GLY A 38 0.89 3.90 -21.36
N ILE A 39 -0.35 4.34 -21.43
CA ILE A 39 -0.86 5.33 -20.52
C ILE A 39 -0.82 4.77 -19.10
N ASP A 40 -0.72 5.66 -18.11
CA ASP A 40 -0.50 5.22 -16.75
C ASP A 40 -1.77 4.65 -16.13
N ASP A 41 -2.08 3.41 -16.51
CA ASP A 41 -3.21 2.68 -15.94
C ASP A 41 -2.97 2.43 -14.46
N VAL A 42 -3.68 3.17 -13.63
CA VAL A 42 -3.50 3.10 -12.19
C VAL A 42 -4.78 2.64 -11.49
N GLU A 43 -4.72 1.43 -10.93
CA GLU A 43 -5.81 0.92 -10.11
C GLU A 43 -5.26 0.02 -9.01
N TRP A 44 -5.30 0.51 -7.79
CA TRP A 44 -4.86 -0.26 -6.64
C TRP A 44 -6.03 -0.50 -5.69
N VAL A 45 -6.05 -1.70 -5.17
CA VAL A 45 -7.11 -2.18 -4.29
C VAL A 45 -7.35 -1.25 -3.09
N VAL A 46 -6.32 -0.49 -2.68
CA VAL A 46 -6.45 0.34 -1.47
C VAL A 46 -7.54 1.42 -1.62
N GLY A 47 -8.00 1.64 -2.84
CA GLY A 47 -9.09 2.57 -3.04
C GLY A 47 -10.39 2.04 -2.45
N LYS A 48 -10.36 0.82 -1.92
CA LYS A 48 -11.55 0.21 -1.35
C LYS A 48 -11.50 0.19 0.18
N ASP A 49 -10.29 0.15 0.73
CA ASP A 49 -10.11 0.02 2.18
C ASP A 49 -9.46 1.27 2.76
N LYS A 50 -9.21 2.25 1.89
CA LYS A 50 -8.64 3.53 2.27
C LYS A 50 -9.49 4.25 3.32
N PRO A 51 -10.84 4.32 3.16
CA PRO A 51 -11.72 5.01 4.12
C PRO A 51 -11.42 4.65 5.58
N THR A 52 -11.02 3.41 5.81
CA THR A 52 -10.74 2.94 7.16
C THR A 52 -9.38 3.44 7.65
N TYR A 53 -8.43 3.52 6.74
CA TYR A 53 -7.09 3.94 7.11
C TYR A 53 -7.02 5.45 7.19
N ASP A 54 -7.91 6.09 6.47
CA ASP A 54 -8.05 7.54 6.50
C ASP A 54 -8.74 7.98 7.78
N GLU A 55 -9.74 7.21 8.21
CA GLU A 55 -10.44 7.52 9.44
C GLU A 55 -9.53 7.31 10.65
N ILE A 56 -8.71 6.26 10.62
CA ILE A 56 -7.74 6.06 11.68
C ILE A 56 -6.64 7.11 11.58
N PHE A 57 -6.39 7.57 10.36
CA PHE A 57 -5.42 8.62 10.09
C PHE A 57 -5.76 9.89 10.87
N TYR A 58 -6.99 10.38 10.71
CA TYR A 58 -7.42 11.57 11.44
C TYR A 58 -7.63 11.24 12.92
N THR A 59 -7.85 9.97 13.20
CA THR A 59 -8.00 9.50 14.56
C THR A 59 -6.65 9.51 15.30
N LEU A 60 -5.57 9.32 14.55
CA LEU A 60 -4.23 9.33 15.11
C LEU A 60 -3.68 10.75 15.20
N SER A 61 -4.51 11.70 14.78
CA SER A 61 -4.17 13.13 14.82
C SER A 61 -3.04 13.47 13.85
N PRO A 62 -3.37 13.78 12.59
CA PRO A 62 -2.38 14.15 11.59
C PRO A 62 -2.03 15.64 11.63
N VAL A 63 -0.87 15.97 11.06
CA VAL A 63 -0.43 17.34 10.98
C VAL A 63 0.25 17.59 9.64
N ASN A 64 -0.11 18.71 9.01
CA ASN A 64 0.40 19.09 7.70
C ASN A 64 -0.03 18.07 6.66
N GLY A 65 -1.09 17.34 7.00
CA GLY A 65 -1.68 16.41 6.08
C GLY A 65 -1.14 14.98 6.21
N LYS A 66 -0.20 14.76 7.15
CA LYS A 66 0.32 13.41 7.37
C LYS A 66 0.39 13.11 8.85
N ILE A 67 0.53 11.84 9.20
CA ILE A 67 0.81 11.46 10.57
C ILE A 67 2.29 11.41 10.80
N THR A 68 2.73 11.98 11.91
CA THR A 68 4.10 11.83 12.33
C THR A 68 4.38 10.35 12.51
N GLY A 69 5.43 9.88 11.86
CA GLY A 69 5.65 8.46 11.71
C GLY A 69 5.55 7.67 13.00
N ALA A 70 5.92 8.27 14.12
CA ALA A 70 5.84 7.61 15.43
C ALA A 70 4.45 7.00 15.69
N ASN A 71 3.41 7.64 15.16
CA ASN A 71 2.03 7.18 15.40
C ASN A 71 1.72 5.99 14.51
N ALA A 72 2.21 6.05 13.28
CA ALA A 72 2.00 4.98 12.34
C ALA A 72 2.84 3.77 12.76
N LYS A 73 4.00 4.07 13.33
CA LYS A 73 4.86 3.04 13.88
C LYS A 73 4.15 2.39 15.06
N LYS A 74 3.45 3.23 15.81
CA LYS A 74 2.65 2.77 16.94
C LYS A 74 1.64 1.73 16.49
N GLU A 75 0.99 2.00 15.37
CA GLU A 75 0.01 1.08 14.79
C GLU A 75 0.65 -0.24 14.36
N MET A 76 1.70 -0.16 13.57
CA MET A 76 2.38 -1.36 13.11
C MET A 76 3.05 -2.09 14.28
N VAL A 77 3.30 -1.36 15.35
CA VAL A 77 3.78 -1.96 16.60
C VAL A 77 2.69 -2.82 17.26
N LYS A 78 1.46 -2.31 17.34
CA LYS A 78 0.40 -3.04 18.01
C LYS A 78 -0.01 -4.25 17.18
N SER A 79 0.40 -4.22 15.91
CA SER A 79 0.17 -5.34 15.00
C SER A 79 0.94 -6.60 15.44
N LYS A 80 1.78 -6.45 16.47
CA LYS A 80 2.50 -7.58 17.04
C LYS A 80 3.52 -8.13 16.06
N LEU A 81 4.54 -7.34 15.78
CA LEU A 81 5.56 -7.71 14.81
C LEU A 81 6.95 -7.55 15.40
N PRO A 82 7.93 -8.26 14.84
CA PRO A 82 9.33 -8.04 15.15
C PRO A 82 9.81 -6.74 14.49
N ASN A 83 10.94 -6.24 14.96
CA ASN A 83 11.46 -4.95 14.49
C ASN A 83 11.81 -4.99 13.00
N THR A 84 12.13 -6.18 12.51
CA THR A 84 12.45 -6.36 11.10
C THR A 84 11.21 -6.13 10.23
N VAL A 85 10.10 -6.73 10.64
CA VAL A 85 8.83 -6.54 9.96
C VAL A 85 8.35 -5.11 10.11
N LEU A 86 8.48 -4.56 11.33
CA LEU A 86 8.23 -3.15 11.58
C LEU A 86 8.96 -2.28 10.56
N GLY A 87 10.27 -2.50 10.48
CA GLY A 87 11.11 -1.72 9.59
C GLY A 87 10.67 -1.79 8.14
N LYS A 88 10.49 -2.99 7.61
CA LYS A 88 10.21 -3.11 6.19
C LYS A 88 8.74 -2.87 5.87
N ILE A 89 7.85 -2.95 6.87
CA ILE A 89 6.47 -2.52 6.65
C ILE A 89 6.46 -1.01 6.50
N TRP A 90 7.13 -0.34 7.43
CA TRP A 90 7.27 1.11 7.34
C TRP A 90 7.83 1.54 5.99
N LYS A 91 8.98 0.98 5.65
CA LYS A 91 9.72 1.36 4.46
C LYS A 91 8.96 1.06 3.19
N LEU A 92 8.15 0.02 3.22
CA LEU A 92 7.40 -0.38 2.04
C LEU A 92 6.12 0.43 1.96
N ALA A 93 5.79 1.13 3.05
CA ALA A 93 4.59 1.95 3.08
C ALA A 93 4.92 3.42 2.89
N ASP A 94 5.97 3.88 3.56
CA ASP A 94 6.44 5.25 3.42
C ASP A 94 7.26 5.38 2.16
N VAL A 95 6.64 5.85 1.10
CA VAL A 95 7.27 5.91 -0.19
C VAL A 95 8.33 6.99 -0.21
N ASP A 96 8.12 8.02 0.60
CA ASP A 96 9.11 9.08 0.72
C ASP A 96 10.23 8.62 1.64
N LYS A 97 9.90 7.70 2.54
CA LYS A 97 10.82 7.25 3.58
C LYS A 97 11.29 8.46 4.39
N ASP A 98 10.32 9.30 4.71
CA ASP A 98 10.59 10.63 5.22
C ASP A 98 10.25 10.75 6.71
N GLY A 99 9.78 9.67 7.30
CA GLY A 99 9.53 9.67 8.74
C GLY A 99 8.10 10.04 9.07
N LEU A 100 7.26 10.09 8.06
CA LEU A 100 5.84 10.34 8.25
C LEU A 100 5.04 9.71 7.12
N LEU A 101 3.79 9.44 7.42
CA LEU A 101 2.90 8.82 6.46
C LEU A 101 1.70 9.72 6.24
N ASP A 102 1.50 10.16 5.01
CA ASP A 102 0.30 10.94 4.69
C ASP A 102 -0.92 10.02 4.72
N ASP A 103 -2.10 10.56 4.42
CA ASP A 103 -3.34 9.77 4.44
C ASP A 103 -3.26 8.56 3.52
N GLU A 104 -2.55 8.72 2.42
CA GLU A 104 -2.42 7.68 1.42
C GLU A 104 -1.31 6.72 1.83
N GLU A 105 -0.30 7.25 2.50
CA GLU A 105 0.79 6.46 3.01
C GLU A 105 0.36 5.62 4.21
N PHE A 106 -0.60 6.13 4.98
CA PHE A 106 -1.22 5.33 6.04
C PHE A 106 -2.03 4.23 5.39
N ALA A 107 -2.78 4.60 4.36
CA ALA A 107 -3.55 3.64 3.59
C ALA A 107 -2.69 2.42 3.23
N LEU A 108 -1.49 2.68 2.74
CA LEU A 108 -0.57 1.62 2.39
C LEU A 108 -0.08 0.90 3.64
N ALA A 109 0.33 1.68 4.65
CA ALA A 109 0.85 1.12 5.90
C ALA A 109 -0.07 0.05 6.46
N ASN A 110 -1.33 0.41 6.64
CA ASN A 110 -2.31 -0.48 7.22
C ASN A 110 -2.65 -1.59 6.22
N HIS A 111 -2.49 -1.30 4.93
CA HIS A 111 -2.77 -2.30 3.90
C HIS A 111 -1.72 -3.40 3.95
N LEU A 112 -0.47 -3.02 4.17
CA LEU A 112 0.61 -3.98 4.29
C LEU A 112 0.46 -4.80 5.56
N ILE A 113 0.01 -4.15 6.62
CA ILE A 113 -0.27 -4.82 7.87
C ILE A 113 -1.28 -5.95 7.66
N LYS A 114 -2.38 -5.65 6.98
CA LYS A 114 -3.37 -6.68 6.70
C LYS A 114 -2.83 -7.70 5.68
N VAL A 115 -1.93 -7.24 4.82
CA VAL A 115 -1.28 -8.12 3.84
C VAL A 115 -0.46 -9.19 4.55
N LYS A 116 0.31 -8.82 5.56
CA LYS A 116 1.07 -9.81 6.30
C LYS A 116 0.22 -10.47 7.37
N LEU A 117 -1.02 -10.01 7.50
CA LEU A 117 -2.00 -10.68 8.34
C LEU A 117 -2.65 -11.83 7.56
N GLU A 118 -2.61 -11.72 6.23
CA GLU A 118 -3.14 -12.77 5.36
C GLU A 118 -2.33 -14.06 5.48
N GLY A 119 -1.16 -13.97 6.08
CA GLY A 119 -0.37 -15.16 6.34
C GLY A 119 0.90 -15.19 5.52
N HIS A 120 1.21 -14.10 4.85
CA HIS A 120 2.44 -14.01 4.09
C HIS A 120 3.15 -12.70 4.39
N GLU A 121 4.46 -12.76 4.49
CA GLU A 121 5.26 -11.58 4.76
C GLU A 121 5.43 -10.74 3.49
N LEU A 122 5.88 -9.50 3.68
CA LEU A 122 6.09 -8.59 2.56
C LEU A 122 7.31 -9.04 1.74
N PRO A 123 7.23 -8.92 0.40
CA PRO A 123 8.30 -9.36 -0.49
C PRO A 123 9.30 -8.26 -0.82
N ALA A 124 9.24 -7.17 -0.05
CA ALA A 124 10.11 -6.03 -0.25
C ALA A 124 9.94 -5.42 -1.65
N ASP A 125 8.80 -5.70 -2.26
CA ASP A 125 8.48 -5.17 -3.58
C ASP A 125 7.33 -4.18 -3.45
N LEU A 126 7.41 -3.09 -4.20
CA LEU A 126 6.35 -2.10 -4.21
C LEU A 126 5.81 -1.99 -5.63
N PRO A 127 4.76 -2.75 -5.95
CA PRO A 127 4.22 -2.82 -7.31
C PRO A 127 3.46 -1.56 -7.70
N PRO A 128 3.39 -1.26 -9.01
CA PRO A 128 2.71 -0.07 -9.53
C PRO A 128 1.20 -0.14 -9.34
N HIS A 129 0.72 -1.28 -8.89
CA HIS A 129 -0.69 -1.45 -8.55
C HIS A 129 -0.86 -1.47 -7.05
N LEU A 130 0.18 -1.05 -6.35
CA LEU A 130 0.11 -0.78 -4.90
C LEU A 130 0.80 0.53 -4.58
N VAL A 131 1.41 1.14 -5.58
CA VAL A 131 1.99 2.45 -5.41
C VAL A 131 0.89 3.46 -5.15
N PRO A 132 0.94 4.14 -3.99
CA PRO A 132 0.01 5.20 -3.68
C PRO A 132 0.01 6.21 -4.82
N PRO A 133 -1.16 6.47 -5.43
CA PRO A 133 -1.28 7.29 -6.63
C PRO A 133 -0.55 8.64 -6.53
N SER A 134 -0.50 9.21 -5.33
CA SER A 134 0.10 10.52 -5.14
C SER A 134 1.63 10.44 -5.07
N LYS A 135 2.18 9.22 -5.13
CA LYS A 135 3.62 9.04 -5.11
C LYS A 135 4.15 8.76 -6.50
N ARG A 136 3.26 8.84 -7.49
CA ARG A 136 3.64 8.70 -8.89
C ARG A 136 4.32 9.97 -9.40
N ARG A 137 5.65 9.93 -9.47
CA ARG A 137 6.42 11.01 -10.10
C ARG A 137 7.67 10.45 -10.76
N HIS A 138 7.80 10.68 -12.05
CA HIS A 138 8.96 10.23 -12.79
C HIS A 138 9.97 11.37 -12.95
N GLU A 139 11.10 11.25 -12.26
CA GLU A 139 12.18 12.23 -12.41
C GLU A 139 13.15 11.75 -13.49
N GLY A 1 -33.49 14.81 -12.73
CA GLY A 1 -34.12 13.75 -11.92
C GLY A 1 -33.44 12.41 -12.10
N PRO A 2 -34.04 11.32 -11.61
CA PRO A 2 -33.46 9.97 -11.71
C PRO A 2 -33.38 9.49 -13.16
N LEU A 3 -34.22 10.06 -14.01
CA LEU A 3 -34.20 9.72 -15.43
C LEU A 3 -33.11 10.52 -16.12
N GLY A 4 -32.34 9.84 -16.96
CA GLY A 4 -31.22 10.48 -17.61
C GLY A 4 -30.05 10.65 -16.66
N SER A 5 -29.94 9.74 -15.70
CA SER A 5 -28.86 9.80 -14.72
C SER A 5 -27.55 9.31 -15.33
N GLU A 6 -26.44 9.65 -14.68
CA GLU A 6 -25.11 9.28 -15.16
C GLU A 6 -24.99 7.79 -15.37
N SER A 7 -24.74 7.39 -16.61
CA SER A 7 -24.67 5.99 -16.96
C SER A 7 -23.24 5.61 -17.33
N LEU A 8 -22.67 4.69 -16.58
CA LEU A 8 -21.32 4.19 -16.86
C LEU A 8 -21.41 2.85 -17.58
N MET A 9 -20.47 2.62 -18.50
CA MET A 9 -20.43 1.36 -19.25
C MET A 9 -19.99 0.21 -18.35
N PRO A 10 -20.40 -1.03 -18.69
CA PRO A 10 -20.08 -2.23 -17.90
C PRO A 10 -18.58 -2.46 -17.75
N SER A 11 -18.21 -3.27 -16.78
CA SER A 11 -16.82 -3.57 -16.51
C SER A 11 -16.45 -4.92 -17.13
N GLN A 12 -15.74 -4.88 -18.25
CA GLN A 12 -15.32 -6.10 -18.93
C GLN A 12 -14.18 -6.77 -18.19
N VAL A 13 -13.85 -7.99 -18.62
CA VAL A 13 -12.79 -8.76 -18.00
C VAL A 13 -11.43 -8.28 -18.50
N VAL A 14 -10.63 -7.75 -17.58
CA VAL A 14 -9.32 -7.23 -17.93
C VAL A 14 -8.22 -7.93 -17.12
N LYS A 15 -7.09 -8.19 -17.77
CA LYS A 15 -5.92 -8.74 -17.09
C LYS A 15 -4.66 -8.27 -17.78
N GLY A 16 -4.06 -7.22 -17.23
CA GLY A 16 -2.87 -6.64 -17.84
C GLY A 16 -1.62 -6.89 -17.01
N GLY A 17 -0.48 -7.05 -17.70
CA GLY A 17 0.77 -7.23 -17.01
C GLY A 17 1.08 -8.69 -16.75
N ALA A 18 0.26 -9.57 -17.29
CA ALA A 18 0.43 -11.01 -17.08
C ALA A 18 1.47 -11.59 -18.02
N PHE A 19 2.72 -11.59 -17.57
CA PHE A 19 3.80 -12.17 -18.35
C PHE A 19 4.47 -13.31 -17.58
N ASP A 20 4.49 -14.49 -18.19
CA ASP A 20 5.18 -15.62 -17.60
C ASP A 20 6.36 -16.03 -18.48
N GLY A 21 7.44 -16.45 -17.86
CA GLY A 21 8.62 -16.81 -18.61
C GLY A 21 8.70 -18.31 -18.83
N THR A 22 7.77 -18.84 -19.63
CA THR A 22 7.73 -20.26 -19.92
C THR A 22 7.95 -20.48 -21.41
N MET A 23 9.15 -20.91 -21.78
CA MET A 23 9.46 -21.13 -23.19
C MET A 23 10.15 -22.47 -23.41
N ASN A 24 9.41 -23.39 -24.02
CA ASN A 24 9.94 -24.71 -24.32
C ASN A 24 9.83 -24.98 -25.81
N GLY A 25 10.97 -25.09 -26.47
CA GLY A 25 10.99 -25.30 -27.90
C GLY A 25 11.69 -24.19 -28.71
N PRO A 26 11.65 -22.90 -28.29
CA PRO A 26 12.41 -21.85 -28.97
C PRO A 26 13.91 -21.93 -28.65
N PHE A 27 14.69 -22.37 -29.62
CA PHE A 27 16.14 -22.46 -29.46
C PHE A 27 16.79 -21.15 -29.83
N GLY A 28 16.26 -20.07 -29.28
CA GLY A 28 16.79 -18.74 -29.55
C GLY A 28 15.94 -17.66 -28.93
N HIS A 29 16.51 -16.89 -28.02
CA HIS A 29 15.79 -15.82 -27.39
C HIS A 29 16.23 -14.48 -27.95
N GLY A 30 15.29 -13.72 -28.48
CA GLY A 30 15.61 -12.42 -29.03
C GLY A 30 14.38 -11.70 -29.50
N TYR A 31 13.84 -10.85 -28.65
CA TYR A 31 12.65 -10.10 -28.98
C TYR A 31 12.82 -8.62 -28.70
N GLY A 32 12.25 -7.80 -29.57
CA GLY A 32 12.24 -6.37 -29.34
C GLY A 32 11.20 -5.99 -28.30
N GLU A 33 11.66 -5.80 -27.08
CA GLU A 33 10.77 -5.47 -25.99
C GLU A 33 10.28 -4.04 -26.14
N GLY A 34 8.97 -3.88 -26.28
CA GLY A 34 8.40 -2.57 -26.49
C GLY A 34 8.03 -1.89 -25.19
N ALA A 35 8.31 -0.59 -25.12
CA ALA A 35 7.96 0.20 -23.95
C ALA A 35 6.45 0.42 -23.89
N GLY A 36 5.90 0.33 -22.68
CA GLY A 36 4.47 0.52 -22.51
C GLY A 36 4.18 1.81 -21.80
N GLU A 37 3.22 2.56 -22.31
CA GLU A 37 2.81 3.81 -21.70
C GLU A 37 1.72 3.52 -20.66
N GLY A 38 1.34 4.55 -19.90
CA GLY A 38 0.39 4.37 -18.84
C GLY A 38 -1.02 4.30 -19.36
N ILE A 39 -1.44 3.11 -19.71
CA ILE A 39 -2.83 2.88 -20.00
C ILE A 39 -3.63 2.99 -18.71
N ASP A 40 -4.89 3.41 -18.81
CA ASP A 40 -5.69 3.60 -17.62
C ASP A 40 -6.18 2.27 -17.08
N ASP A 41 -5.25 1.53 -16.49
CA ASP A 41 -5.56 0.25 -15.85
C ASP A 41 -4.88 0.19 -14.49
N VAL A 42 -5.62 0.51 -13.45
CA VAL A 42 -5.05 0.56 -12.11
C VAL A 42 -5.81 -0.38 -11.17
N GLU A 43 -5.09 -1.35 -10.62
CA GLU A 43 -5.70 -2.31 -9.71
C GLU A 43 -5.03 -2.28 -8.34
N TRP A 44 -5.61 -1.52 -7.42
CA TRP A 44 -5.18 -1.57 -6.03
C TRP A 44 -6.38 -1.83 -5.13
N VAL A 45 -6.17 -2.71 -4.17
CA VAL A 45 -7.21 -3.08 -3.23
C VAL A 45 -7.39 -2.01 -2.14
N VAL A 46 -6.56 -0.98 -2.16
CA VAL A 46 -6.66 0.07 -1.14
C VAL A 46 -7.62 1.18 -1.55
N GLY A 47 -7.89 1.30 -2.84
CA GLY A 47 -8.83 2.31 -3.28
C GLY A 47 -10.24 2.03 -2.80
N LYS A 48 -10.44 0.82 -2.28
CA LYS A 48 -11.74 0.41 -1.76
C LYS A 48 -11.74 0.29 -0.24
N ASP A 49 -10.59 -0.01 0.33
CA ASP A 49 -10.49 -0.29 1.77
C ASP A 49 -9.80 0.86 2.49
N LYS A 50 -9.55 1.92 1.73
CA LYS A 50 -8.88 3.11 2.23
C LYS A 50 -9.64 3.79 3.36
N PRO A 51 -10.99 3.89 3.31
CA PRO A 51 -11.80 4.50 4.38
C PRO A 51 -11.39 4.01 5.77
N THR A 52 -10.92 2.77 5.85
CA THR A 52 -10.48 2.20 7.11
C THR A 52 -9.11 2.77 7.51
N TYR A 53 -8.24 2.91 6.52
CA TYR A 53 -6.89 3.32 6.81
C TYR A 53 -6.82 4.82 7.01
N ASP A 54 -7.73 5.53 6.36
CA ASP A 54 -7.76 6.98 6.47
C ASP A 54 -8.55 7.42 7.69
N GLU A 55 -9.52 6.58 8.11
CA GLU A 55 -10.23 6.84 9.36
C GLU A 55 -9.28 6.73 10.53
N ILE A 56 -8.43 5.70 10.52
CA ILE A 56 -7.43 5.56 11.56
C ILE A 56 -6.40 6.68 11.44
N PHE A 57 -6.15 7.09 10.20
CA PHE A 57 -5.26 8.22 9.89
C PHE A 57 -5.70 9.48 10.63
N TYR A 58 -6.96 9.86 10.48
CA TYR A 58 -7.50 11.02 11.17
C TYR A 58 -7.70 10.74 12.66
N THR A 59 -7.85 9.47 13.00
CA THR A 59 -8.03 9.06 14.38
C THR A 59 -6.76 9.31 15.19
N LEU A 60 -5.61 9.15 14.55
CA LEU A 60 -4.33 9.38 15.20
C LEU A 60 -3.92 10.85 15.14
N SER A 61 -4.74 11.65 14.45
CA SER A 61 -4.49 13.08 14.28
C SER A 61 -3.24 13.34 13.44
N PRO A 62 -3.44 13.55 12.12
CA PRO A 62 -2.36 13.85 11.20
C PRO A 62 -1.95 15.31 11.24
N VAL A 63 -0.65 15.57 11.19
CA VAL A 63 -0.12 16.91 11.20
C VAL A 63 0.25 17.36 9.78
N ASN A 64 -0.36 18.46 9.36
CA ASN A 64 -0.07 19.06 8.05
C ASN A 64 -0.44 18.10 6.91
N GLY A 65 -1.36 17.19 7.18
CA GLY A 65 -1.85 16.29 6.14
C GLY A 65 -1.10 14.97 6.09
N LYS A 66 -0.35 14.66 7.13
CA LYS A 66 0.33 13.36 7.25
C LYS A 66 0.58 13.04 8.70
N ILE A 67 0.63 11.76 9.03
CA ILE A 67 0.98 11.37 10.38
C ILE A 67 2.48 11.40 10.57
N THR A 68 2.89 11.94 11.71
CA THR A 68 4.25 11.81 12.14
C THR A 68 4.55 10.34 12.31
N GLY A 69 5.63 9.87 11.70
CA GLY A 69 5.89 8.46 11.60
C GLY A 69 5.77 7.72 12.93
N ALA A 70 6.06 8.41 14.02
CA ALA A 70 5.95 7.83 15.36
C ALA A 70 4.59 7.17 15.63
N ASN A 71 3.51 7.74 15.09
CA ASN A 71 2.18 7.21 15.35
C ASN A 71 1.88 6.04 14.43
N ALA A 72 2.41 6.10 13.23
CA ALA A 72 2.26 5.02 12.26
C ALA A 72 3.05 3.82 12.72
N LYS A 73 4.20 4.10 13.32
CA LYS A 73 5.02 3.06 13.91
C LYS A 73 4.29 2.45 15.09
N LYS A 74 3.59 3.30 15.83
CA LYS A 74 2.77 2.86 16.95
C LYS A 74 1.79 1.80 16.49
N GLU A 75 1.12 2.09 15.39
CA GLU A 75 0.12 1.19 14.83
C GLU A 75 0.73 -0.14 14.38
N MET A 76 1.77 -0.07 13.58
CA MET A 76 2.40 -1.29 13.08
C MET A 76 3.10 -2.06 14.21
N VAL A 77 3.46 -1.37 15.29
CA VAL A 77 4.00 -2.05 16.48
C VAL A 77 2.92 -2.82 17.22
N LYS A 78 1.78 -2.18 17.49
CA LYS A 78 0.69 -2.83 18.23
C LYS A 78 0.04 -3.92 17.36
N SER A 79 0.43 -3.95 16.09
CA SER A 79 0.03 -5.00 15.18
C SER A 79 0.76 -6.30 15.48
N LYS A 80 1.61 -6.27 16.52
CA LYS A 80 2.23 -7.47 17.07
C LYS A 80 3.31 -8.01 16.14
N LEU A 81 4.39 -7.25 16.00
CA LEU A 81 5.49 -7.63 15.12
C LEU A 81 6.84 -7.34 15.78
N PRO A 82 7.89 -8.00 15.29
CA PRO A 82 9.27 -7.65 15.61
C PRO A 82 9.74 -6.42 14.83
N ASN A 83 10.88 -5.88 15.21
CA ASN A 83 11.40 -4.65 14.60
C ASN A 83 11.73 -4.84 13.12
N THR A 84 12.06 -6.06 12.74
CA THR A 84 12.37 -6.39 11.35
C THR A 84 11.16 -6.13 10.45
N VAL A 85 10.02 -6.70 10.82
CA VAL A 85 8.78 -6.50 10.07
C VAL A 85 8.40 -5.02 10.12
N LEU A 86 8.55 -4.41 11.29
CA LEU A 86 8.34 -2.98 11.46
C LEU A 86 9.10 -2.19 10.41
N GLY A 87 10.38 -2.50 10.25
CA GLY A 87 11.23 -1.75 9.34
C GLY A 87 10.84 -1.93 7.90
N LYS A 88 10.58 -3.16 7.48
CA LYS A 88 10.29 -3.40 6.07
C LYS A 88 8.88 -2.96 5.71
N ILE A 89 7.95 -3.06 6.66
CA ILE A 89 6.61 -2.54 6.44
C ILE A 89 6.66 -1.04 6.28
N TRP A 90 7.40 -0.40 7.17
CA TRP A 90 7.60 1.03 7.11
C TRP A 90 8.09 1.46 5.74
N LYS A 91 9.21 0.88 5.32
CA LYS A 91 9.89 1.34 4.12
C LYS A 91 9.21 0.83 2.85
N LEU A 92 8.26 -0.07 3.02
CA LEU A 92 7.49 -0.55 1.88
C LEU A 92 6.29 0.35 1.65
N ALA A 93 5.86 1.04 2.69
CA ALA A 93 4.74 1.96 2.57
C ALA A 93 5.22 3.41 2.53
N ASP A 94 6.23 3.71 3.33
CA ASP A 94 6.83 5.03 3.36
C ASP A 94 7.86 5.14 2.24
N VAL A 95 7.37 5.36 1.03
CA VAL A 95 8.20 5.46 -0.18
C VAL A 95 9.19 6.61 -0.07
N ASP A 96 8.74 7.65 0.60
CA ASP A 96 9.46 8.90 0.74
C ASP A 96 10.56 8.79 1.79
N LYS A 97 10.37 7.86 2.71
CA LYS A 97 11.34 7.55 3.75
C LYS A 97 11.87 8.79 4.44
N ASP A 98 10.96 9.64 4.89
CA ASP A 98 11.31 10.85 5.60
C ASP A 98 10.89 10.75 7.06
N GLY A 99 10.11 9.72 7.38
CA GLY A 99 9.67 9.53 8.75
C GLY A 99 8.23 9.98 8.97
N LEU A 100 7.44 10.02 7.91
CA LEU A 100 6.02 10.32 8.03
C LEU A 100 5.22 9.69 6.88
N LEU A 101 3.89 9.69 7.02
CA LEU A 101 3.03 8.90 6.18
C LEU A 101 1.76 9.68 5.95
N ASP A 102 1.47 9.99 4.73
CA ASP A 102 0.28 10.76 4.43
C ASP A 102 -0.96 9.84 4.37
N ASP A 103 -2.09 10.40 3.97
CA ASP A 103 -3.38 9.71 3.98
C ASP A 103 -3.34 8.40 3.19
N GLU A 104 -2.61 8.37 2.08
CA GLU A 104 -2.50 7.16 1.28
C GLU A 104 -1.32 6.32 1.74
N GLU A 105 -0.36 6.98 2.38
CA GLU A 105 0.79 6.28 2.91
C GLU A 105 0.39 5.47 4.14
N PHE A 106 -0.61 5.95 4.87
CA PHE A 106 -1.23 5.18 5.94
C PHE A 106 -2.15 4.15 5.31
N ALA A 107 -2.77 4.54 4.20
CA ALA A 107 -3.60 3.61 3.44
C ALA A 107 -2.81 2.35 3.12
N LEU A 108 -1.61 2.54 2.61
CA LEU A 108 -0.73 1.42 2.31
C LEU A 108 -0.11 0.83 3.56
N ALA A 109 0.27 1.68 4.52
CA ALA A 109 0.83 1.22 5.78
C ALA A 109 -0.07 0.17 6.44
N ASN A 110 -1.33 0.53 6.66
CA ASN A 110 -2.28 -0.35 7.31
C ASN A 110 -2.70 -1.47 6.38
N HIS A 111 -2.58 -1.23 5.07
CA HIS A 111 -2.93 -2.26 4.10
C HIS A 111 -1.90 -3.37 4.14
N LEU A 112 -0.64 -2.97 4.22
CA LEU A 112 0.46 -3.91 4.29
C LEU A 112 0.41 -4.68 5.60
N ILE A 113 -0.08 -4.01 6.65
CA ILE A 113 -0.37 -4.66 7.92
C ILE A 113 -1.42 -5.77 7.73
N LYS A 114 -2.48 -5.46 6.99
CA LYS A 114 -3.48 -6.48 6.71
C LYS A 114 -2.88 -7.59 5.84
N VAL A 115 -2.04 -7.21 4.89
CA VAL A 115 -1.38 -8.18 4.00
C VAL A 115 -0.58 -9.21 4.79
N LYS A 116 0.19 -8.75 5.77
CA LYS A 116 0.98 -9.64 6.61
C LYS A 116 0.05 -10.51 7.47
N LEU A 117 -1.12 -9.96 7.78
CA LEU A 117 -2.09 -10.65 8.63
C LEU A 117 -2.90 -11.67 7.82
N GLU A 118 -2.86 -11.54 6.49
CA GLU A 118 -3.57 -12.47 5.62
C GLU A 118 -2.82 -13.79 5.53
N GLY A 119 -1.71 -13.89 6.24
CA GLY A 119 -1.02 -15.16 6.37
C GLY A 119 0.28 -15.20 5.61
N HIS A 120 0.67 -14.10 5.02
CA HIS A 120 1.92 -14.05 4.29
C HIS A 120 2.62 -12.73 4.54
N GLU A 121 3.92 -12.81 4.78
CA GLU A 121 4.74 -11.63 5.05
C GLU A 121 4.95 -10.82 3.77
N LEU A 122 5.38 -9.57 3.92
CA LEU A 122 5.67 -8.72 2.78
C LEU A 122 6.92 -9.22 2.05
N PRO A 123 6.87 -9.31 0.72
CA PRO A 123 7.95 -9.87 -0.07
C PRO A 123 8.93 -8.82 -0.57
N ALA A 124 8.87 -7.62 0.02
CA ALA A 124 9.74 -6.51 -0.36
C ALA A 124 9.53 -6.11 -1.81
N ASP A 125 8.38 -6.50 -2.35
CA ASP A 125 8.03 -6.19 -3.73
C ASP A 125 6.99 -5.08 -3.74
N LEU A 126 7.39 -3.92 -4.23
CA LEU A 126 6.49 -2.79 -4.34
C LEU A 126 6.23 -2.48 -5.81
N PRO A 127 5.08 -2.92 -6.34
CA PRO A 127 4.73 -2.71 -7.73
C PRO A 127 3.98 -1.40 -7.92
N PRO A 128 3.95 -0.87 -9.16
CA PRO A 128 3.24 0.39 -9.47
C PRO A 128 1.72 0.27 -9.36
N HIS A 129 1.25 -0.64 -8.50
CA HIS A 129 -0.18 -0.75 -8.22
C HIS A 129 -0.49 -0.05 -6.91
N LEU A 130 0.53 0.05 -6.05
CA LEU A 130 0.29 0.44 -4.67
C LEU A 130 1.19 1.60 -4.28
N VAL A 131 1.91 2.16 -5.22
CA VAL A 131 2.73 3.32 -4.91
C VAL A 131 1.80 4.52 -4.71
N PRO A 132 1.85 5.14 -3.52
CA PRO A 132 0.96 6.25 -3.18
C PRO A 132 0.89 7.33 -4.28
N PRO A 133 -0.24 8.07 -4.37
CA PRO A 133 -0.52 9.03 -5.46
C PRO A 133 0.66 9.92 -5.83
N SER A 134 1.21 10.64 -4.87
CA SER A 134 2.27 11.59 -5.12
C SER A 134 3.57 10.92 -5.56
N LYS A 135 3.60 9.58 -5.54
CA LYS A 135 4.84 8.86 -5.76
C LYS A 135 4.78 7.92 -6.97
N ARG A 136 3.73 8.04 -7.78
CA ARG A 136 3.60 7.20 -8.97
C ARG A 136 4.37 7.83 -10.14
N ARG A 137 5.69 7.76 -10.12
CA ARG A 137 6.50 8.32 -11.19
C ARG A 137 7.93 7.81 -11.14
N HIS A 138 8.48 7.58 -12.31
CA HIS A 138 9.90 7.32 -12.47
C HIS A 138 10.50 8.43 -13.34
N GLU A 139 11.36 9.24 -12.74
CA GLU A 139 11.82 10.48 -13.35
C GLU A 139 10.65 11.43 -13.56
N GLY A 1 -28.15 45.83 -13.63
CA GLY A 1 -27.12 46.76 -13.10
C GLY A 1 -26.19 46.06 -12.14
N PRO A 2 -24.86 46.29 -12.24
CA PRO A 2 -23.88 45.67 -11.36
C PRO A 2 -23.90 46.27 -9.96
N LEU A 3 -24.04 47.60 -9.90
CA LEU A 3 -24.04 48.30 -8.63
C LEU A 3 -25.34 48.05 -7.86
N GLY A 4 -25.21 47.74 -6.58
CA GLY A 4 -26.38 47.45 -5.77
C GLY A 4 -26.66 45.96 -5.69
N SER A 5 -25.86 45.18 -6.39
CA SER A 5 -26.02 43.73 -6.38
C SER A 5 -25.08 43.10 -5.37
N GLU A 6 -25.62 42.22 -4.53
CA GLU A 6 -24.80 41.45 -3.60
C GLU A 6 -24.12 40.32 -4.34
N SER A 7 -22.80 40.28 -4.28
CA SER A 7 -22.04 39.25 -4.95
C SER A 7 -22.08 37.95 -4.15
N LEU A 8 -22.79 36.96 -4.69
CA LEU A 8 -22.94 35.67 -4.03
C LEU A 8 -21.60 34.93 -4.00
N MET A 9 -21.25 34.41 -2.84
CA MET A 9 -20.02 33.67 -2.68
C MET A 9 -20.33 32.18 -2.48
N PRO A 10 -19.77 31.31 -3.32
CA PRO A 10 -19.98 29.86 -3.23
C PRO A 10 -19.54 29.30 -1.88
N SER A 11 -18.49 29.88 -1.31
CA SER A 11 -18.03 29.48 0.00
C SER A 11 -18.38 30.54 1.03
N GLN A 12 -19.56 30.43 1.61
CA GLN A 12 -20.01 31.37 2.62
C GLN A 12 -19.85 30.77 4.01
N VAL A 13 -18.62 30.44 4.36
CA VAL A 13 -18.32 29.86 5.66
C VAL A 13 -17.35 30.74 6.41
N VAL A 14 -17.88 31.46 7.41
CA VAL A 14 -17.06 32.36 8.20
C VAL A 14 -16.45 31.65 9.39
N LYS A 15 -15.17 31.32 9.28
CA LYS A 15 -14.45 30.68 10.36
C LYS A 15 -13.91 31.72 11.32
N GLY A 16 -14.75 32.16 12.24
CA GLY A 16 -14.36 33.20 13.18
C GLY A 16 -13.41 32.67 14.24
N GLY A 17 -12.16 33.10 14.16
CA GLY A 17 -11.17 32.69 15.14
C GLY A 17 -10.58 31.32 14.84
N ALA A 18 -10.98 30.74 13.71
CA ALA A 18 -10.48 29.44 13.32
C ALA A 18 -9.27 29.56 12.40
N PHE A 19 -8.10 29.42 12.97
CA PHE A 19 -6.87 29.51 12.21
C PHE A 19 -6.49 28.14 11.65
N ASP A 20 -6.46 28.03 10.33
CA ASP A 20 -6.10 26.78 9.69
C ASP A 20 -4.67 26.87 9.15
N GLY A 21 -3.93 25.80 9.32
CA GLY A 21 -2.57 25.75 8.81
C GLY A 21 -2.44 24.75 7.69
N THR A 22 -2.77 25.19 6.49
CA THR A 22 -2.70 24.34 5.32
C THR A 22 -2.33 25.16 4.08
N MET A 23 -1.54 24.55 3.20
CA MET A 23 -1.08 25.22 1.98
C MET A 23 -2.24 25.64 1.08
N ASN A 24 -2.14 26.84 0.53
CA ASN A 24 -3.18 27.37 -0.33
C ASN A 24 -2.89 27.01 -1.78
N GLY A 25 -3.95 26.85 -2.58
CA GLY A 25 -3.77 26.48 -3.97
C GLY A 25 -4.42 25.16 -4.36
N PRO A 26 -4.54 24.13 -3.48
CA PRO A 26 -5.31 22.91 -3.79
C PRO A 26 -6.81 23.15 -3.77
N PHE A 27 -7.20 24.39 -3.50
CA PHE A 27 -8.62 24.75 -3.47
C PHE A 27 -9.12 25.02 -4.88
N GLY A 28 -10.17 24.30 -5.26
CA GLY A 28 -10.69 24.40 -6.61
C GLY A 28 -11.60 25.60 -6.79
N HIS A 29 -11.97 25.86 -8.03
CA HIS A 29 -12.86 26.97 -8.36
C HIS A 29 -13.94 26.48 -9.31
N GLY A 30 -15.00 27.26 -9.46
CA GLY A 30 -16.07 26.87 -10.34
C GLY A 30 -15.74 27.13 -11.80
N TYR A 31 -15.25 26.11 -12.48
CA TYR A 31 -14.93 26.22 -13.90
C TYR A 31 -15.92 25.41 -14.72
N GLY A 32 -15.88 25.58 -16.03
CA GLY A 32 -16.61 24.71 -16.92
C GLY A 32 -16.04 23.30 -16.88
N GLU A 33 -16.84 22.31 -17.28
CA GLU A 33 -16.45 20.91 -17.23
C GLU A 33 -15.06 20.67 -17.79
N GLY A 34 -14.26 19.92 -17.05
CA GLY A 34 -12.94 19.56 -17.51
C GLY A 34 -12.90 18.09 -17.89
N ALA A 35 -12.82 17.82 -19.18
CA ALA A 35 -12.78 16.44 -19.67
C ALA A 35 -11.53 15.73 -19.15
N GLY A 36 -11.69 14.47 -18.79
CA GLY A 36 -10.60 13.74 -18.21
C GLY A 36 -10.02 12.72 -19.16
N GLU A 37 -8.81 12.99 -19.62
CA GLU A 37 -8.11 12.06 -20.48
C GLU A 37 -7.49 10.93 -19.66
N GLY A 38 -6.75 10.05 -20.30
CA GLY A 38 -6.25 8.87 -19.63
C GLY A 38 -5.03 9.14 -18.79
N ILE A 39 -5.24 9.83 -17.68
CA ILE A 39 -4.21 9.94 -16.67
C ILE A 39 -3.97 8.57 -16.05
N ASP A 40 -2.78 8.36 -15.51
CA ASP A 40 -2.43 7.04 -14.99
C ASP A 40 -3.13 6.79 -13.66
N ASP A 41 -4.41 6.50 -13.74
CA ASP A 41 -5.20 6.15 -12.56
C ASP A 41 -5.22 4.64 -12.39
N VAL A 42 -4.22 4.12 -11.71
CA VAL A 42 -4.08 2.68 -11.52
C VAL A 42 -5.00 2.19 -10.40
N GLU A 43 -5.67 1.07 -10.67
CA GLU A 43 -6.58 0.49 -9.69
C GLU A 43 -5.82 -0.34 -8.67
N TRP A 44 -5.77 0.16 -7.45
CA TRP A 44 -5.17 -0.55 -6.33
C TRP A 44 -6.22 -0.75 -5.26
N VAL A 45 -6.16 -1.92 -4.64
CA VAL A 45 -7.08 -2.33 -3.59
C VAL A 45 -7.23 -1.28 -2.48
N VAL A 46 -6.30 -0.35 -2.37
CA VAL A 46 -6.40 0.68 -1.34
C VAL A 46 -7.45 1.72 -1.71
N GLY A 47 -7.87 1.77 -2.95
CA GLY A 47 -8.92 2.68 -3.32
C GLY A 47 -10.24 2.32 -2.67
N LYS A 48 -10.30 1.10 -2.13
CA LYS A 48 -11.49 0.64 -1.42
C LYS A 48 -11.20 0.52 0.07
N ASP A 49 -9.94 0.26 0.40
CA ASP A 49 -9.50 0.06 1.76
C ASP A 49 -9.17 1.40 2.44
N LYS A 50 -8.95 2.43 1.63
CA LYS A 50 -8.51 3.74 2.11
C LYS A 50 -9.40 4.28 3.22
N PRO A 51 -10.75 4.33 3.04
CA PRO A 51 -11.68 4.87 4.05
C PRO A 51 -11.33 4.46 5.48
N THR A 52 -10.93 3.20 5.66
CA THR A 52 -10.64 2.66 6.97
C THR A 52 -9.32 3.20 7.51
N TYR A 53 -8.32 3.23 6.66
CA TYR A 53 -7.01 3.70 7.05
C TYR A 53 -7.01 5.21 7.19
N ASP A 54 -7.93 5.82 6.47
CA ASP A 54 -8.05 7.28 6.42
C ASP A 54 -8.79 7.79 7.66
N GLU A 55 -9.80 7.03 8.10
CA GLU A 55 -10.53 7.36 9.31
C GLU A 55 -9.63 7.21 10.52
N ILE A 56 -8.83 6.14 10.54
CA ILE A 56 -7.85 5.96 11.61
C ILE A 56 -6.75 7.01 11.48
N PHE A 57 -6.48 7.41 10.26
CA PHE A 57 -5.49 8.44 9.96
C PHE A 57 -5.83 9.74 10.68
N TYR A 58 -7.04 10.25 10.46
CA TYR A 58 -7.47 11.48 11.12
C TYR A 58 -7.68 11.25 12.61
N THR A 59 -7.91 9.98 12.95
CA THR A 59 -8.04 9.57 14.34
C THR A 59 -6.68 9.59 15.06
N LEU A 60 -5.60 9.47 14.29
CA LEU A 60 -4.25 9.53 14.84
C LEU A 60 -3.68 10.94 14.76
N SER A 61 -4.53 11.88 14.38
CA SER A 61 -4.18 13.30 14.34
C SER A 61 -3.08 13.60 13.31
N PRO A 62 -3.47 13.91 12.07
CA PRO A 62 -2.54 14.29 11.01
C PRO A 62 -2.02 15.72 11.17
N VAL A 63 -0.75 15.90 10.84
CA VAL A 63 -0.13 17.21 10.85
C VAL A 63 0.38 17.51 9.44
N ASN A 64 -0.15 18.57 8.82
CA ASN A 64 0.23 18.99 7.47
C ASN A 64 -0.23 17.98 6.42
N GLY A 65 -1.22 17.17 6.77
CA GLY A 65 -1.81 16.24 5.84
C GLY A 65 -1.17 14.86 5.90
N LYS A 66 -0.56 14.55 7.05
CA LYS A 66 0.07 13.24 7.25
C LYS A 66 0.26 12.98 8.74
N ILE A 67 0.34 11.73 9.12
CA ILE A 67 0.61 11.39 10.51
C ILE A 67 2.09 11.38 10.77
N THR A 68 2.49 11.94 11.89
CA THR A 68 3.84 11.80 12.35
C THR A 68 4.14 10.32 12.52
N GLY A 69 5.23 9.88 11.92
CA GLY A 69 5.45 8.47 11.72
C GLY A 69 5.32 7.62 12.96
N ALA A 70 5.69 8.17 14.12
CA ALA A 70 5.61 7.43 15.38
C ALA A 70 4.22 6.83 15.64
N ASN A 71 3.18 7.47 15.10
CA ASN A 71 1.80 7.02 15.31
C ASN A 71 1.51 5.83 14.42
N ALA A 72 1.97 5.91 13.18
CA ALA A 72 1.81 4.81 12.25
C ALA A 72 2.70 3.65 12.67
N LYS A 73 3.82 4.00 13.28
CA LYS A 73 4.71 3.02 13.87
C LYS A 73 4.00 2.34 15.03
N LYS A 74 3.23 3.13 15.76
CA LYS A 74 2.42 2.62 16.86
C LYS A 74 1.48 1.53 16.35
N GLU A 75 0.84 1.83 15.23
CA GLU A 75 -0.06 0.88 14.58
C GLU A 75 0.65 -0.44 14.27
N MET A 76 1.77 -0.35 13.58
CA MET A 76 2.50 -1.54 13.17
C MET A 76 3.19 -2.23 14.35
N VAL A 77 3.46 -1.46 15.42
CA VAL A 77 4.02 -2.04 16.65
C VAL A 77 2.99 -2.94 17.34
N LYS A 78 1.81 -2.38 17.62
CA LYS A 78 0.76 -3.11 18.31
C LYS A 78 0.22 -4.24 17.45
N SER A 79 0.54 -4.20 16.16
CA SER A 79 0.21 -5.27 15.24
C SER A 79 1.00 -6.56 15.59
N LYS A 80 1.93 -6.42 16.54
CA LYS A 80 2.67 -7.56 17.11
C LYS A 80 3.68 -8.11 16.11
N LEU A 81 4.74 -7.35 15.88
CA LEU A 81 5.77 -7.72 14.94
C LEU A 81 7.15 -7.56 15.57
N PRO A 82 8.17 -8.20 14.97
CA PRO A 82 9.56 -7.91 15.28
C PRO A 82 10.01 -6.62 14.62
N ASN A 83 11.18 -6.13 15.00
CA ASN A 83 11.68 -4.84 14.50
C ASN A 83 11.96 -4.91 13.00
N THR A 84 12.37 -6.08 12.52
CA THR A 84 12.70 -6.25 11.12
C THR A 84 11.48 -6.04 10.24
N VAL A 85 10.38 -6.72 10.59
CA VAL A 85 9.13 -6.61 9.83
C VAL A 85 8.60 -5.19 9.90
N LEU A 86 8.70 -4.57 11.07
CA LEU A 86 8.26 -3.18 11.26
C LEU A 86 9.02 -2.24 10.33
N GLY A 87 10.34 -2.38 10.33
CA GLY A 87 11.16 -1.53 9.51
C GLY A 87 10.85 -1.65 8.05
N LYS A 88 10.55 -2.86 7.62
CA LYS A 88 10.31 -3.10 6.20
C LYS A 88 8.88 -2.75 5.83
N ILE A 89 7.96 -2.89 6.78
CA ILE A 89 6.60 -2.39 6.61
C ILE A 89 6.64 -0.89 6.39
N TRP A 90 7.39 -0.21 7.26
CA TRP A 90 7.55 1.23 7.17
C TRP A 90 8.08 1.66 5.81
N LYS A 91 9.22 1.08 5.43
CA LYS A 91 9.94 1.51 4.25
C LYS A 91 9.29 1.00 2.97
N LEU A 92 8.31 0.12 3.10
CA LEU A 92 7.56 -0.35 1.95
C LEU A 92 6.31 0.50 1.76
N ALA A 93 5.77 1.01 2.86
CA ALA A 93 4.60 1.87 2.81
C ALA A 93 4.98 3.30 2.48
N ASP A 94 6.05 3.78 3.10
CA ASP A 94 6.50 5.15 2.89
C ASP A 94 7.43 5.22 1.68
N VAL A 95 6.87 5.61 0.55
CA VAL A 95 7.63 5.68 -0.69
C VAL A 95 8.56 6.87 -0.71
N ASP A 96 8.22 7.88 0.06
CA ASP A 96 9.05 9.07 0.15
C ASP A 96 10.12 8.86 1.19
N LYS A 97 9.81 7.97 2.15
CA LYS A 97 10.67 7.72 3.30
C LYS A 97 10.92 9.01 4.07
N ASP A 98 9.86 9.50 4.70
CA ASP A 98 9.88 10.77 5.38
C ASP A 98 10.16 10.58 6.86
N GLY A 99 9.46 9.62 7.45
CA GLY A 99 9.35 9.56 8.89
C GLY A 99 7.97 9.98 9.30
N LEU A 100 7.09 10.02 8.30
CA LEU A 100 5.68 10.32 8.48
C LEU A 100 4.90 9.65 7.35
N LEU A 101 3.59 9.65 7.44
CA LEU A 101 2.77 8.92 6.48
C LEU A 101 1.50 9.72 6.19
N ASP A 102 1.30 10.14 4.96
CA ASP A 102 0.12 10.92 4.61
C ASP A 102 -1.11 10.02 4.54
N ASP A 103 -2.25 10.58 4.12
CA ASP A 103 -3.53 9.85 4.09
C ASP A 103 -3.38 8.57 3.28
N GLU A 104 -2.57 8.66 2.23
CA GLU A 104 -2.41 7.59 1.28
C GLU A 104 -1.30 6.64 1.74
N GLU A 105 -0.38 7.17 2.53
CA GLU A 105 0.70 6.36 3.05
C GLU A 105 0.28 5.55 4.26
N PHE A 106 -0.64 6.08 5.05
CA PHE A 106 -1.28 5.31 6.10
C PHE A 106 -2.06 4.19 5.41
N ALA A 107 -2.75 4.56 4.33
CA ALA A 107 -3.48 3.60 3.54
C ALA A 107 -2.59 2.40 3.19
N LEU A 108 -1.40 2.66 2.68
CA LEU A 108 -0.46 1.59 2.35
C LEU A 108 0.01 0.86 3.61
N ALA A 109 0.42 1.62 4.62
CA ALA A 109 0.95 1.05 5.87
C ALA A 109 0.00 0.02 6.48
N ASN A 110 -1.23 0.44 6.70
CA ASN A 110 -2.21 -0.41 7.37
C ASN A 110 -2.61 -1.55 6.46
N HIS A 111 -2.58 -1.28 5.15
CA HIS A 111 -2.93 -2.28 4.17
C HIS A 111 -1.88 -3.38 4.15
N LEU A 112 -0.63 -3.00 4.33
CA LEU A 112 0.46 -3.97 4.45
C LEU A 112 0.32 -4.75 5.74
N ILE A 113 -0.18 -4.09 6.77
CA ILE A 113 -0.44 -4.74 8.06
C ILE A 113 -1.47 -5.85 7.91
N LYS A 114 -2.56 -5.57 7.20
CA LYS A 114 -3.55 -6.61 6.94
C LYS A 114 -3.05 -7.60 5.89
N VAL A 115 -2.15 -7.15 5.02
CA VAL A 115 -1.53 -8.03 4.01
C VAL A 115 -0.72 -9.13 4.70
N LYS A 116 0.11 -8.76 5.66
CA LYS A 116 0.89 -9.74 6.41
C LYS A 116 -0.03 -10.53 7.34
N LEU A 117 -1.17 -9.93 7.67
CA LEU A 117 -2.16 -10.58 8.52
C LEU A 117 -2.82 -11.72 7.76
N GLU A 118 -2.77 -11.64 6.43
CA GLU A 118 -3.24 -12.72 5.58
C GLU A 118 -2.33 -13.94 5.70
N GLY A 119 -1.17 -13.74 6.33
CA GLY A 119 -0.24 -14.83 6.54
C GLY A 119 0.88 -14.78 5.54
N HIS A 120 0.69 -13.98 4.50
CA HIS A 120 1.69 -13.83 3.47
C HIS A 120 2.57 -12.62 3.78
N GLU A 121 3.87 -12.87 3.82
CA GLU A 121 4.83 -11.85 4.22
C GLU A 121 5.16 -10.89 3.09
N LEU A 122 5.29 -9.63 3.46
CA LEU A 122 5.69 -8.57 2.54
C LEU A 122 7.11 -8.82 1.99
N PRO A 123 7.26 -8.75 0.67
CA PRO A 123 8.50 -9.15 0.00
C PRO A 123 9.54 -8.06 -0.12
N ALA A 124 9.22 -6.88 0.42
CA ALA A 124 10.02 -5.67 0.21
C ALA A 124 9.97 -5.27 -1.26
N ASP A 125 8.94 -5.78 -1.94
CA ASP A 125 8.66 -5.43 -3.32
C ASP A 125 7.46 -4.52 -3.35
N LEU A 126 7.51 -3.53 -4.21
CA LEU A 126 6.46 -2.55 -4.31
C LEU A 126 5.92 -2.49 -5.74
N PRO A 127 4.75 -3.09 -5.98
CA PRO A 127 4.14 -3.15 -7.30
C PRO A 127 3.31 -1.90 -7.62
N PRO A 128 3.11 -1.61 -8.92
CA PRO A 128 2.31 -0.46 -9.37
C PRO A 128 0.85 -0.56 -8.95
N HIS A 129 0.43 -1.77 -8.64
CA HIS A 129 -0.94 -2.00 -8.20
C HIS A 129 -1.02 -1.87 -6.69
N LEU A 130 0.02 -1.28 -6.11
CA LEU A 130 0.06 -0.97 -4.68
C LEU A 130 0.89 0.28 -4.46
N VAL A 131 1.09 1.03 -5.51
CA VAL A 131 1.93 2.21 -5.43
C VAL A 131 1.04 3.45 -5.26
N PRO A 132 1.21 4.17 -4.14
CA PRO A 132 0.40 5.35 -3.85
C PRO A 132 0.61 6.45 -4.90
N PRO A 133 -0.43 6.80 -5.67
CA PRO A 133 -0.32 7.72 -6.81
C PRO A 133 -0.10 9.20 -6.43
N SER A 134 -0.36 9.57 -5.18
CA SER A 134 -0.19 10.97 -4.78
C SER A 134 1.28 11.32 -4.58
N LYS A 135 2.13 10.30 -4.60
CA LYS A 135 3.58 10.49 -4.50
C LYS A 135 4.20 10.11 -5.81
N ARG A 136 3.38 9.58 -6.69
CA ARG A 136 3.80 9.28 -8.05
C ARG A 136 3.40 10.40 -9.00
N ARG A 137 4.38 11.12 -9.50
CA ARG A 137 4.15 12.17 -10.49
C ARG A 137 5.35 12.29 -11.40
N HIS A 138 5.10 12.58 -12.65
CA HIS A 138 6.15 12.66 -13.65
C HIS A 138 6.66 14.09 -13.78
N GLU A 139 7.96 14.27 -13.60
CA GLU A 139 8.58 15.56 -13.83
C GLU A 139 9.02 15.67 -15.30
N GLY A 1 -27.61 6.45 30.04
CA GLY A 1 -27.47 5.02 30.37
C GLY A 1 -27.07 4.20 29.15
N PRO A 2 -27.06 2.86 29.27
CA PRO A 2 -26.79 1.97 28.15
C PRO A 2 -28.01 1.81 27.25
N LEU A 3 -29.16 1.57 27.87
CA LEU A 3 -30.40 1.39 27.13
C LEU A 3 -31.19 2.69 27.12
N GLY A 4 -31.79 3.02 25.99
CA GLY A 4 -32.63 4.20 25.89
C GLY A 4 -31.85 5.43 25.52
N SER A 5 -30.57 5.46 25.87
CA SER A 5 -29.72 6.58 25.54
C SER A 5 -29.06 6.36 24.18
N GLU A 6 -29.35 7.26 23.25
CA GLU A 6 -28.79 7.19 21.91
C GLU A 6 -27.31 7.55 21.94
N SER A 7 -26.49 6.71 21.31
CA SER A 7 -25.08 6.98 21.21
C SER A 7 -24.85 8.07 20.16
N LEU A 8 -24.67 9.29 20.61
CA LEU A 8 -24.52 10.43 19.71
C LEU A 8 -23.10 10.52 19.21
N MET A 9 -22.95 10.55 17.90
CA MET A 9 -21.66 10.79 17.27
C MET A 9 -21.52 12.27 16.95
N PRO A 10 -20.40 12.89 17.34
CA PRO A 10 -20.17 14.32 17.15
C PRO A 10 -20.30 14.76 15.70
N SER A 11 -19.81 13.94 14.79
CA SER A 11 -19.93 14.21 13.37
C SER A 11 -21.25 13.68 12.83
N GLN A 12 -22.26 14.53 12.83
CA GLN A 12 -23.59 14.15 12.35
C GLN A 12 -24.14 15.23 11.42
N VAL A 13 -24.06 14.96 10.13
CA VAL A 13 -24.64 15.84 9.12
C VAL A 13 -25.46 15.02 8.13
N VAL A 14 -26.74 15.34 8.02
CA VAL A 14 -27.64 14.59 7.16
C VAL A 14 -27.53 15.03 5.71
N LYS A 15 -26.72 14.31 4.95
CA LYS A 15 -26.58 14.56 3.53
C LYS A 15 -27.47 13.60 2.74
N GLY A 16 -28.75 13.91 2.67
CA GLY A 16 -29.69 13.04 2.01
C GLY A 16 -30.14 13.59 0.67
N GLY A 17 -29.67 12.98 -0.40
CA GLY A 17 -30.06 13.40 -1.74
C GLY A 17 -29.52 14.77 -2.12
N ALA A 18 -28.44 15.18 -1.48
CA ALA A 18 -27.85 16.48 -1.74
C ALA A 18 -26.41 16.36 -2.22
N PHE A 19 -26.21 16.55 -3.51
CA PHE A 19 -24.88 16.51 -4.08
C PHE A 19 -24.44 17.92 -4.47
N ASP A 20 -23.82 18.60 -3.52
CA ASP A 20 -23.39 19.97 -3.73
C ASP A 20 -21.88 20.09 -3.61
N GLY A 21 -21.23 20.38 -4.72
CA GLY A 21 -19.80 20.62 -4.71
C GLY A 21 -19.49 22.08 -4.98
N THR A 22 -19.88 22.94 -4.05
CA THR A 22 -19.67 24.36 -4.21
C THR A 22 -18.84 24.90 -3.05
N MET A 23 -17.80 25.64 -3.39
CA MET A 23 -16.94 26.25 -2.39
C MET A 23 -17.18 27.74 -2.31
N ASN A 24 -18.02 28.13 -1.37
CA ASN A 24 -18.33 29.54 -1.16
C ASN A 24 -17.81 29.98 0.21
N GLY A 25 -17.27 31.18 0.26
CA GLY A 25 -16.67 31.68 1.48
C GLY A 25 -15.20 32.05 1.35
N PRO A 26 -14.40 31.37 0.50
CA PRO A 26 -13.07 31.88 0.13
C PRO A 26 -13.21 33.08 -0.79
N PHE A 27 -13.14 34.27 -0.20
CA PHE A 27 -13.40 35.51 -0.92
C PHE A 27 -12.19 35.95 -1.73
N GLY A 28 -12.34 35.95 -3.05
CA GLY A 28 -11.29 36.41 -3.92
C GLY A 28 -11.64 36.19 -5.38
N HIS A 29 -11.51 37.22 -6.19
CA HIS A 29 -11.79 37.10 -7.61
C HIS A 29 -10.65 36.37 -8.31
N GLY A 30 -10.99 35.50 -9.25
CA GLY A 30 -9.97 34.74 -9.94
C GLY A 30 -10.54 33.51 -10.61
N TYR A 31 -9.68 32.79 -11.31
CA TYR A 31 -10.07 31.58 -12.01
C TYR A 31 -9.01 30.49 -11.85
N GLY A 32 -9.46 29.25 -11.76
CA GLY A 32 -8.53 28.14 -11.64
C GLY A 32 -8.77 27.08 -12.68
N GLU A 33 -8.08 27.20 -13.80
CA GLU A 33 -8.21 26.22 -14.88
C GLU A 33 -7.48 24.94 -14.52
N GLY A 34 -8.20 23.83 -14.51
CA GLY A 34 -7.59 22.55 -14.20
C GLY A 34 -7.02 21.88 -15.44
N ALA A 35 -5.71 21.73 -15.46
CA ALA A 35 -5.06 21.05 -16.56
C ALA A 35 -5.22 19.54 -16.42
N GLY A 36 -5.92 18.93 -17.36
CA GLY A 36 -6.18 17.50 -17.28
C GLY A 36 -5.52 16.74 -18.41
N GLU A 37 -4.43 16.06 -18.10
CA GLU A 37 -3.79 15.18 -19.05
C GLU A 37 -4.17 13.75 -18.73
N GLY A 38 -3.58 12.80 -19.45
CA GLY A 38 -3.82 11.40 -19.14
C GLY A 38 -3.00 10.97 -17.95
N ILE A 39 -3.41 11.44 -16.79
CA ILE A 39 -2.83 10.98 -15.54
C ILE A 39 -3.05 9.49 -15.41
N ASP A 40 -2.15 8.82 -14.72
CA ASP A 40 -2.23 7.37 -14.61
C ASP A 40 -3.34 7.00 -13.65
N ASP A 41 -4.57 7.02 -14.16
CA ASP A 41 -5.73 6.64 -13.35
C ASP A 41 -5.79 5.13 -13.19
N VAL A 42 -5.33 4.66 -12.05
CA VAL A 42 -5.38 3.24 -11.74
C VAL A 42 -6.11 3.02 -10.42
N GLU A 43 -6.89 1.95 -10.33
CA GLU A 43 -7.56 1.63 -9.09
C GLU A 43 -6.78 0.55 -8.35
N TRP A 44 -5.93 1.00 -7.44
CA TRP A 44 -5.21 0.10 -6.56
C TRP A 44 -6.16 -0.39 -5.46
N VAL A 45 -5.98 -1.65 -5.11
CA VAL A 45 -6.74 -2.35 -4.05
C VAL A 45 -6.88 -1.51 -2.76
N VAL A 46 -6.11 -0.46 -2.60
CA VAL A 46 -6.23 0.38 -1.42
C VAL A 46 -7.28 1.45 -1.58
N GLY A 47 -7.56 1.86 -2.80
CA GLY A 47 -8.55 2.90 -3.04
C GLY A 47 -9.94 2.48 -2.58
N LYS A 48 -10.09 1.19 -2.27
CA LYS A 48 -11.37 0.66 -1.84
C LYS A 48 -11.42 0.47 -0.32
N ASP A 49 -10.27 0.25 0.31
CA ASP A 49 -10.25 -0.04 1.75
C ASP A 49 -9.53 1.07 2.51
N LYS A 50 -9.18 2.15 1.79
CA LYS A 50 -8.55 3.30 2.39
C LYS A 50 -9.38 3.87 3.53
N PRO A 51 -10.73 3.99 3.40
CA PRO A 51 -11.59 4.51 4.47
C PRO A 51 -11.27 3.92 5.83
N THR A 52 -10.78 2.67 5.85
CA THR A 52 -10.44 1.99 7.08
C THR A 52 -9.16 2.58 7.66
N TYR A 53 -8.19 2.79 6.80
CA TYR A 53 -6.88 3.24 7.24
C TYR A 53 -6.89 4.74 7.46
N ASP A 54 -7.80 5.40 6.76
CA ASP A 54 -7.96 6.85 6.82
C ASP A 54 -8.71 7.22 8.10
N GLU A 55 -9.65 6.37 8.49
CA GLU A 55 -10.38 6.59 9.74
C GLU A 55 -9.44 6.38 10.91
N ILE A 56 -8.53 5.42 10.80
CA ILE A 56 -7.50 5.25 11.82
C ILE A 56 -6.51 6.41 11.75
N PHE A 57 -6.29 6.89 10.54
CA PHE A 57 -5.41 8.03 10.27
C PHE A 57 -5.84 9.26 11.06
N TYR A 58 -7.08 9.70 10.88
CA TYR A 58 -7.60 10.85 11.61
C TYR A 58 -7.76 10.54 13.09
N THR A 59 -7.89 9.26 13.40
CA THR A 59 -8.00 8.80 14.78
C THR A 59 -6.66 8.98 15.51
N LEU A 60 -5.57 8.94 14.77
CA LEU A 60 -4.24 9.11 15.35
C LEU A 60 -3.86 10.60 15.42
N SER A 61 -4.74 11.45 14.87
CA SER A 61 -4.53 12.91 14.84
C SER A 61 -3.39 13.28 13.89
N PRO A 62 -3.71 13.45 12.60
CA PRO A 62 -2.73 13.85 11.59
C PRO A 62 -2.38 15.34 11.63
N VAL A 63 -1.16 15.64 11.20
CA VAL A 63 -0.69 17.01 11.12
C VAL A 63 -0.31 17.37 9.68
N ASN A 64 -0.97 18.40 9.15
CA ASN A 64 -0.68 18.93 7.80
C ASN A 64 -0.97 17.89 6.71
N GLY A 65 -1.85 16.95 7.02
CA GLY A 65 -2.24 15.96 6.04
C GLY A 65 -1.32 14.76 6.02
N LYS A 66 -0.84 14.37 7.18
CA LYS A 66 -0.12 13.12 7.35
C LYS A 66 0.11 12.86 8.83
N ILE A 67 0.42 11.63 9.16
CA ILE A 67 0.85 11.32 10.50
C ILE A 67 2.35 11.38 10.58
N THR A 68 2.85 12.02 11.62
CA THR A 68 4.26 11.94 11.92
C THR A 68 4.61 10.49 12.14
N GLY A 69 5.70 10.04 11.55
CA GLY A 69 5.98 8.62 11.46
C GLY A 69 5.91 7.87 12.77
N ALA A 70 6.19 8.54 13.88
CA ALA A 70 6.08 7.92 15.21
C ALA A 70 4.67 7.36 15.46
N ASN A 71 3.66 7.94 14.80
CA ASN A 71 2.28 7.53 14.99
C ASN A 71 2.02 6.25 14.18
N ALA A 72 2.64 6.19 13.02
CA ALA A 72 2.54 5.02 12.16
C ALA A 72 3.40 3.90 12.71
N LYS A 73 4.50 4.26 13.36
CA LYS A 73 5.32 3.29 14.05
C LYS A 73 4.52 2.69 15.18
N LYS A 74 3.69 3.54 15.78
CA LYS A 74 2.76 3.12 16.82
C LYS A 74 1.84 2.03 16.27
N GLU A 75 1.27 2.31 15.11
CA GLU A 75 0.38 1.36 14.42
C GLU A 75 1.05 0.01 14.17
N MET A 76 2.21 0.05 13.55
CA MET A 76 2.92 -1.18 13.23
C MET A 76 3.47 -1.84 14.50
N VAL A 77 3.70 -1.05 15.54
CA VAL A 77 4.08 -1.59 16.84
C VAL A 77 2.92 -2.36 17.47
N LYS A 78 1.73 -1.79 17.45
CA LYS A 78 0.56 -2.39 18.10
C LYS A 78 0.06 -3.60 17.31
N SER A 79 0.44 -3.69 16.04
CA SER A 79 0.00 -4.78 15.17
C SER A 79 0.56 -6.15 15.60
N LYS A 80 1.29 -6.18 16.73
CA LYS A 80 1.77 -7.42 17.35
C LYS A 80 2.90 -8.05 16.56
N LEU A 81 3.67 -7.20 15.88
CA LEU A 81 4.77 -7.66 15.05
C LEU A 81 6.12 -7.31 15.66
N PRO A 82 7.19 -7.99 15.22
CA PRO A 82 8.55 -7.67 15.63
C PRO A 82 9.11 -6.50 14.85
N ASN A 83 10.00 -5.76 15.49
CA ASN A 83 10.59 -4.55 14.91
C ASN A 83 11.17 -4.76 13.51
N THR A 84 11.63 -5.98 13.24
CA THR A 84 12.20 -6.30 11.95
C THR A 84 11.16 -6.16 10.84
N VAL A 85 10.00 -6.75 11.06
CA VAL A 85 8.90 -6.69 10.11
C VAL A 85 8.42 -5.26 9.96
N LEU A 86 8.33 -4.53 11.07
CA LEU A 86 7.88 -3.15 11.03
C LEU A 86 8.85 -2.29 10.26
N GLY A 87 10.14 -2.56 10.44
CA GLY A 87 11.16 -1.84 9.74
C GLY A 87 10.99 -1.95 8.23
N LYS A 88 10.75 -3.16 7.75
CA LYS A 88 10.61 -3.35 6.31
C LYS A 88 9.21 -2.97 5.83
N ILE A 89 8.19 -3.08 6.69
CA ILE A 89 6.86 -2.57 6.36
C ILE A 89 6.94 -1.07 6.13
N TRP A 90 7.64 -0.38 7.03
CA TRP A 90 7.81 1.06 6.93
C TRP A 90 8.45 1.44 5.60
N LYS A 91 9.63 0.87 5.34
CA LYS A 91 10.40 1.24 4.16
C LYS A 91 9.74 0.74 2.87
N LEU A 92 8.72 -0.10 3.02
CA LEU A 92 7.95 -0.57 1.88
C LEU A 92 6.72 0.33 1.67
N ALA A 93 6.16 0.86 2.77
CA ALA A 93 4.98 1.70 2.68
C ALA A 93 5.32 3.17 2.45
N ASP A 94 6.34 3.67 3.16
CA ASP A 94 6.75 5.05 3.00
C ASP A 94 7.71 5.18 1.84
N VAL A 95 7.17 5.60 0.70
CA VAL A 95 7.93 5.64 -0.54
C VAL A 95 8.95 6.77 -0.52
N ASP A 96 8.63 7.83 0.21
CA ASP A 96 9.54 8.96 0.31
C ASP A 96 10.60 8.65 1.33
N LYS A 97 10.24 7.78 2.28
CA LYS A 97 11.10 7.47 3.41
C LYS A 97 11.41 8.76 4.16
N ASP A 98 10.34 9.52 4.36
CA ASP A 98 10.43 10.89 4.86
C ASP A 98 10.01 10.99 6.32
N GLY A 99 9.77 9.84 6.94
CA GLY A 99 9.52 9.82 8.37
C GLY A 99 8.10 10.19 8.71
N LEU A 100 7.23 10.09 7.72
CA LEU A 100 5.80 10.31 7.92
C LEU A 100 5.02 9.54 6.89
N LEU A 101 3.70 9.58 7.02
CA LEU A 101 2.82 8.78 6.20
C LEU A 101 1.51 9.55 6.04
N ASP A 102 1.21 9.98 4.84
CA ASP A 102 -0.02 10.73 4.59
C ASP A 102 -1.23 9.79 4.57
N ASP A 103 -2.40 10.30 4.21
CA ASP A 103 -3.64 9.49 4.24
C ASP A 103 -3.49 8.22 3.42
N GLU A 104 -2.76 8.30 2.30
CA GLU A 104 -2.57 7.13 1.45
C GLU A 104 -1.34 6.34 1.83
N GLU A 105 -0.36 7.01 2.41
CA GLU A 105 0.83 6.33 2.91
C GLU A 105 0.47 5.50 4.13
N PHE A 106 -0.46 6.00 4.94
CA PHE A 106 -1.05 5.22 6.01
C PHE A 106 -1.85 4.09 5.39
N ALA A 107 -2.58 4.42 4.33
CA ALA A 107 -3.38 3.44 3.63
C ALA A 107 -2.51 2.25 3.23
N LEU A 108 -1.30 2.53 2.78
CA LEU A 108 -0.36 1.49 2.40
C LEU A 108 0.20 0.79 3.63
N ALA A 109 0.70 1.58 4.58
CA ALA A 109 1.30 1.04 5.80
C ALA A 109 0.37 0.03 6.47
N ASN A 110 -0.87 0.44 6.70
CA ASN A 110 -1.84 -0.39 7.35
C ASN A 110 -2.26 -1.52 6.41
N HIS A 111 -2.17 -1.28 5.11
CA HIS A 111 -2.53 -2.30 4.15
C HIS A 111 -1.52 -3.44 4.21
N LEU A 112 -0.25 -3.08 4.33
CA LEU A 112 0.81 -4.07 4.41
C LEU A 112 0.73 -4.85 5.72
N ILE A 113 0.33 -4.17 6.78
CA ILE A 113 0.10 -4.84 8.06
C ILE A 113 -0.97 -5.92 7.90
N LYS A 114 -2.12 -5.53 7.35
CA LYS A 114 -3.19 -6.51 7.14
C LYS A 114 -2.85 -7.47 6.01
N VAL A 115 -1.93 -7.06 5.13
CA VAL A 115 -1.38 -7.96 4.12
C VAL A 115 -0.71 -9.15 4.78
N LYS A 116 0.12 -8.89 5.79
CA LYS A 116 0.78 -9.98 6.49
C LYS A 116 -0.11 -10.53 7.58
N LEU A 117 -1.32 -9.98 7.67
CA LEU A 117 -2.37 -10.55 8.50
C LEU A 117 -3.15 -11.57 7.67
N GLU A 118 -3.05 -11.46 6.35
CA GLU A 118 -3.68 -12.39 5.42
C GLU A 118 -3.04 -13.77 5.54
N GLY A 119 -1.86 -13.81 6.14
CA GLY A 119 -1.12 -15.05 6.30
C GLY A 119 0.17 -15.04 5.52
N HIS A 120 0.26 -14.17 4.52
CA HIS A 120 1.49 -13.99 3.77
C HIS A 120 2.09 -12.65 4.19
N GLU A 121 3.39 -12.59 4.42
CA GLU A 121 3.98 -11.33 4.83
C GLU A 121 4.50 -10.56 3.64
N LEU A 122 4.75 -9.27 3.84
CA LEU A 122 5.31 -8.42 2.80
C LEU A 122 6.71 -8.90 2.40
N PRO A 123 6.93 -9.10 1.09
CA PRO A 123 8.15 -9.68 0.56
C PRO A 123 9.14 -8.63 0.10
N ALA A 124 8.90 -7.39 0.50
CA ALA A 124 9.73 -6.27 0.14
C ALA A 124 9.68 -5.99 -1.35
N ASP A 125 8.50 -6.18 -1.93
CA ASP A 125 8.26 -5.75 -3.29
C ASP A 125 7.21 -4.66 -3.30
N LEU A 126 7.41 -3.71 -4.17
CA LEU A 126 6.50 -2.60 -4.30
C LEU A 126 6.04 -2.45 -5.74
N PRO A 127 4.88 -3.01 -6.07
CA PRO A 127 4.33 -2.97 -7.42
C PRO A 127 3.80 -1.58 -7.78
N PRO A 128 3.84 -1.22 -9.07
CA PRO A 128 3.36 0.08 -9.54
C PRO A 128 1.88 0.30 -9.25
N HIS A 129 1.18 -0.78 -8.94
CA HIS A 129 -0.25 -0.71 -8.62
C HIS A 129 -0.45 -0.72 -7.10
N LEU A 130 0.58 -0.34 -6.36
CA LEU A 130 0.49 -0.18 -4.91
C LEU A 130 1.23 1.07 -4.46
N VAL A 131 1.58 1.92 -5.40
CA VAL A 131 2.24 3.16 -5.06
C VAL A 131 1.20 4.24 -4.87
N PRO A 132 1.22 4.92 -3.71
CA PRO A 132 0.27 5.97 -3.38
C PRO A 132 0.17 7.01 -4.50
N PRO A 133 -1.03 7.59 -4.71
CA PRO A 133 -1.32 8.55 -5.80
C PRO A 133 -0.25 9.62 -6.06
N SER A 134 0.52 10.00 -5.05
CA SER A 134 1.49 11.08 -5.21
C SER A 134 2.86 10.58 -5.69
N LYS A 135 3.06 9.26 -5.70
CA LYS A 135 4.36 8.72 -6.10
C LYS A 135 4.27 7.80 -7.31
N ARG A 136 3.10 7.78 -7.94
CA ARG A 136 2.92 7.06 -9.20
C ARG A 136 3.37 7.92 -10.38
N ARG A 137 4.60 7.74 -10.82
CA ARG A 137 5.14 8.52 -11.92
C ARG A 137 6.44 7.92 -12.40
N HIS A 138 6.59 7.84 -13.72
CA HIS A 138 7.78 7.28 -14.31
C HIS A 138 8.79 8.37 -14.58
N GLU A 139 9.73 8.50 -13.64
CA GLU A 139 10.84 9.47 -13.68
C GLU A 139 11.44 9.57 -12.28
N GLY A 1 32.77 -27.98 -14.28
CA GLY A 1 33.71 -26.85 -14.25
C GLY A 1 33.49 -25.95 -13.06
N PRO A 2 34.53 -25.23 -12.61
CA PRO A 2 34.43 -24.31 -11.47
C PRO A 2 33.47 -23.16 -11.76
N LEU A 3 32.59 -22.88 -10.80
CA LEU A 3 31.63 -21.79 -10.94
C LEU A 3 32.35 -20.45 -10.80
N GLY A 4 31.88 -19.46 -11.54
CA GLY A 4 32.57 -18.20 -11.59
C GLY A 4 33.11 -17.91 -12.99
N SER A 5 33.03 -18.91 -13.85
CA SER A 5 33.37 -18.74 -15.25
C SER A 5 32.16 -18.22 -16.01
N GLU A 6 32.40 -17.51 -17.10
CA GLU A 6 31.32 -16.85 -17.84
C GLU A 6 30.40 -17.87 -18.52
N SER A 7 29.11 -17.73 -18.24
CA SER A 7 28.11 -18.59 -18.84
C SER A 7 27.78 -18.13 -20.25
N LEU A 8 27.73 -19.06 -21.19
CA LEU A 8 27.51 -18.70 -22.59
C LEU A 8 26.07 -18.98 -23.01
N MET A 9 25.67 -18.37 -24.11
CA MET A 9 24.31 -18.52 -24.62
C MET A 9 24.32 -19.42 -25.86
N PRO A 10 23.26 -20.22 -26.05
CA PRO A 10 23.14 -21.10 -27.21
C PRO A 10 23.11 -20.32 -28.53
N SER A 11 22.44 -19.18 -28.50
CA SER A 11 22.39 -18.31 -29.67
C SER A 11 23.60 -17.39 -29.68
N GLN A 12 24.67 -17.84 -30.30
CA GLN A 12 25.87 -17.03 -30.44
C GLN A 12 25.87 -16.32 -31.78
N VAL A 13 25.38 -15.08 -31.77
CA VAL A 13 25.28 -14.31 -32.99
C VAL A 13 26.24 -13.12 -32.96
N VAL A 14 27.02 -12.97 -34.02
CA VAL A 14 27.95 -11.86 -34.14
C VAL A 14 27.61 -11.02 -35.37
N LYS A 15 27.41 -9.73 -35.14
CA LYS A 15 27.06 -8.81 -36.22
C LYS A 15 28.18 -7.83 -36.47
N GLY A 16 28.91 -8.03 -37.56
CA GLY A 16 29.99 -7.13 -37.91
C GLY A 16 29.49 -5.76 -38.32
N GLY A 17 29.97 -4.73 -37.65
CA GLY A 17 29.54 -3.38 -37.97
C GLY A 17 28.29 -2.98 -37.23
N ALA A 18 28.03 -3.64 -36.10
CA ALA A 18 26.89 -3.31 -35.28
C ALA A 18 27.33 -2.78 -33.93
N PHE A 19 26.72 -1.68 -33.50
CA PHE A 19 27.03 -1.08 -32.22
C PHE A 19 26.32 -1.83 -31.10
N ASP A 20 27.11 -2.40 -30.20
CA ASP A 20 26.57 -3.18 -29.10
C ASP A 20 27.40 -2.96 -27.84
N GLY A 21 26.71 -2.76 -26.73
CA GLY A 21 27.40 -2.57 -25.46
C GLY A 21 26.77 -3.40 -24.36
N THR A 22 26.91 -4.71 -24.47
CA THR A 22 26.31 -5.63 -23.52
C THR A 22 27.37 -6.24 -22.60
N MET A 23 27.00 -6.47 -21.35
CA MET A 23 27.90 -7.07 -20.37
C MET A 23 27.10 -7.92 -19.38
N ASN A 24 27.62 -9.08 -19.05
CA ASN A 24 26.92 -10.02 -18.18
C ASN A 24 27.44 -9.95 -16.75
N GLY A 25 26.55 -10.17 -15.78
CA GLY A 25 26.94 -10.17 -14.39
C GLY A 25 26.25 -9.12 -13.51
N PRO A 26 25.89 -7.91 -14.02
CA PRO A 26 25.13 -6.92 -13.24
C PRO A 26 23.83 -7.48 -12.70
N PHE A 27 23.13 -8.24 -13.53
CA PHE A 27 21.88 -8.87 -13.14
C PHE A 27 21.94 -10.37 -13.43
N GLY A 28 21.05 -11.13 -12.80
CA GLY A 28 20.98 -12.56 -13.03
C GLY A 28 20.33 -12.89 -14.36
N HIS A 29 20.66 -14.04 -14.92
CA HIS A 29 20.12 -14.42 -16.22
C HIS A 29 18.69 -14.95 -16.11
N GLY A 30 17.79 -14.37 -16.88
CA GLY A 30 16.43 -14.85 -16.92
C GLY A 30 16.15 -15.63 -18.18
N TYR A 31 14.91 -16.05 -18.37
CA TYR A 31 14.53 -16.78 -19.57
C TYR A 31 13.61 -15.92 -20.43
N GLY A 32 13.38 -16.36 -21.67
CA GLY A 32 12.48 -15.65 -22.56
C GLY A 32 11.03 -15.81 -22.16
N GLU A 33 10.53 -14.86 -21.40
CA GLU A 33 9.16 -14.91 -20.89
C GLU A 33 8.45 -13.60 -21.16
N GLY A 34 7.13 -13.67 -21.26
CA GLY A 34 6.34 -12.47 -21.36
C GLY A 34 6.14 -11.82 -20.01
N ALA A 35 6.95 -10.82 -19.72
CA ALA A 35 6.91 -10.17 -18.42
C ALA A 35 5.85 -9.08 -18.37
N GLY A 36 5.46 -8.70 -17.17
CA GLY A 36 4.45 -7.69 -17.01
C GLY A 36 5.03 -6.43 -16.41
N GLU A 37 5.29 -5.47 -17.26
CA GLU A 37 5.83 -4.19 -16.85
C GLU A 37 4.77 -3.32 -16.22
N GLY A 38 5.12 -2.08 -15.92
CA GLY A 38 4.15 -1.16 -15.37
C GLY A 38 3.26 -0.62 -16.45
N ILE A 39 2.37 -1.49 -16.88
CA ILE A 39 1.40 -1.16 -17.89
C ILE A 39 0.48 -0.08 -17.35
N ASP A 40 -0.14 0.70 -18.23
CA ASP A 40 -1.09 1.70 -17.78
C ASP A 40 -2.35 1.03 -17.30
N ASP A 41 -2.23 0.33 -16.19
CA ASP A 41 -3.35 -0.26 -15.49
C ASP A 41 -3.11 -0.12 -14.00
N VAL A 42 -3.84 0.77 -13.36
CA VAL A 42 -3.68 0.99 -11.95
C VAL A 42 -4.97 0.67 -11.21
N GLU A 43 -5.10 -0.57 -10.78
CA GLU A 43 -6.21 -0.98 -9.94
C GLU A 43 -5.67 -1.50 -8.61
N TRP A 44 -5.51 -0.58 -7.67
CA TRP A 44 -5.02 -0.93 -6.36
C TRP A 44 -6.18 -1.10 -5.42
N VAL A 45 -6.07 -2.13 -4.61
CA VAL A 45 -7.10 -2.51 -3.65
C VAL A 45 -7.16 -1.51 -2.48
N VAL A 46 -6.32 -0.47 -2.53
CA VAL A 46 -6.38 0.58 -1.51
C VAL A 46 -7.37 1.67 -1.91
N GLY A 47 -7.73 1.72 -3.17
CA GLY A 47 -8.69 2.70 -3.64
C GLY A 47 -10.06 2.50 -2.99
N LYS A 48 -10.26 1.32 -2.42
CA LYS A 48 -11.52 0.98 -1.78
C LYS A 48 -11.46 1.13 -0.26
N ASP A 49 -10.28 0.96 0.31
CA ASP A 49 -10.13 0.95 1.75
C ASP A 49 -9.44 2.21 2.26
N LYS A 50 -9.12 3.11 1.32
CA LYS A 50 -8.48 4.39 1.63
C LYS A 50 -9.23 5.15 2.72
N PRO A 51 -10.58 5.31 2.62
CA PRO A 51 -11.35 6.02 3.65
C PRO A 51 -11.27 5.34 5.01
N THR A 52 -11.09 4.02 4.99
CA THR A 52 -10.97 3.24 6.21
C THR A 52 -9.59 3.47 6.84
N TYR A 53 -8.59 3.58 5.99
CA TYR A 53 -7.25 3.84 6.46
C TYR A 53 -7.11 5.30 6.90
N ASP A 54 -7.97 6.15 6.34
CA ASP A 54 -7.99 7.56 6.67
C ASP A 54 -8.76 7.82 7.97
N GLU A 55 -9.78 7.00 8.23
CA GLU A 55 -10.51 7.11 9.48
C GLU A 55 -9.65 6.65 10.64
N ILE A 56 -8.96 5.52 10.45
CA ILE A 56 -8.02 5.04 11.45
C ILE A 56 -6.91 6.08 11.63
N PHE A 57 -6.63 6.78 10.54
CA PHE A 57 -5.66 7.85 10.51
C PHE A 57 -6.11 9.03 11.39
N TYR A 58 -7.29 9.58 11.13
CA TYR A 58 -7.82 10.68 11.94
C TYR A 58 -8.03 10.24 13.39
N THR A 59 -8.18 8.95 13.57
CA THR A 59 -8.28 8.36 14.88
C THR A 59 -6.94 8.45 15.64
N LEU A 60 -5.85 8.60 14.88
CA LEU A 60 -4.54 8.83 15.47
C LEU A 60 -4.20 10.33 15.47
N SER A 61 -5.06 11.10 14.81
CA SER A 61 -4.94 12.56 14.74
C SER A 61 -3.74 12.99 13.86
N PRO A 62 -4.01 13.27 12.58
CA PRO A 62 -3.00 13.78 11.63
C PRO A 62 -2.41 15.13 12.01
N VAL A 63 -1.25 15.43 11.45
CA VAL A 63 -0.57 16.71 11.65
C VAL A 63 -0.20 17.32 10.31
N ASN A 64 -0.98 18.32 9.89
CA ASN A 64 -0.72 19.06 8.62
C ASN A 64 -0.92 18.16 7.39
N GLY A 65 -1.77 17.16 7.53
CA GLY A 65 -2.13 16.34 6.38
C GLY A 65 -1.28 15.08 6.25
N LYS A 66 -0.68 14.67 7.35
CA LYS A 66 0.06 13.42 7.42
C LYS A 66 0.39 13.14 8.87
N ILE A 67 0.54 11.88 9.24
CA ILE A 67 0.97 11.58 10.59
C ILE A 67 2.47 11.48 10.64
N THR A 68 3.06 12.02 11.69
CA THR A 68 4.45 11.78 11.97
C THR A 68 4.66 10.29 12.17
N GLY A 69 5.76 9.79 11.62
CA GLY A 69 5.91 8.37 11.46
C GLY A 69 5.69 7.55 12.70
N ALA A 70 6.10 8.05 13.86
CA ALA A 70 5.97 7.32 15.12
C ALA A 70 4.54 6.85 15.40
N ASN A 71 3.56 7.51 14.79
CA ASN A 71 2.15 7.17 15.01
C ASN A 71 1.79 5.96 14.16
N ALA A 72 2.29 5.94 12.94
CA ALA A 72 2.08 4.82 12.05
C ALA A 72 2.94 3.65 12.50
N LYS A 73 4.09 3.98 13.07
CA LYS A 73 4.96 2.99 13.67
C LYS A 73 4.23 2.35 14.84
N LYS A 74 3.45 3.16 15.53
CA LYS A 74 2.61 2.71 16.61
C LYS A 74 1.64 1.65 16.12
N GLU A 75 1.04 1.92 14.97
CA GLU A 75 0.13 0.96 14.33
C GLU A 75 0.82 -0.36 14.00
N MET A 76 1.94 -0.28 13.30
CA MET A 76 2.67 -1.47 12.90
C MET A 76 3.35 -2.13 14.11
N VAL A 77 3.49 -1.36 15.19
CA VAL A 77 3.96 -1.90 16.47
C VAL A 77 2.86 -2.72 17.15
N LYS A 78 1.65 -2.17 17.22
CA LYS A 78 0.54 -2.84 17.89
C LYS A 78 0.09 -4.04 17.07
N SER A 79 0.55 -4.11 15.83
CA SER A 79 0.38 -5.31 15.01
C SER A 79 1.19 -6.48 15.62
N LYS A 80 1.98 -6.17 16.64
CA LYS A 80 2.76 -7.15 17.40
C LYS A 80 3.86 -7.76 16.55
N LEU A 81 4.84 -6.93 16.19
CA LEU A 81 5.90 -7.36 15.30
C LEU A 81 7.26 -6.97 15.85
N PRO A 82 8.32 -7.64 15.38
CA PRO A 82 9.69 -7.21 15.64
C PRO A 82 10.07 -6.03 14.76
N ASN A 83 11.14 -5.35 15.13
CA ASN A 83 11.56 -4.13 14.44
C ASN A 83 11.90 -4.38 12.97
N THR A 84 12.25 -5.61 12.64
CA THR A 84 12.55 -5.99 11.27
C THR A 84 11.31 -5.81 10.38
N VAL A 85 10.18 -6.35 10.84
CA VAL A 85 8.93 -6.23 10.11
C VAL A 85 8.48 -4.78 10.08
N LEU A 86 8.60 -4.13 11.24
CA LEU A 86 8.37 -2.68 11.36
C LEU A 86 9.08 -1.92 10.26
N GLY A 87 10.39 -2.11 10.20
CA GLY A 87 11.22 -1.38 9.27
C GLY A 87 10.87 -1.62 7.82
N LYS A 88 10.56 -2.86 7.44
CA LYS A 88 10.31 -3.15 6.04
C LYS A 88 8.86 -2.88 5.66
N ILE A 89 7.95 -2.93 6.62
CA ILE A 89 6.58 -2.48 6.37
C ILE A 89 6.62 -0.99 6.10
N TRP A 90 7.40 -0.29 6.91
CA TRP A 90 7.58 1.14 6.76
C TRP A 90 8.17 1.49 5.40
N LYS A 91 9.28 0.87 5.06
CA LYS A 91 9.99 1.22 3.83
C LYS A 91 9.26 0.73 2.60
N LEU A 92 8.27 -0.14 2.80
CA LEU A 92 7.45 -0.62 1.69
C LEU A 92 6.23 0.29 1.51
N ALA A 93 5.82 0.97 2.59
CA ALA A 93 4.70 1.89 2.53
C ALA A 93 5.14 3.32 2.25
N ASP A 94 6.21 3.75 2.91
CA ASP A 94 6.71 5.11 2.73
C ASP A 94 7.71 5.15 1.59
N VAL A 95 7.19 5.48 0.40
CA VAL A 95 7.98 5.50 -0.83
C VAL A 95 9.09 6.54 -0.77
N ASP A 96 8.90 7.54 0.08
CA ASP A 96 9.80 8.66 0.16
C ASP A 96 10.82 8.45 1.24
N LYS A 97 10.45 7.66 2.25
CA LYS A 97 11.31 7.40 3.39
C LYS A 97 11.62 8.71 4.09
N ASP A 98 10.54 9.35 4.51
CA ASP A 98 10.58 10.71 5.02
C ASP A 98 10.41 10.75 6.53
N GLY A 99 9.89 9.67 7.09
CA GLY A 99 9.68 9.61 8.53
C GLY A 99 8.27 9.98 8.92
N LEU A 100 7.38 10.02 7.94
CA LEU A 100 5.96 10.28 8.18
C LEU A 100 5.11 9.52 7.15
N LEU A 101 3.80 9.65 7.25
CA LEU A 101 2.90 8.91 6.38
C LEU A 101 1.63 9.74 6.24
N ASP A 102 1.36 10.20 5.04
CA ASP A 102 0.14 10.97 4.81
C ASP A 102 -1.05 10.03 4.69
N ASP A 103 -2.23 10.55 4.36
CA ASP A 103 -3.45 9.74 4.33
C ASP A 103 -3.34 8.56 3.38
N GLU A 104 -2.61 8.74 2.30
CA GLU A 104 -2.43 7.69 1.31
C GLU A 104 -1.27 6.79 1.71
N GLU A 105 -0.33 7.35 2.45
CA GLU A 105 0.78 6.59 2.97
C GLU A 105 0.34 5.72 4.15
N PHE A 106 -0.62 6.21 4.91
CA PHE A 106 -1.25 5.43 5.96
C PHE A 106 -2.04 4.32 5.28
N ALA A 107 -2.70 4.68 4.19
CA ALA A 107 -3.45 3.72 3.40
C ALA A 107 -2.57 2.53 3.02
N LEU A 108 -1.38 2.81 2.51
CA LEU A 108 -0.44 1.75 2.14
C LEU A 108 0.01 0.99 3.40
N ALA A 109 0.51 1.74 4.39
CA ALA A 109 1.01 1.16 5.65
C ALA A 109 0.02 0.17 6.27
N ASN A 110 -1.22 0.62 6.46
CA ASN A 110 -2.23 -0.19 7.14
C ASN A 110 -2.65 -1.35 6.25
N HIS A 111 -2.62 -1.12 4.94
CA HIS A 111 -2.95 -2.16 3.99
C HIS A 111 -1.90 -3.27 4.04
N LEU A 112 -0.66 -2.85 4.27
CA LEU A 112 0.43 -3.80 4.42
C LEU A 112 0.28 -4.60 5.71
N ILE A 113 -0.20 -3.94 6.77
CA ILE A 113 -0.53 -4.65 8.01
C ILE A 113 -1.60 -5.71 7.74
N LYS A 114 -2.59 -5.35 6.92
CA LYS A 114 -3.59 -6.30 6.45
C LYS A 114 -2.90 -7.45 5.74
N VAL A 115 -2.01 -7.13 4.82
CA VAL A 115 -1.32 -8.12 4.00
C VAL A 115 -0.50 -9.09 4.86
N LYS A 116 0.18 -8.57 5.87
CA LYS A 116 0.95 -9.42 6.76
C LYS A 116 0.05 -10.18 7.73
N LEU A 117 -1.16 -9.67 7.94
CA LEU A 117 -2.12 -10.30 8.85
C LEU A 117 -2.80 -11.47 8.17
N GLU A 118 -2.76 -11.50 6.84
CA GLU A 118 -3.34 -12.59 6.06
C GLU A 118 -2.64 -13.90 6.38
N GLY A 119 -1.47 -13.80 6.99
CA GLY A 119 -0.73 -14.97 7.38
C GLY A 119 0.54 -15.13 6.58
N HIS A 120 0.81 -14.15 5.74
CA HIS A 120 2.00 -14.19 4.91
C HIS A 120 2.80 -12.91 5.08
N GLU A 121 4.11 -13.08 5.12
CA GLU A 121 5.05 -11.97 5.25
C GLU A 121 5.11 -11.14 3.96
N LEU A 122 5.43 -9.86 4.11
CA LEU A 122 5.57 -8.97 2.97
C LEU A 122 6.77 -9.36 2.12
N PRO A 123 6.63 -9.27 0.80
CA PRO A 123 7.64 -9.75 -0.15
C PRO A 123 8.70 -8.71 -0.48
N ALA A 124 8.63 -7.55 0.19
CA ALA A 124 9.58 -6.45 -0.02
C ALA A 124 9.56 -5.99 -1.48
N ASP A 125 8.48 -6.32 -2.17
CA ASP A 125 8.30 -5.94 -3.55
C ASP A 125 7.16 -4.95 -3.64
N LEU A 126 7.34 -3.90 -4.42
CA LEU A 126 6.34 -2.87 -4.52
C LEU A 126 5.81 -2.82 -5.96
N PRO A 127 4.62 -3.37 -6.18
CA PRO A 127 4.01 -3.47 -7.50
C PRO A 127 3.37 -2.15 -7.94
N PRO A 128 3.21 -1.94 -9.27
CA PRO A 128 2.61 -0.72 -9.80
C PRO A 128 1.23 -0.45 -9.20
N HIS A 129 0.46 -1.52 -9.04
CA HIS A 129 -0.88 -1.43 -8.47
C HIS A 129 -0.85 -1.39 -6.95
N LEU A 130 0.21 -0.82 -6.38
CA LEU A 130 0.27 -0.56 -4.93
C LEU A 130 1.07 0.69 -4.60
N VAL A 131 1.41 1.48 -5.61
CA VAL A 131 2.11 2.73 -5.35
C VAL A 131 1.14 3.89 -5.33
N PRO A 132 1.02 4.52 -4.16
CA PRO A 132 0.13 5.66 -3.94
C PRO A 132 0.33 6.74 -5.02
N PRO A 133 -0.75 7.20 -5.67
CA PRO A 133 -0.70 8.30 -6.64
C PRO A 133 0.13 9.49 -6.15
N SER A 134 0.13 9.71 -4.85
CA SER A 134 0.85 10.81 -4.23
C SER A 134 2.37 10.67 -4.35
N LYS A 135 2.88 9.45 -4.59
CA LYS A 135 4.34 9.24 -4.52
C LYS A 135 5.03 9.64 -5.81
N ARG A 136 4.26 10.08 -6.78
CA ARG A 136 4.82 10.63 -8.01
C ARG A 136 4.54 12.13 -8.07
N ARG A 137 5.18 12.86 -7.18
CA ARG A 137 4.94 14.29 -7.05
C ARG A 137 6.14 15.01 -6.47
N HIS A 138 6.67 15.96 -7.23
CA HIS A 138 7.71 16.84 -6.74
C HIS A 138 7.36 18.29 -7.05
N GLU A 139 6.98 19.01 -6.00
CA GLU A 139 6.64 20.42 -6.13
C GLU A 139 7.92 21.26 -6.15
N GLY A 1 -16.18 -45.40 -4.64
CA GLY A 1 -16.29 -44.65 -3.37
C GLY A 1 -16.22 -43.15 -3.60
N PRO A 2 -16.63 -42.33 -2.61
CA PRO A 2 -16.58 -40.87 -2.73
C PRO A 2 -15.15 -40.35 -2.82
N LEU A 3 -14.22 -41.09 -2.23
CA LEU A 3 -12.82 -40.73 -2.25
C LEU A 3 -12.05 -41.78 -3.04
N GLY A 4 -11.28 -41.35 -4.02
CA GLY A 4 -10.50 -42.26 -4.82
C GLY A 4 -11.16 -42.57 -6.15
N SER A 5 -12.48 -42.59 -6.15
CA SER A 5 -13.25 -42.78 -7.37
C SER A 5 -13.85 -41.44 -7.79
N GLU A 6 -13.27 -40.83 -8.80
CA GLU A 6 -13.68 -39.49 -9.21
C GLU A 6 -14.88 -39.53 -10.15
N SER A 7 -15.73 -38.52 -10.03
CA SER A 7 -16.89 -38.38 -10.90
C SER A 7 -16.61 -37.29 -11.93
N LEU A 8 -16.72 -37.64 -13.20
CA LEU A 8 -16.43 -36.69 -14.26
C LEU A 8 -17.67 -35.88 -14.62
N MET A 9 -17.81 -34.74 -13.97
CA MET A 9 -18.91 -33.83 -14.26
C MET A 9 -18.39 -32.57 -14.92
N PRO A 10 -18.74 -32.35 -16.20
CA PRO A 10 -18.32 -31.15 -16.95
C PRO A 10 -18.97 -29.88 -16.40
N SER A 11 -19.95 -30.06 -15.53
CA SER A 11 -20.64 -28.94 -14.93
C SER A 11 -20.00 -28.60 -13.58
N GLN A 12 -19.05 -27.67 -13.62
CA GLN A 12 -18.39 -27.21 -12.41
C GLN A 12 -18.46 -25.69 -12.32
N VAL A 13 -19.31 -25.21 -11.44
CA VAL A 13 -19.46 -23.76 -11.25
C VAL A 13 -18.58 -23.28 -10.11
N VAL A 14 -17.82 -22.23 -10.35
CA VAL A 14 -16.96 -21.67 -9.33
C VAL A 14 -17.64 -20.45 -8.69
N LYS A 15 -17.58 -20.36 -7.38
CA LYS A 15 -18.21 -19.27 -6.65
C LYS A 15 -17.17 -18.53 -5.83
N GLY A 16 -17.20 -17.20 -5.91
CA GLY A 16 -16.31 -16.40 -5.10
C GLY A 16 -16.67 -16.51 -3.63
N GLY A 17 -15.68 -16.79 -2.80
CA GLY A 17 -15.93 -16.96 -1.38
C GLY A 17 -16.11 -18.43 -1.01
N ALA A 18 -16.26 -19.27 -2.02
CA ALA A 18 -16.38 -20.71 -1.80
C ALA A 18 -15.06 -21.38 -2.14
N PHE A 19 -14.19 -21.46 -1.14
CA PHE A 19 -12.84 -21.96 -1.34
C PHE A 19 -12.69 -23.38 -0.80
N ASP A 20 -12.74 -24.35 -1.68
CA ASP A 20 -12.50 -25.73 -1.32
C ASP A 20 -11.27 -26.25 -2.03
N GLY A 21 -10.53 -27.12 -1.36
CA GLY A 21 -9.30 -27.64 -1.93
C GLY A 21 -9.54 -28.71 -2.97
N THR A 22 -9.06 -28.47 -4.18
CA THR A 22 -9.20 -29.43 -5.27
C THR A 22 -8.00 -30.37 -5.33
N MET A 23 -8.20 -31.55 -5.90
CA MET A 23 -7.13 -32.52 -6.05
C MET A 23 -6.35 -32.27 -7.32
N ASN A 24 -5.17 -31.67 -7.17
CA ASN A 24 -4.34 -31.32 -8.32
C ASN A 24 -3.14 -32.24 -8.41
N GLY A 25 -2.84 -32.68 -9.62
CA GLY A 25 -1.72 -33.58 -9.85
C GLY A 25 -2.09 -34.93 -10.45
N PRO A 26 -3.29 -35.52 -10.16
CA PRO A 26 -3.70 -36.77 -10.83
C PRO A 26 -3.99 -36.54 -12.32
N PHE A 27 -4.84 -35.57 -12.61
CA PHE A 27 -5.16 -35.24 -13.99
C PHE A 27 -4.14 -34.24 -14.54
N GLY A 28 -3.24 -34.72 -15.36
CA GLY A 28 -2.21 -33.87 -15.93
C GLY A 28 -2.78 -32.81 -16.86
N HIS A 29 -2.53 -31.56 -16.52
CA HIS A 29 -3.03 -30.45 -17.32
C HIS A 29 -1.96 -29.36 -17.43
N GLY A 30 -1.67 -28.93 -18.65
CA GLY A 30 -0.63 -27.93 -18.85
C GLY A 30 -1.21 -26.60 -19.27
N TYR A 31 -0.86 -25.55 -18.53
CA TYR A 31 -1.30 -24.20 -18.84
C TYR A 31 -0.09 -23.27 -18.99
N GLY A 32 0.17 -22.86 -20.22
CA GLY A 32 1.22 -21.89 -20.47
C GLY A 32 0.82 -20.50 -20.00
N GLU A 33 1.54 -19.98 -19.02
CA GLU A 33 1.22 -18.72 -18.40
C GLU A 33 1.96 -17.57 -19.09
N GLY A 34 1.20 -16.63 -19.65
CA GLY A 34 1.81 -15.48 -20.31
C GLY A 34 2.12 -14.37 -19.33
N ALA A 35 3.26 -13.73 -19.51
CA ALA A 35 3.69 -12.66 -18.63
C ALA A 35 2.72 -11.47 -18.71
N GLY A 36 2.15 -11.10 -17.57
CA GLY A 36 1.22 -10.00 -17.54
C GLY A 36 1.94 -8.69 -17.48
N GLU A 37 1.78 -7.90 -18.53
CA GLU A 37 2.43 -6.62 -18.65
C GLU A 37 1.71 -5.58 -17.79
N GLY A 38 2.44 -4.57 -17.37
CA GLY A 38 1.84 -3.50 -16.61
C GLY A 38 1.11 -2.53 -17.51
N ILE A 39 -0.03 -2.99 -18.01
CA ILE A 39 -0.93 -2.13 -18.76
C ILE A 39 -1.38 -0.96 -17.89
N ASP A 40 -1.76 0.16 -18.50
CA ASP A 40 -2.16 1.32 -17.73
C ASP A 40 -3.56 1.13 -17.15
N ASP A 41 -3.64 0.24 -16.19
CA ASP A 41 -4.85 0.03 -15.42
C ASP A 41 -4.48 -0.39 -14.02
N VAL A 42 -4.17 0.58 -13.17
CA VAL A 42 -3.74 0.26 -11.82
C VAL A 42 -4.95 0.11 -10.90
N GLU A 43 -5.41 -1.13 -10.77
CA GLU A 43 -6.48 -1.44 -9.85
C GLU A 43 -5.88 -1.91 -8.53
N TRP A 44 -5.62 -0.97 -7.64
CA TRP A 44 -5.14 -1.33 -6.33
C TRP A 44 -6.30 -1.34 -5.35
N VAL A 45 -6.28 -2.36 -4.52
CA VAL A 45 -7.31 -2.62 -3.54
C VAL A 45 -7.34 -1.56 -2.42
N VAL A 46 -6.52 -0.52 -2.55
CA VAL A 46 -6.48 0.53 -1.54
C VAL A 46 -7.40 1.69 -1.90
N GLY A 47 -7.71 1.83 -3.18
CA GLY A 47 -8.61 2.89 -3.59
C GLY A 47 -10.00 2.70 -3.02
N LYS A 48 -10.26 1.50 -2.51
CA LYS A 48 -11.56 1.17 -1.93
C LYS A 48 -11.50 1.14 -0.41
N ASP A 49 -10.34 0.83 0.14
CA ASP A 49 -10.23 0.59 1.58
C ASP A 49 -9.51 1.76 2.26
N LYS A 50 -9.16 2.75 1.44
CA LYS A 50 -8.45 3.95 1.89
C LYS A 50 -9.20 4.66 3.02
N PRO A 51 -10.53 4.89 2.92
CA PRO A 51 -11.30 5.55 3.99
C PRO A 51 -11.17 4.84 5.32
N THR A 52 -10.89 3.54 5.29
CA THR A 52 -10.72 2.77 6.50
C THR A 52 -9.42 3.17 7.17
N TYR A 53 -8.39 3.28 6.36
CA TYR A 53 -7.07 3.63 6.85
C TYR A 53 -7.03 5.12 7.16
N ASP A 54 -7.91 5.87 6.50
CA ASP A 54 -7.99 7.32 6.70
C ASP A 54 -8.73 7.66 7.99
N GLU A 55 -9.77 6.90 8.30
CA GLU A 55 -10.49 7.11 9.54
C GLU A 55 -9.62 6.74 10.73
N ILE A 56 -8.83 5.69 10.58
CA ILE A 56 -7.86 5.34 11.61
C ILE A 56 -6.74 6.38 11.65
N PHE A 57 -6.50 7.00 10.49
CA PHE A 57 -5.50 8.06 10.34
C PHE A 57 -5.84 9.26 11.22
N TYR A 58 -7.05 9.79 11.07
CA TYR A 58 -7.49 10.91 11.90
C TYR A 58 -7.68 10.49 13.34
N THR A 59 -7.87 9.20 13.54
CA THR A 59 -8.03 8.62 14.86
C THR A 59 -6.69 8.60 15.61
N LEU A 60 -5.59 8.56 14.85
CA LEU A 60 -4.24 8.58 15.44
C LEU A 60 -3.77 10.03 15.64
N SER A 61 -4.61 10.99 15.27
CA SER A 61 -4.30 12.42 15.41
C SER A 61 -3.15 12.82 14.47
N PRO A 62 -3.50 13.18 13.22
CA PRO A 62 -2.52 13.61 12.23
C PRO A 62 -2.10 15.08 12.41
N VAL A 63 -0.95 15.43 11.85
CA VAL A 63 -0.44 16.78 11.92
C VAL A 63 -0.05 17.25 10.52
N ASN A 64 -0.67 18.34 10.08
CA ASN A 64 -0.34 18.98 8.81
C ASN A 64 -0.68 18.10 7.60
N GLY A 65 -1.61 17.16 7.79
CA GLY A 65 -2.07 16.36 6.68
C GLY A 65 -1.33 15.05 6.59
N LYS A 66 -0.75 14.63 7.70
CA LYS A 66 -0.08 13.34 7.77
C LYS A 66 0.20 13.00 9.22
N ILE A 67 0.43 11.73 9.51
CA ILE A 67 0.85 11.35 10.84
C ILE A 67 2.35 11.37 10.94
N THR A 68 2.86 11.99 12.00
CA THR A 68 4.27 11.91 12.30
C THR A 68 4.60 10.44 12.49
N GLY A 69 5.66 9.99 11.83
CA GLY A 69 5.91 8.57 11.70
C GLY A 69 5.94 7.81 13.01
N ALA A 70 6.28 8.49 14.10
CA ALA A 70 6.23 7.88 15.44
C ALA A 70 4.88 7.20 15.69
N ASN A 71 3.80 7.84 15.23
CA ASN A 71 2.45 7.34 15.46
C ASN A 71 2.15 6.21 14.48
N ALA A 72 2.73 6.29 13.30
CA ALA A 72 2.54 5.29 12.27
C ALA A 72 3.30 4.04 12.62
N LYS A 73 4.46 4.22 13.23
CA LYS A 73 5.23 3.11 13.75
C LYS A 73 4.48 2.48 14.90
N LYS A 74 3.84 3.33 15.68
CA LYS A 74 2.98 2.89 16.79
C LYS A 74 1.89 1.95 16.26
N GLU A 75 1.29 2.37 15.16
CA GLU A 75 0.23 1.62 14.50
C GLU A 75 0.73 0.24 14.04
N MET A 76 1.82 0.23 13.29
CA MET A 76 2.37 -1.03 12.80
C MET A 76 3.06 -1.81 13.93
N VAL A 77 3.35 -1.14 15.03
CA VAL A 77 3.86 -1.81 16.24
C VAL A 77 2.74 -2.58 16.95
N LYS A 78 1.61 -1.91 17.17
CA LYS A 78 0.47 -2.53 17.84
C LYS A 78 -0.13 -3.62 16.96
N SER A 79 0.30 -3.61 15.70
CA SER A 79 -0.01 -4.69 14.77
C SER A 79 0.70 -6.01 15.15
N LYS A 80 1.41 -5.99 16.30
CA LYS A 80 1.99 -7.20 16.91
C LYS A 80 3.22 -7.66 16.14
N LEU A 81 4.04 -6.72 15.67
CA LEU A 81 5.19 -7.07 14.85
C LEU A 81 6.49 -6.74 15.56
N PRO A 82 7.57 -7.41 15.15
CA PRO A 82 8.92 -7.06 15.56
C PRO A 82 9.50 -5.95 14.71
N ASN A 83 10.57 -5.33 15.18
CA ASN A 83 11.19 -4.19 14.49
C ASN A 83 11.56 -4.53 13.05
N THR A 84 11.86 -5.80 12.78
CA THR A 84 12.16 -6.24 11.42
C THR A 84 10.99 -5.97 10.49
N VAL A 85 9.82 -6.46 10.87
CA VAL A 85 8.61 -6.27 10.08
C VAL A 85 8.22 -4.79 10.09
N LEU A 86 8.34 -4.16 11.25
CA LEU A 86 8.15 -2.73 11.38
C LEU A 86 8.95 -1.97 10.33
N GLY A 87 10.25 -2.23 10.31
CA GLY A 87 11.15 -1.53 9.43
C GLY A 87 10.84 -1.73 7.97
N LYS A 88 10.59 -2.97 7.56
CA LYS A 88 10.40 -3.24 6.14
C LYS A 88 8.99 -2.86 5.68
N ILE A 89 8.01 -2.91 6.58
CA ILE A 89 6.68 -2.43 6.24
C ILE A 89 6.70 -0.91 6.08
N TRP A 90 7.42 -0.24 6.98
CA TRP A 90 7.61 1.19 6.89
C TRP A 90 8.20 1.57 5.55
N LYS A 91 9.37 1.02 5.26
CA LYS A 91 10.12 1.42 4.07
C LYS A 91 9.43 0.96 2.79
N LEU A 92 8.50 0.00 2.91
CA LEU A 92 7.79 -0.51 1.76
C LEU A 92 6.63 0.42 1.41
N ALA A 93 5.98 0.96 2.41
CA ALA A 93 4.87 1.87 2.16
C ALA A 93 5.34 3.33 2.09
N ASP A 94 6.36 3.67 2.87
CA ASP A 94 6.93 5.02 2.85
C ASP A 94 7.94 5.15 1.73
N VAL A 95 7.42 5.36 0.52
CA VAL A 95 8.22 5.47 -0.69
C VAL A 95 9.10 6.72 -0.66
N ASP A 96 8.64 7.71 0.09
CA ASP A 96 9.35 8.98 0.18
C ASP A 96 10.34 9.00 1.31
N LYS A 97 10.12 8.14 2.30
CA LYS A 97 11.12 7.86 3.30
C LYS A 97 11.38 9.08 4.15
N ASP A 98 10.29 9.72 4.56
CA ASP A 98 10.35 11.01 5.22
C ASP A 98 10.09 10.91 6.71
N GLY A 99 9.83 9.71 7.20
CA GLY A 99 9.58 9.55 8.62
C GLY A 99 8.18 9.99 9.02
N LEU A 100 7.29 10.08 8.04
CA LEU A 100 5.89 10.37 8.28
C LEU A 100 5.07 9.73 7.19
N LEU A 101 3.75 9.75 7.35
CA LEU A 101 2.87 9.03 6.48
C LEU A 101 1.57 9.81 6.39
N ASP A 102 1.23 10.29 5.23
CA ASP A 102 0.00 11.02 5.07
C ASP A 102 -1.17 10.03 5.02
N ASP A 103 -2.39 10.51 4.80
CA ASP A 103 -3.56 9.62 4.80
C ASP A 103 -3.43 8.55 3.72
N GLU A 104 -2.76 8.90 2.63
CA GLU A 104 -2.51 7.96 1.55
C GLU A 104 -1.42 6.96 1.96
N GLU A 105 -0.41 7.45 2.66
CA GLU A 105 0.67 6.62 3.17
C GLU A 105 0.18 5.67 4.25
N PHE A 106 -0.72 6.13 5.12
CA PHE A 106 -1.32 5.27 6.12
C PHE A 106 -2.14 4.21 5.41
N ALA A 107 -2.82 4.63 4.35
CA ALA A 107 -3.58 3.69 3.53
C ALA A 107 -2.71 2.49 3.13
N LEU A 108 -1.53 2.77 2.62
CA LEU A 108 -0.62 1.70 2.25
C LEU A 108 -0.08 1.00 3.49
N ALA A 109 0.43 1.77 4.45
CA ALA A 109 0.98 1.22 5.68
C ALA A 109 0.07 0.14 6.30
N ASN A 110 -1.17 0.51 6.55
CA ASN A 110 -2.13 -0.38 7.19
C ASN A 110 -2.54 -1.47 6.21
N HIS A 111 -2.41 -1.17 4.92
CA HIS A 111 -2.73 -2.15 3.89
C HIS A 111 -1.73 -3.28 3.95
N LEU A 112 -0.45 -2.93 4.09
CA LEU A 112 0.60 -3.92 4.22
C LEU A 112 0.43 -4.71 5.51
N ILE A 113 -0.09 -4.04 6.53
CA ILE A 113 -0.40 -4.69 7.80
C ILE A 113 -1.41 -5.81 7.61
N LYS A 114 -2.53 -5.51 6.95
CA LYS A 114 -3.55 -6.53 6.71
C LYS A 114 -3.07 -7.53 5.65
N VAL A 115 -2.16 -7.08 4.79
CA VAL A 115 -1.50 -7.97 3.84
C VAL A 115 -0.74 -9.07 4.57
N LYS A 116 0.04 -8.71 5.59
CA LYS A 116 0.76 -9.69 6.36
C LYS A 116 -0.12 -10.26 7.47
N LEU A 117 -1.35 -9.79 7.53
CA LEU A 117 -2.35 -10.38 8.40
C LEU A 117 -2.96 -11.61 7.75
N GLU A 118 -2.94 -11.61 6.41
CA GLU A 118 -3.43 -12.76 5.65
C GLU A 118 -2.62 -14.01 5.95
N GLY A 119 -1.39 -13.82 6.42
CA GLY A 119 -0.55 -14.96 6.75
C GLY A 119 0.67 -15.04 5.86
N HIS A 120 0.92 -14.00 5.08
CA HIS A 120 2.13 -13.94 4.28
C HIS A 120 2.86 -12.63 4.56
N GLU A 121 4.16 -12.71 4.77
CA GLU A 121 4.96 -11.52 5.04
C GLU A 121 5.25 -10.75 3.77
N LEU A 122 5.65 -9.49 3.92
CA LEU A 122 5.95 -8.64 2.78
C LEU A 122 7.21 -9.07 2.08
N PRO A 123 7.20 -8.91 0.75
CA PRO A 123 8.26 -9.38 -0.15
C PRO A 123 9.49 -8.48 -0.16
N ALA A 124 9.39 -7.35 0.54
CA ALA A 124 10.41 -6.29 0.48
C ALA A 124 10.48 -5.73 -0.94
N ASP A 125 9.41 -5.97 -1.70
CA ASP A 125 9.29 -5.51 -3.06
C ASP A 125 8.07 -4.61 -3.17
N LEU A 126 8.16 -3.61 -4.01
CA LEU A 126 7.09 -2.65 -4.15
C LEU A 126 6.49 -2.73 -5.56
N PRO A 127 5.29 -3.34 -5.68
CA PRO A 127 4.62 -3.54 -6.95
C PRO A 127 3.75 -2.34 -7.32
N PRO A 128 3.62 -2.04 -8.62
CA PRO A 128 2.82 -0.91 -9.10
C PRO A 128 1.37 -0.92 -8.61
N HIS A 129 0.82 -2.12 -8.38
CA HIS A 129 -0.56 -2.22 -7.88
C HIS A 129 -0.61 -2.02 -6.37
N LEU A 130 0.39 -1.35 -5.81
CA LEU A 130 0.38 -1.06 -4.39
C LEU A 130 1.11 0.23 -4.07
N VAL A 131 1.49 0.98 -5.09
CA VAL A 131 2.19 2.23 -4.83
C VAL A 131 1.18 3.37 -4.76
N PRO A 132 1.26 4.23 -3.73
CA PRO A 132 0.28 5.30 -3.52
C PRO A 132 0.18 6.24 -4.73
N PRO A 133 -1.04 6.71 -5.03
CA PRO A 133 -1.35 7.59 -6.18
C PRO A 133 -0.39 8.76 -6.40
N SER A 134 0.30 9.22 -5.36
CA SER A 134 1.21 10.34 -5.50
C SER A 134 2.58 9.91 -6.05
N LYS A 135 2.95 8.65 -5.87
CA LYS A 135 4.28 8.18 -6.26
C LYS A 135 4.23 7.08 -7.31
N ARG A 136 3.11 6.95 -7.98
CA ARG A 136 3.00 6.05 -9.12
C ARG A 136 3.72 6.64 -10.32
N ARG A 137 5.05 6.65 -10.25
CA ARG A 137 5.86 7.23 -11.30
C ARG A 137 7.28 6.66 -11.26
N HIS A 138 7.64 5.93 -12.31
CA HIS A 138 9.00 5.41 -12.45
C HIS A 138 9.82 6.38 -13.28
N GLU A 139 10.77 7.02 -12.63
CA GLU A 139 11.59 8.03 -13.28
C GLU A 139 13.07 7.75 -13.02
N GLY A 1 3.93 21.60 41.93
CA GLY A 1 3.94 20.20 41.43
C GLY A 1 2.57 19.73 40.97
N PRO A 2 2.01 18.71 41.63
CA PRO A 2 0.72 18.13 41.24
C PRO A 2 -0.45 19.10 41.37
N LEU A 3 -0.65 19.63 42.58
CA LEU A 3 -1.77 20.51 42.83
C LEU A 3 -1.39 21.96 42.53
N GLY A 4 -2.35 22.73 42.04
CA GLY A 4 -2.12 24.13 41.74
C GLY A 4 -2.18 24.43 40.26
N SER A 5 -2.11 23.39 39.45
CA SER A 5 -2.16 23.56 38.01
C SER A 5 -3.60 23.67 37.52
N GLU A 6 -4.02 24.88 37.22
CA GLU A 6 -5.35 25.14 36.69
C GLU A 6 -5.50 24.49 35.32
N SER A 7 -6.63 23.83 35.08
CA SER A 7 -6.83 23.11 33.83
C SER A 7 -7.46 24.01 32.78
N LEU A 8 -6.71 24.29 31.73
CA LEU A 8 -7.21 25.09 30.61
C LEU A 8 -6.94 24.36 29.30
N MET A 9 -7.90 24.42 28.39
CA MET A 9 -7.74 23.78 27.08
C MET A 9 -6.98 24.71 26.14
N PRO A 10 -5.96 24.17 25.45
CA PRO A 10 -5.04 24.96 24.61
C PRO A 10 -5.76 25.87 23.60
N SER A 11 -6.33 25.27 22.58
CA SER A 11 -7.05 26.02 21.56
C SER A 11 -8.53 26.10 21.89
N GLN A 12 -8.90 27.12 22.65
CA GLN A 12 -10.29 27.33 23.02
C GLN A 12 -10.87 28.48 22.20
N VAL A 13 -11.51 28.12 21.09
CA VAL A 13 -12.12 29.10 20.22
C VAL A 13 -13.63 28.81 20.11
N VAL A 14 -14.43 29.86 20.18
CA VAL A 14 -15.87 29.68 20.15
C VAL A 14 -16.49 30.41 18.94
N LYS A 15 -17.01 29.62 18.01
CA LYS A 15 -17.73 30.17 16.86
C LYS A 15 -19.22 30.03 17.10
N GLY A 16 -19.75 30.90 17.95
CA GLY A 16 -21.14 30.78 18.37
C GLY A 16 -22.11 31.20 17.30
N GLY A 17 -22.76 30.22 16.68
CA GLY A 17 -23.78 30.49 15.68
C GLY A 17 -23.24 31.20 14.45
N ALA A 18 -21.96 31.00 14.19
CA ALA A 18 -21.32 31.61 13.04
C ALA A 18 -20.63 30.56 12.18
N PHE A 19 -21.00 30.51 10.91
CA PHE A 19 -20.44 29.54 9.98
C PHE A 19 -19.10 30.05 9.44
N ASP A 20 -18.02 29.45 9.91
CA ASP A 20 -16.69 29.78 9.44
C ASP A 20 -16.34 28.86 8.26
N GLY A 21 -16.61 29.33 7.06
CA GLY A 21 -16.44 28.50 5.89
C GLY A 21 -15.25 28.90 5.06
N THR A 22 -14.40 27.94 4.76
CA THR A 22 -13.25 28.19 3.91
C THR A 22 -12.92 26.93 3.10
N MET A 23 -13.25 26.96 1.81
CA MET A 23 -12.96 25.85 0.92
C MET A 23 -12.87 26.36 -0.52
N ASN A 24 -11.69 26.17 -1.12
CA ASN A 24 -11.48 26.57 -2.51
C ASN A 24 -11.33 25.33 -3.37
N GLY A 25 -12.03 25.31 -4.50
CA GLY A 25 -12.01 24.15 -5.38
C GLY A 25 -13.33 23.36 -5.48
N PRO A 26 -14.51 23.85 -5.00
CA PRO A 26 -15.75 23.08 -5.11
C PRO A 26 -16.26 23.05 -6.54
N PHE A 27 -16.49 24.22 -7.11
CA PHE A 27 -16.93 24.34 -8.49
C PHE A 27 -16.01 25.28 -9.24
N GLY A 28 -15.73 24.95 -10.49
CA GLY A 28 -14.88 25.81 -11.30
C GLY A 28 -15.67 26.51 -12.36
N HIS A 29 -15.06 27.49 -13.02
CA HIS A 29 -15.71 28.19 -14.11
C HIS A 29 -15.63 27.37 -15.39
N GLY A 30 -16.45 27.70 -16.37
CA GLY A 30 -16.52 26.94 -17.61
C GLY A 30 -15.20 26.85 -18.35
N TYR A 31 -14.49 25.75 -18.15
CA TYR A 31 -13.25 25.50 -18.86
C TYR A 31 -13.47 24.49 -19.98
N GLY A 32 -12.47 24.30 -20.83
CA GLY A 32 -12.62 23.45 -21.99
C GLY A 32 -12.95 22.01 -21.62
N GLU A 33 -13.89 21.42 -22.35
CA GLU A 33 -14.29 20.03 -22.12
C GLU A 33 -13.12 19.08 -22.33
N GLY A 34 -12.91 18.18 -21.38
CA GLY A 34 -11.75 17.34 -21.40
C GLY A 34 -12.05 15.91 -21.80
N ALA A 35 -11.22 15.36 -22.67
CA ALA A 35 -11.35 13.98 -23.10
C ALA A 35 -10.46 13.08 -22.24
N GLY A 36 -10.75 11.78 -22.26
CA GLY A 36 -9.95 10.83 -21.49
C GLY A 36 -8.60 10.55 -22.12
N GLU A 37 -7.56 11.15 -21.54
CA GLU A 37 -6.20 10.92 -22.01
C GLU A 37 -5.56 9.80 -21.20
N GLY A 38 -4.30 9.49 -21.45
CA GLY A 38 -3.65 8.43 -20.72
C GLY A 38 -3.22 8.86 -19.34
N ILE A 39 -4.22 9.04 -18.50
CA ILE A 39 -4.00 9.30 -17.10
C ILE A 39 -3.35 8.09 -16.47
N ASP A 40 -2.67 8.28 -15.36
CA ASP A 40 -1.98 7.19 -14.70
C ASP A 40 -2.98 6.26 -14.03
N ASP A 41 -3.56 5.39 -14.86
CA ASP A 41 -4.53 4.41 -14.42
C ASP A 41 -3.91 3.50 -13.37
N VAL A 42 -4.26 3.73 -12.12
CA VAL A 42 -3.77 2.90 -11.03
C VAL A 42 -4.90 2.12 -10.38
N GLU A 43 -4.96 0.83 -10.69
CA GLU A 43 -5.95 -0.06 -10.09
C GLU A 43 -5.34 -0.74 -8.87
N TRP A 44 -5.55 -0.13 -7.72
CA TRP A 44 -5.02 -0.66 -6.46
C TRP A 44 -6.15 -0.85 -5.46
N VAL A 45 -6.05 -1.95 -4.73
CA VAL A 45 -7.03 -2.33 -3.71
C VAL A 45 -7.13 -1.28 -2.58
N VAL A 46 -6.20 -0.34 -2.52
CA VAL A 46 -6.26 0.69 -1.49
C VAL A 46 -7.22 1.80 -1.87
N GLY A 47 -7.57 1.89 -3.15
CA GLY A 47 -8.54 2.88 -3.57
C GLY A 47 -9.90 2.64 -2.96
N LYS A 48 -10.10 1.42 -2.46
CA LYS A 48 -11.35 1.06 -1.79
C LYS A 48 -11.16 0.93 -0.28
N ASP A 49 -9.95 0.55 0.14
CA ASP A 49 -9.67 0.29 1.56
C ASP A 49 -9.22 1.57 2.26
N LYS A 50 -8.93 2.59 1.46
CA LYS A 50 -8.39 3.86 1.92
C LYS A 50 -9.19 4.44 3.09
N PRO A 51 -10.54 4.57 2.97
CA PRO A 51 -11.38 5.16 4.03
C PRO A 51 -11.14 4.56 5.41
N THR A 52 -10.87 3.26 5.47
CA THR A 52 -10.67 2.59 6.73
C THR A 52 -9.32 2.98 7.34
N TYR A 53 -8.33 3.08 6.49
CA TYR A 53 -7.00 3.44 6.95
C TYR A 53 -6.95 4.93 7.21
N ASP A 54 -7.84 5.65 6.56
CA ASP A 54 -7.96 7.09 6.68
C ASP A 54 -8.75 7.46 7.95
N GLU A 55 -9.72 6.63 8.31
CA GLU A 55 -10.47 6.85 9.54
C GLU A 55 -9.59 6.62 10.74
N ILE A 56 -8.68 5.63 10.64
CA ILE A 56 -7.71 5.42 11.69
C ILE A 56 -6.68 6.55 11.67
N PHE A 57 -6.46 7.08 10.47
CA PHE A 57 -5.54 8.20 10.25
C PHE A 57 -5.99 9.45 11.02
N TYR A 58 -7.21 9.91 10.75
CA TYR A 58 -7.75 11.09 11.43
C TYR A 58 -7.91 10.81 12.93
N THR A 59 -8.00 9.54 13.28
CA THR A 59 -8.16 9.11 14.67
C THR A 59 -6.85 9.29 15.47
N LEU A 60 -5.72 9.13 14.79
CA LEU A 60 -4.43 9.27 15.45
C LEU A 60 -3.97 10.72 15.52
N SER A 61 -4.83 11.61 15.01
CA SER A 61 -4.57 13.05 15.01
C SER A 61 -3.46 13.41 14.02
N PRO A 62 -3.83 13.61 12.74
CA PRO A 62 -2.89 13.99 11.70
C PRO A 62 -2.60 15.49 11.69
N VAL A 63 -1.33 15.83 11.79
CA VAL A 63 -0.92 17.22 11.82
C VAL A 63 -0.71 17.73 10.39
N ASN A 64 -1.60 18.60 9.93
CA ASN A 64 -1.50 19.18 8.58
C ASN A 64 -1.71 18.12 7.51
N GLY A 65 -2.38 17.03 7.86
CA GLY A 65 -2.81 16.06 6.87
C GLY A 65 -1.83 14.91 6.70
N LYS A 66 -1.08 14.60 7.74
CA LYS A 66 -0.23 13.43 7.75
C LYS A 66 0.20 13.11 9.17
N ILE A 67 0.37 11.84 9.47
CA ILE A 67 0.78 11.44 10.80
C ILE A 67 2.28 11.47 10.92
N THR A 68 2.75 11.99 12.03
CA THR A 68 4.15 11.90 12.38
C THR A 68 4.50 10.43 12.48
N GLY A 69 5.50 10.01 11.72
CA GLY A 69 5.77 8.59 11.55
C GLY A 69 5.78 7.79 12.85
N ALA A 70 6.19 8.44 13.93
CA ALA A 70 6.13 7.84 15.26
C ALA A 70 4.80 7.12 15.52
N ASN A 71 3.66 7.79 15.29
CA ASN A 71 2.36 7.22 15.64
C ASN A 71 2.02 6.06 14.70
N ALA A 72 2.49 6.16 13.47
CA ALA A 72 2.30 5.08 12.51
C ALA A 72 3.16 3.90 12.87
N LYS A 73 4.31 4.20 13.46
CA LYS A 73 5.20 3.18 13.96
C LYS A 73 4.56 2.50 15.15
N LYS A 74 3.84 3.28 15.95
CA LYS A 74 3.09 2.74 17.07
C LYS A 74 2.08 1.72 16.57
N GLU A 75 1.35 2.12 15.54
CA GLU A 75 0.35 1.26 14.90
C GLU A 75 0.94 -0.07 14.44
N MET A 76 2.03 -0.01 13.69
CA MET A 76 2.65 -1.23 13.21
C MET A 76 3.29 -2.00 14.35
N VAL A 77 3.75 -1.30 15.38
CA VAL A 77 4.30 -1.94 16.58
C VAL A 77 3.23 -2.75 17.30
N LYS A 78 2.04 -2.16 17.48
CA LYS A 78 0.95 -2.83 18.19
C LYS A 78 0.36 -3.94 17.33
N SER A 79 0.70 -3.92 16.04
CA SER A 79 0.44 -5.04 15.15
C SER A 79 1.27 -6.25 15.58
N LYS A 80 2.26 -6.02 16.46
CA LYS A 80 2.94 -7.08 17.21
C LYS A 80 3.87 -7.89 16.32
N LEU A 81 4.55 -7.21 15.42
CA LEU A 81 5.46 -7.86 14.50
C LEU A 81 6.89 -7.67 14.95
N PRO A 82 7.81 -8.52 14.48
CA PRO A 82 9.24 -8.34 14.72
C PRO A 82 9.74 -7.10 14.00
N ASN A 83 10.81 -6.52 14.53
CA ASN A 83 11.41 -5.30 13.96
C ASN A 83 11.67 -5.44 12.45
N THR A 84 11.96 -6.66 12.02
CA THR A 84 12.20 -6.93 10.60
C THR A 84 10.95 -6.57 9.77
N VAL A 85 9.82 -7.16 10.14
CA VAL A 85 8.56 -6.92 9.45
C VAL A 85 8.19 -5.44 9.56
N LEU A 86 8.35 -4.88 10.75
CA LEU A 86 8.02 -3.47 10.99
C LEU A 86 8.83 -2.54 10.11
N GLY A 87 10.15 -2.75 10.12
CA GLY A 87 11.04 -1.92 9.34
C GLY A 87 10.65 -1.93 7.89
N LYS A 88 10.29 -3.09 7.38
CA LYS A 88 9.93 -3.19 5.99
C LYS A 88 8.45 -2.88 5.77
N ILE A 89 7.64 -2.85 6.85
CA ILE A 89 6.27 -2.36 6.72
C ILE A 89 6.31 -0.87 6.51
N TRP A 90 7.16 -0.20 7.30
CA TRP A 90 7.32 1.23 7.17
C TRP A 90 7.81 1.60 5.78
N LYS A 91 8.95 1.03 5.40
CA LYS A 91 9.64 1.46 4.20
C LYS A 91 8.91 1.02 2.95
N LEU A 92 8.07 0.00 3.06
CA LEU A 92 7.27 -0.43 1.93
C LEU A 92 5.98 0.40 1.87
N ALA A 93 5.63 1.03 2.98
CA ALA A 93 4.42 1.84 3.04
C ALA A 93 4.73 3.30 2.73
N ASP A 94 5.80 3.79 3.34
CA ASP A 94 6.29 5.12 3.03
C ASP A 94 7.25 5.00 1.86
N VAL A 95 6.67 4.80 0.69
CA VAL A 95 7.43 4.68 -0.55
C VAL A 95 8.05 6.02 -0.92
N ASP A 96 7.65 7.04 -0.17
CA ASP A 96 8.19 8.38 -0.32
C ASP A 96 9.36 8.58 0.66
N LYS A 97 9.31 7.83 1.75
CA LYS A 97 10.43 7.72 2.70
C LYS A 97 10.81 9.06 3.29
N ASP A 98 9.96 9.53 4.18
CA ASP A 98 10.09 10.87 4.71
C ASP A 98 10.06 10.89 6.25
N GLY A 99 9.49 9.86 6.85
CA GLY A 99 9.42 9.82 8.31
C GLY A 99 8.04 10.13 8.84
N LEU A 100 7.08 10.25 7.94
CA LEU A 100 5.68 10.43 8.28
C LEU A 100 4.83 9.63 7.29
N LEU A 101 3.51 9.75 7.39
CA LEU A 101 2.62 8.99 6.54
C LEU A 101 1.36 9.81 6.38
N ASP A 102 1.10 10.29 5.20
CA ASP A 102 -0.11 11.05 4.98
C ASP A 102 -1.31 10.10 4.89
N ASP A 103 -2.49 10.62 4.61
CA ASP A 103 -3.71 9.80 4.63
C ASP A 103 -3.60 8.61 3.69
N GLU A 104 -2.90 8.79 2.59
CA GLU A 104 -2.74 7.73 1.61
C GLU A 104 -1.58 6.82 1.98
N GLU A 105 -0.61 7.40 2.67
CA GLU A 105 0.55 6.64 3.11
C GLU A 105 0.19 5.76 4.31
N PHE A 106 -0.72 6.23 5.16
CA PHE A 106 -1.28 5.41 6.22
C PHE A 106 -2.10 4.31 5.57
N ALA A 107 -2.83 4.67 4.51
CA ALA A 107 -3.58 3.69 3.74
C ALA A 107 -2.67 2.53 3.33
N LEU A 108 -1.49 2.84 2.83
CA LEU A 108 -0.53 1.82 2.43
C LEU A 108 -0.03 1.07 3.67
N ALA A 109 0.38 1.82 4.68
CA ALA A 109 0.90 1.24 5.93
C ALA A 109 -0.03 0.17 6.50
N ASN A 110 -1.28 0.55 6.75
CA ASN A 110 -2.24 -0.34 7.39
C ASN A 110 -2.63 -1.47 6.44
N HIS A 111 -2.58 -1.18 5.14
CA HIS A 111 -2.92 -2.18 4.14
C HIS A 111 -1.84 -3.25 4.09
N LEU A 112 -0.60 -2.86 4.28
CA LEU A 112 0.49 -3.82 4.37
C LEU A 112 0.37 -4.63 5.65
N ILE A 113 -0.07 -3.98 6.72
CA ILE A 113 -0.39 -4.67 7.96
C ILE A 113 -1.46 -5.75 7.75
N LYS A 114 -2.53 -5.44 7.02
CA LYS A 114 -3.53 -6.46 6.73
C LYS A 114 -2.96 -7.54 5.82
N VAL A 115 -2.06 -7.15 4.92
CA VAL A 115 -1.40 -8.11 4.02
C VAL A 115 -0.57 -9.11 4.82
N LYS A 116 0.18 -8.61 5.80
CA LYS A 116 0.94 -9.47 6.69
C LYS A 116 0.02 -10.14 7.71
N LEU A 117 -1.24 -9.72 7.72
CA LEU A 117 -2.27 -10.37 8.53
C LEU A 117 -2.95 -11.47 7.72
N GLU A 118 -2.76 -11.42 6.41
CA GLU A 118 -3.34 -12.40 5.50
C GLU A 118 -2.51 -13.68 5.48
N GLY A 119 -1.46 -13.71 6.29
CA GLY A 119 -0.74 -14.94 6.50
C GLY A 119 0.61 -14.95 5.82
N HIS A 120 1.00 -13.83 5.25
CA HIS A 120 2.29 -13.76 4.58
C HIS A 120 2.96 -12.42 4.83
N GLU A 121 4.25 -12.47 5.09
CA GLU A 121 5.07 -11.28 5.29
C GLU A 121 5.28 -10.53 3.97
N LEU A 122 5.71 -9.28 4.08
CA LEU A 122 5.91 -8.43 2.91
C LEU A 122 7.16 -8.86 2.14
N PRO A 123 7.12 -8.75 0.80
CA PRO A 123 8.17 -9.26 -0.09
C PRO A 123 9.36 -8.33 -0.23
N ALA A 124 9.29 -7.18 0.44
CA ALA A 124 10.27 -6.09 0.27
C ALA A 124 10.22 -5.57 -1.16
N ASP A 125 9.12 -5.88 -1.83
CA ASP A 125 8.91 -5.48 -3.21
C ASP A 125 7.71 -4.55 -3.27
N LEU A 126 7.72 -3.66 -4.24
CA LEU A 126 6.66 -2.68 -4.37
C LEU A 126 6.06 -2.78 -5.77
N PRO A 127 4.88 -3.39 -5.87
CA PRO A 127 4.21 -3.63 -7.14
C PRO A 127 3.54 -2.38 -7.70
N PRO A 128 3.49 -2.25 -9.04
CA PRO A 128 2.83 -1.12 -9.72
C PRO A 128 1.39 -0.93 -9.27
N HIS A 129 0.70 -2.03 -8.99
CA HIS A 129 -0.69 -1.93 -8.54
C HIS A 129 -0.76 -1.64 -7.03
N LEU A 130 0.35 -1.15 -6.48
CA LEU A 130 0.38 -0.68 -5.08
C LEU A 130 1.20 0.61 -4.96
N VAL A 131 1.44 1.29 -6.09
CA VAL A 131 2.21 2.53 -6.04
C VAL A 131 1.34 3.67 -5.55
N PRO A 132 1.67 4.25 -4.39
CA PRO A 132 0.94 5.38 -3.84
C PRO A 132 1.09 6.64 -4.70
N PRO A 133 -0.02 7.12 -5.28
CA PRO A 133 -0.02 8.36 -6.06
C PRO A 133 0.60 9.54 -5.31
N SER A 134 0.59 9.46 -3.98
CA SER A 134 1.20 10.49 -3.14
C SER A 134 2.68 10.68 -3.50
N LYS A 135 3.36 9.59 -3.91
CA LYS A 135 4.77 9.71 -4.30
C LYS A 135 4.90 9.75 -5.81
N ARG A 136 3.77 9.77 -6.50
CA ARG A 136 3.77 9.88 -7.94
C ARG A 136 3.61 11.33 -8.37
N ARG A 137 4.64 12.13 -8.13
CA ARG A 137 4.65 13.52 -8.54
C ARG A 137 5.07 13.64 -9.98
N HIS A 138 4.11 13.84 -10.86
CA HIS A 138 4.42 14.14 -12.25
C HIS A 138 4.32 15.63 -12.46
N GLU A 139 5.45 16.31 -12.37
CA GLU A 139 5.51 17.74 -12.59
C GLU A 139 6.30 18.05 -13.84
N GLY A 1 56.12 -17.87 -30.52
CA GLY A 1 55.17 -17.43 -29.46
C GLY A 1 54.76 -15.99 -29.63
N PRO A 2 53.80 -15.50 -28.82
CA PRO A 2 53.39 -14.10 -28.84
C PRO A 2 54.49 -13.19 -28.30
N LEU A 3 55.06 -12.37 -29.17
CA LEU A 3 56.13 -11.47 -28.78
C LEU A 3 55.68 -10.01 -28.90
N GLY A 4 55.49 -9.37 -27.76
CA GLY A 4 55.12 -7.96 -27.75
C GLY A 4 53.62 -7.77 -27.67
N SER A 5 52.91 -8.89 -27.53
CA SER A 5 51.46 -8.86 -27.48
C SER A 5 50.97 -8.36 -26.13
N GLU A 6 50.06 -7.40 -26.17
CA GLU A 6 49.50 -6.82 -24.97
C GLU A 6 48.62 -7.82 -24.23
N SER A 7 49.04 -8.17 -23.02
CA SER A 7 48.26 -9.05 -22.17
C SER A 7 47.08 -8.30 -21.58
N LEU A 8 45.90 -8.61 -22.08
CA LEU A 8 44.69 -7.95 -21.62
C LEU A 8 44.14 -8.62 -20.38
N MET A 9 43.75 -7.81 -19.41
CA MET A 9 43.15 -8.32 -18.18
C MET A 9 41.64 -8.17 -18.22
N PRO A 10 40.90 -9.28 -18.14
CA PRO A 10 39.43 -9.26 -18.11
C PRO A 10 38.92 -8.39 -16.97
N SER A 11 38.32 -7.27 -17.32
CA SER A 11 37.84 -6.33 -16.33
C SER A 11 36.46 -6.72 -15.84
N GLN A 12 36.43 -7.55 -14.80
CA GLN A 12 35.18 -7.96 -14.19
C GLN A 12 34.82 -7.01 -13.07
N VAL A 13 33.96 -6.05 -13.37
CA VAL A 13 33.60 -5.03 -12.41
C VAL A 13 32.40 -5.43 -11.58
N VAL A 14 32.56 -5.37 -10.26
CA VAL A 14 31.43 -5.60 -9.37
C VAL A 14 30.63 -4.32 -9.28
N LYS A 15 29.60 -4.26 -10.10
CA LYS A 15 28.81 -3.05 -10.27
C LYS A 15 27.44 -3.20 -9.63
N GLY A 16 26.93 -2.13 -9.05
CA GLY A 16 25.58 -2.15 -8.52
C GLY A 16 24.59 -2.23 -9.66
N GLY A 17 23.66 -3.16 -9.55
CA GLY A 17 22.71 -3.37 -10.62
C GLY A 17 23.24 -4.40 -11.61
N ALA A 18 24.03 -5.34 -11.09
CA ALA A 18 24.59 -6.39 -11.91
C ALA A 18 23.49 -7.27 -12.51
N PHE A 19 23.49 -7.37 -13.83
CA PHE A 19 22.46 -8.12 -14.54
C PHE A 19 22.86 -9.58 -14.66
N ASP A 20 21.97 -10.48 -14.27
CA ASP A 20 22.24 -11.91 -14.33
C ASP A 20 22.23 -12.41 -15.76
N GLY A 21 23.37 -12.90 -16.22
CA GLY A 21 23.46 -13.44 -17.55
C GLY A 21 23.52 -14.96 -17.52
N THR A 22 22.43 -15.57 -17.11
CA THR A 22 22.37 -17.03 -16.98
C THR A 22 22.03 -17.68 -18.32
N MET A 23 22.47 -18.91 -18.49
CA MET A 23 22.18 -19.66 -19.71
C MET A 23 21.21 -20.79 -19.39
N ASN A 24 20.25 -21.01 -20.28
CA ASN A 24 19.20 -21.99 -20.03
C ASN A 24 19.47 -23.27 -20.80
N GLY A 25 19.18 -24.41 -20.18
CA GLY A 25 19.43 -25.68 -20.80
C GLY A 25 20.49 -26.58 -20.11
N PRO A 26 21.10 -26.22 -18.95
CA PRO A 26 22.10 -27.08 -18.31
C PRO A 26 21.47 -28.19 -17.46
N PHE A 27 20.21 -28.01 -17.10
CA PHE A 27 19.50 -28.98 -16.30
C PHE A 27 18.19 -29.35 -16.99
N GLY A 28 17.69 -30.55 -16.71
CA GLY A 28 16.43 -30.98 -17.29
C GLY A 28 15.26 -30.18 -16.74
N HIS A 29 14.61 -29.45 -17.63
CA HIS A 29 13.53 -28.56 -17.21
C HIS A 29 12.32 -28.79 -18.10
N GLY A 30 11.13 -28.52 -17.56
CA GLY A 30 9.89 -28.62 -18.31
C GLY A 30 9.84 -27.64 -19.47
N TYR A 31 8.67 -27.57 -20.11
CA TYR A 31 8.48 -26.73 -21.28
C TYR A 31 8.74 -25.26 -20.96
N GLY A 32 8.84 -24.44 -21.99
CA GLY A 32 9.11 -23.03 -21.82
C GLY A 32 8.07 -22.34 -20.95
N GLU A 33 8.46 -22.00 -19.74
CA GLU A 33 7.57 -21.35 -18.78
C GLU A 33 7.49 -19.87 -19.07
N GLY A 34 6.29 -19.42 -19.42
CA GLY A 34 6.08 -18.02 -19.73
C GLY A 34 5.80 -17.19 -18.50
N ALA A 35 6.58 -16.13 -18.34
CA ALA A 35 6.40 -15.22 -17.23
C ALA A 35 5.51 -14.06 -17.65
N GLY A 36 4.97 -13.35 -16.67
CA GLY A 36 4.12 -12.21 -16.96
C GLY A 36 4.78 -10.91 -16.56
N GLU A 37 5.05 -10.07 -17.55
CA GLU A 37 5.65 -8.78 -17.31
C GLU A 37 4.58 -7.77 -16.86
N GLY A 38 5.00 -6.54 -16.61
CA GLY A 38 4.10 -5.57 -16.04
C GLY A 38 3.21 -4.92 -17.07
N ILE A 39 2.26 -5.68 -17.57
CA ILE A 39 1.20 -5.13 -18.37
C ILE A 39 0.28 -4.34 -17.46
N ASP A 40 -0.45 -3.37 -18.00
CA ASP A 40 -1.26 -2.50 -17.18
C ASP A 40 -2.52 -3.21 -16.69
N ASP A 41 -2.32 -4.11 -15.74
CA ASP A 41 -3.40 -4.75 -15.01
C ASP A 41 -3.35 -4.24 -13.58
N VAL A 42 -3.90 -3.06 -13.37
CA VAL A 42 -3.74 -2.35 -12.11
C VAL A 42 -5.06 -2.10 -11.41
N GLU A 43 -5.26 -2.80 -10.30
CA GLU A 43 -6.34 -2.50 -9.38
C GLU A 43 -5.81 -2.67 -7.97
N TRP A 44 -5.52 -1.58 -7.31
CA TRP A 44 -5.01 -1.66 -5.95
C TRP A 44 -6.16 -1.74 -4.97
N VAL A 45 -6.04 -2.67 -4.05
CA VAL A 45 -7.06 -2.94 -3.05
C VAL A 45 -7.16 -1.79 -2.04
N VAL A 46 -6.26 -0.81 -2.13
CA VAL A 46 -6.33 0.35 -1.25
C VAL A 46 -7.30 1.39 -1.77
N GLY A 47 -7.50 1.45 -3.08
CA GLY A 47 -8.43 2.41 -3.62
C GLY A 47 -9.85 2.20 -3.09
N LYS A 48 -10.10 1.00 -2.58
CA LYS A 48 -11.39 0.67 -2.01
C LYS A 48 -11.37 0.71 -0.48
N ASP A 49 -10.21 0.45 0.12
CA ASP A 49 -10.13 0.29 1.57
C ASP A 49 -9.45 1.52 2.20
N LYS A 50 -9.20 2.51 1.36
CA LYS A 50 -8.53 3.74 1.76
C LYS A 50 -9.29 4.48 2.86
N PRO A 51 -10.63 4.66 2.74
CA PRO A 51 -11.40 5.40 3.76
C PRO A 51 -11.32 4.75 5.13
N THR A 52 -11.02 3.46 5.16
CA THR A 52 -10.89 2.74 6.41
C THR A 52 -9.54 3.05 7.06
N TYR A 53 -8.52 3.19 6.25
CA TYR A 53 -7.22 3.53 6.79
C TYR A 53 -7.15 5.02 7.07
N ASP A 54 -7.96 5.76 6.34
CA ASP A 54 -8.03 7.21 6.49
C ASP A 54 -8.83 7.57 7.74
N GLU A 55 -9.85 6.77 8.05
CA GLU A 55 -10.61 6.97 9.27
C GLU A 55 -9.71 6.70 10.47
N ILE A 56 -8.90 5.64 10.39
CA ILE A 56 -7.93 5.37 11.46
C ILE A 56 -6.87 6.47 11.48
N PHE A 57 -6.57 7.00 10.29
CA PHE A 57 -5.62 8.08 10.12
C PHE A 57 -5.99 9.31 10.94
N TYR A 58 -7.21 9.82 10.76
CA TYR A 58 -7.66 10.96 11.53
C TYR A 58 -7.88 10.59 12.98
N THR A 59 -8.09 9.31 13.22
CA THR A 59 -8.28 8.79 14.56
C THR A 59 -6.96 8.84 15.35
N LEU A 60 -5.84 8.89 14.64
CA LEU A 60 -4.53 8.97 15.28
C LEU A 60 -4.12 10.43 15.53
N SER A 61 -5.00 11.36 15.12
CA SER A 61 -4.73 12.80 15.23
C SER A 61 -3.55 13.21 14.35
N PRO A 62 -3.80 13.41 13.04
CA PRO A 62 -2.78 13.85 12.11
C PRO A 62 -2.55 15.36 12.19
N VAL A 63 -1.46 15.84 11.61
CA VAL A 63 -1.14 17.24 11.67
C VAL A 63 -0.72 17.75 10.31
N ASN A 64 -1.46 18.71 9.79
CA ASN A 64 -1.17 19.31 8.49
C ASN A 64 -1.40 18.27 7.38
N GLY A 65 -2.21 17.26 7.68
CA GLY A 65 -2.63 16.32 6.67
C GLY A 65 -1.76 15.08 6.56
N LYS A 66 -1.09 14.70 7.65
CA LYS A 66 -0.32 13.46 7.67
C LYS A 66 0.06 13.10 9.11
N ILE A 67 0.34 11.84 9.36
CA ILE A 67 0.78 11.42 10.69
C ILE A 67 2.28 11.45 10.77
N THR A 68 2.79 12.11 11.80
CA THR A 68 4.22 12.21 12.00
C THR A 68 4.80 10.88 12.45
N GLY A 69 5.06 10.05 11.46
CA GLY A 69 5.85 8.82 11.57
C GLY A 69 5.57 7.97 12.78
N ALA A 70 6.08 8.38 13.93
CA ALA A 70 5.96 7.62 15.19
C ALA A 70 4.54 7.10 15.44
N ASN A 71 3.54 7.81 14.94
CA ASN A 71 2.14 7.39 15.11
C ASN A 71 1.85 6.17 14.25
N ALA A 72 2.34 6.19 13.02
CA ALA A 72 2.18 5.06 12.12
C ALA A 72 3.06 3.91 12.57
N LYS A 73 4.21 4.25 13.11
CA LYS A 73 5.10 3.27 13.70
C LYS A 73 4.43 2.63 14.90
N LYS A 74 3.72 3.44 15.66
CA LYS A 74 2.92 2.98 16.79
C LYS A 74 1.97 1.89 16.35
N GLU A 75 1.29 2.18 15.24
CA GLU A 75 0.32 1.25 14.67
C GLU A 75 0.97 -0.08 14.28
N MET A 76 2.08 -0.02 13.56
CA MET A 76 2.78 -1.23 13.15
C MET A 76 3.43 -1.92 14.35
N VAL A 77 3.56 -1.20 15.46
CA VAL A 77 4.00 -1.80 16.74
C VAL A 77 2.87 -2.62 17.36
N LYS A 78 1.69 -2.01 17.48
CA LYS A 78 0.54 -2.66 18.10
C LYS A 78 0.04 -3.81 17.24
N SER A 79 0.54 -3.88 16.01
CA SER A 79 0.28 -5.00 15.13
C SER A 79 0.99 -6.27 15.64
N LYS A 80 1.83 -6.07 16.68
CA LYS A 80 2.54 -7.16 17.34
C LYS A 80 3.53 -7.81 16.40
N LEU A 81 4.58 -7.06 16.06
CA LEU A 81 5.56 -7.51 15.09
C LEU A 81 6.96 -7.34 15.65
N PRO A 82 7.93 -8.07 15.10
CA PRO A 82 9.34 -7.82 15.36
C PRO A 82 9.82 -6.59 14.59
N ASN A 83 10.98 -6.07 14.98
CA ASN A 83 11.52 -4.86 14.37
C ASN A 83 11.84 -5.07 12.90
N THR A 84 12.10 -6.32 12.54
CA THR A 84 12.36 -6.67 11.16
C THR A 84 11.14 -6.37 10.28
N VAL A 85 10.00 -6.91 10.68
CA VAL A 85 8.75 -6.69 9.97
C VAL A 85 8.36 -5.23 10.00
N LEU A 86 8.45 -4.62 11.18
CA LEU A 86 8.17 -3.19 11.34
C LEU A 86 8.99 -2.35 10.38
N GLY A 87 10.30 -2.56 10.40
CA GLY A 87 11.20 -1.77 9.59
C GLY A 87 10.91 -1.91 8.11
N LYS A 88 10.51 -3.11 7.69
CA LYS A 88 10.30 -3.33 6.27
C LYS A 88 8.88 -2.99 5.86
N ILE A 89 7.97 -2.96 6.82
CA ILE A 89 6.63 -2.45 6.56
C ILE A 89 6.70 -0.95 6.35
N TRP A 90 7.48 -0.27 7.20
CA TRP A 90 7.69 1.16 7.04
C TRP A 90 8.29 1.49 5.68
N LYS A 91 9.42 0.84 5.38
CA LYS A 91 10.17 1.16 4.17
C LYS A 91 9.47 0.69 2.91
N LEU A 92 8.48 -0.20 3.06
CA LEU A 92 7.71 -0.65 1.92
C LEU A 92 6.44 0.19 1.78
N ALA A 93 5.98 0.78 2.89
CA ALA A 93 4.77 1.59 2.88
C ALA A 93 5.07 2.99 2.36
N ASP A 94 6.19 3.54 2.80
CA ASP A 94 6.61 4.83 2.30
C ASP A 94 7.70 4.64 1.25
N VAL A 95 7.37 5.00 0.03
CA VAL A 95 8.30 4.90 -1.09
C VAL A 95 9.38 5.97 -1.04
N ASP A 96 9.09 7.08 -0.35
CA ASP A 96 10.00 8.21 -0.32
C ASP A 96 10.73 8.25 1.02
N LYS A 97 10.08 7.68 2.03
CA LYS A 97 10.70 7.41 3.33
C LYS A 97 11.15 8.71 3.99
N ASP A 98 10.17 9.46 4.43
CA ASP A 98 10.38 10.81 4.93
C ASP A 98 10.37 10.86 6.46
N GLY A 99 9.74 9.86 7.07
CA GLY A 99 9.60 9.87 8.52
C GLY A 99 8.18 10.16 8.97
N LEU A 100 7.28 10.17 8.01
CA LEU A 100 5.86 10.36 8.26
C LEU A 100 5.05 9.59 7.23
N LEU A 101 3.74 9.63 7.35
CA LEU A 101 2.85 9.00 6.39
C LEU A 101 1.56 9.82 6.25
N ASP A 102 1.24 10.27 5.04
CA ASP A 102 -0.01 11.00 4.83
C ASP A 102 -1.19 10.04 4.86
N ASP A 103 -2.39 10.54 4.56
CA ASP A 103 -3.60 9.72 4.61
C ASP A 103 -3.52 8.51 3.68
N GLU A 104 -2.85 8.69 2.55
CA GLU A 104 -2.71 7.61 1.60
C GLU A 104 -1.50 6.74 1.94
N GLU A 105 -0.46 7.37 2.47
CA GLU A 105 0.71 6.64 2.95
C GLU A 105 0.31 5.71 4.11
N PHE A 106 -0.59 6.19 4.98
CA PHE A 106 -1.16 5.37 6.04
C PHE A 106 -1.95 4.24 5.38
N ALA A 107 -2.71 4.58 4.35
CA ALA A 107 -3.47 3.60 3.59
C ALA A 107 -2.59 2.43 3.17
N LEU A 108 -1.41 2.73 2.62
CA LEU A 108 -0.46 1.70 2.21
C LEU A 108 0.07 0.97 3.43
N ALA A 109 0.55 1.73 4.42
CA ALA A 109 1.09 1.16 5.65
C ALA A 109 0.16 0.11 6.30
N ASN A 110 -1.07 0.53 6.59
CA ASN A 110 -2.04 -0.33 7.26
C ASN A 110 -2.43 -1.48 6.34
N HIS A 111 -2.37 -1.23 5.05
CA HIS A 111 -2.70 -2.26 4.08
C HIS A 111 -1.66 -3.36 4.11
N LEU A 112 -0.39 -2.96 4.19
CA LEU A 112 0.70 -3.90 4.30
C LEU A 112 0.61 -4.69 5.61
N ILE A 113 0.13 -4.03 6.64
CA ILE A 113 -0.11 -4.68 7.93
C ILE A 113 -1.17 -5.77 7.76
N LYS A 114 -2.29 -5.46 7.11
CA LYS A 114 -3.30 -6.49 6.89
C LYS A 114 -2.85 -7.49 5.83
N VAL A 115 -1.90 -7.09 4.99
CA VAL A 115 -1.24 -8.02 4.05
C VAL A 115 -0.55 -9.14 4.81
N LYS A 116 0.23 -8.79 5.83
CA LYS A 116 0.89 -9.80 6.63
C LYS A 116 -0.04 -10.33 7.71
N LEU A 117 -1.23 -9.76 7.76
CA LEU A 117 -2.29 -10.25 8.64
C LEU A 117 -3.03 -11.37 7.93
N GLU A 118 -2.90 -11.41 6.60
CA GLU A 118 -3.44 -12.50 5.80
C GLU A 118 -2.67 -13.78 6.09
N GLY A 119 -1.50 -13.62 6.71
CA GLY A 119 -0.72 -14.75 7.15
C GLY A 119 0.60 -14.85 6.42
N HIS A 120 0.68 -14.20 5.27
CA HIS A 120 1.91 -14.21 4.49
C HIS A 120 2.68 -12.92 4.74
N GLU A 121 3.99 -13.03 4.86
CA GLU A 121 4.84 -11.87 5.09
C GLU A 121 4.99 -11.01 3.84
N LEU A 122 5.46 -9.80 4.03
CA LEU A 122 5.69 -8.87 2.93
C LEU A 122 6.91 -9.30 2.13
N PRO A 123 6.85 -9.14 0.80
CA PRO A 123 7.87 -9.63 -0.11
C PRO A 123 8.99 -8.62 -0.37
N ALA A 124 8.89 -7.45 0.26
CA ALA A 124 9.87 -6.38 0.07
C ALA A 124 9.93 -5.93 -1.39
N ASP A 125 8.81 -6.09 -2.08
CA ASP A 125 8.69 -5.67 -3.46
C ASP A 125 7.43 -4.84 -3.63
N LEU A 126 7.58 -3.65 -4.18
CA LEU A 126 6.46 -2.75 -4.36
C LEU A 126 6.03 -2.77 -5.83
N PRO A 127 4.93 -3.46 -6.13
CA PRO A 127 4.43 -3.63 -7.50
C PRO A 127 3.50 -2.49 -7.94
N PRO A 128 3.26 -2.38 -9.26
CA PRO A 128 2.41 -1.32 -9.83
C PRO A 128 1.01 -1.27 -9.24
N HIS A 129 0.52 -2.41 -8.74
CA HIS A 129 -0.80 -2.44 -8.13
C HIS A 129 -0.75 -2.06 -6.66
N LEU A 130 0.28 -1.32 -6.26
CA LEU A 130 0.39 -0.82 -4.90
C LEU A 130 1.14 0.50 -4.86
N VAL A 131 1.32 1.13 -6.00
CA VAL A 131 2.08 2.38 -6.07
C VAL A 131 1.20 3.57 -5.68
N PRO A 132 1.48 4.19 -4.53
CA PRO A 132 0.70 5.32 -4.01
C PRO A 132 0.75 6.54 -4.91
N PRO A 133 -0.42 7.01 -5.39
CA PRO A 133 -0.54 8.28 -6.10
C PRO A 133 -0.17 9.48 -5.21
N SER A 134 0.22 9.21 -3.98
CA SER A 134 0.71 10.24 -3.08
C SER A 134 2.17 10.60 -3.37
N LYS A 135 2.98 9.62 -3.81
CA LYS A 135 4.42 9.83 -3.94
C LYS A 135 4.82 10.41 -5.30
N ARG A 136 3.84 10.67 -6.16
CA ARG A 136 4.13 11.24 -7.47
C ARG A 136 4.38 12.74 -7.39
N ARG A 137 5.49 13.12 -6.78
CA ARG A 137 5.84 14.52 -6.65
C ARG A 137 7.30 14.73 -7.02
N HIS A 138 7.52 15.33 -8.18
CA HIS A 138 8.87 15.55 -8.67
C HIS A 138 9.25 17.02 -8.56
N GLU A 139 10.50 17.25 -8.17
CA GLU A 139 11.05 18.59 -8.14
C GLU A 139 12.57 18.50 -8.04
#